data_6RPO
# 
_entry.id   6RPO 
# 
_audit_conform.dict_name       mmcif_pdbx.dic 
_audit_conform.dict_version    5.392 
_audit_conform.dict_location   http://mmcif.pdb.org/dictionaries/ascii/mmcif_pdbx.dic 
# 
loop_
_database_2.database_id 
_database_2.database_code 
_database_2.pdbx_database_accession 
_database_2.pdbx_DOI 
PDB   6RPO         pdb_00006rpo 10.2210/pdb6rpo/pdb 
WWPDB D_1292102337 ?            ?                   
EMDB  EMD-4979     ?            ?                   
# 
loop_
_pdbx_audit_revision_history.ordinal 
_pdbx_audit_revision_history.data_content_type 
_pdbx_audit_revision_history.major_revision 
_pdbx_audit_revision_history.minor_revision 
_pdbx_audit_revision_history.revision_date 
1 'Structure model' 1 0 2020-11-25 
2 'Structure model' 1 1 2024-05-22 
# 
_pdbx_audit_revision_details.ordinal             1 
_pdbx_audit_revision_details.revision_ordinal    1 
_pdbx_audit_revision_details.data_content_type   'Structure model' 
_pdbx_audit_revision_details.provider            repository 
_pdbx_audit_revision_details.type                'Initial release' 
_pdbx_audit_revision_details.description         ? 
_pdbx_audit_revision_details.details             ? 
# 
loop_
_pdbx_audit_revision_group.ordinal 
_pdbx_audit_revision_group.revision_ordinal 
_pdbx_audit_revision_group.data_content_type 
_pdbx_audit_revision_group.group 
1 2 'Structure model' 'Data collection'      
2 2 'Structure model' 'Database references'  
3 2 'Structure model' 'Derived calculations' 
# 
loop_
_pdbx_audit_revision_category.ordinal 
_pdbx_audit_revision_category.revision_ordinal 
_pdbx_audit_revision_category.data_content_type 
_pdbx_audit_revision_category.category 
1 2 'Structure model' chem_comp_atom        
2 2 'Structure model' chem_comp_bond        
3 2 'Structure model' database_2            
4 2 'Structure model' pdbx_struct_oper_list 
# 
loop_
_pdbx_audit_revision_item.ordinal 
_pdbx_audit_revision_item.revision_ordinal 
_pdbx_audit_revision_item.data_content_type 
_pdbx_audit_revision_item.item 
1 2 'Structure model' '_database_2.pdbx_DOI'                      
2 2 'Structure model' '_database_2.pdbx_database_accession'       
3 2 'Structure model' '_pdbx_struct_oper_list.name'               
4 2 'Structure model' '_pdbx_struct_oper_list.symmetry_operation' 
# 
_pdbx_database_status.status_code                     REL 
_pdbx_database_status.status_code_sf                  ? 
_pdbx_database_status.status_code_mr                  ? 
_pdbx_database_status.entry_id                        6RPO 
_pdbx_database_status.recvd_initial_deposition_date   2019-05-14 
_pdbx_database_status.SG_entry                        N 
_pdbx_database_status.deposit_site                    PDBE 
_pdbx_database_status.process_site                    PDBE 
_pdbx_database_status.status_code_cs                  ? 
_pdbx_database_status.methods_development_category    ? 
_pdbx_database_status.pdb_format_compatible           Y 
_pdbx_database_status.status_code_nmr_data            ? 
# 
_pdbx_database_related.db_name        EMDB 
_pdbx_database_related.details        'bat circovirus without DNA VLP' 
_pdbx_database_related.db_id          EMD-4979 
_pdbx_database_related.content_type   'associated EM volume' 
# 
loop_
_audit_author.name 
_audit_author.pdbx_ordinal 
_audit_author.identifier_ORCID 
'Forwood, J.K.' 1 0000-0003-3267-9997 
'Luque, D.'     2 0000-0002-0151-6020 
'Mata, C.P.'    3 0000-0003-3381-7431 
'Das, S.'       4 0000-0003-0795-2752 
'Raidal, S.'    5 0000-0001-7917-8976 
# 
_citation.abstract                  ? 
_citation.abstract_id_CAS           ? 
_citation.book_id_ISBN              ? 
_citation.book_publisher            ? 
_citation.book_publisher_city       ? 
_citation.book_title                ? 
_citation.coordinate_linkage        ? 
_citation.country                   ? 
_citation.database_id_Medline       ? 
_citation.details                   ? 
_citation.id                        primary 
_citation.journal_abbrev            'To Be Published' 
_citation.journal_id_ASTM           ? 
_citation.journal_id_CSD            0353 
_citation.journal_id_ISSN           ? 
_citation.journal_full              ? 
_citation.journal_issue             ? 
_citation.journal_volume            ? 
_citation.language                  ? 
_citation.page_first                ? 
_citation.page_last                 ? 
_citation.title                     'bat circovirus without DNA VLP' 
_citation.year                      ? 
_citation.database_id_CSD           ? 
_citation.pdbx_database_id_DOI      ? 
_citation.pdbx_database_id_PubMed   ? 
_citation.unpublished_flag          ? 
# 
loop_
_citation_author.citation_id 
_citation_author.name 
_citation_author.ordinal 
_citation_author.identifier_ORCID 
primary 'Forwood, J.K.' 1 0000-0003-3267-9997 
primary 'Luque, D.'     2 0000-0002-0151-6020 
primary 'Mata, C.P.'    3 0000-0003-3381-7431 
primary 'Das, S.'       4 0000-0003-0795-2752 
primary 'Raidal, S.'    5 0000-0001-7917-8976 
# 
_entity.id                         1 
_entity.type                       polymer 
_entity.src_method                 man 
_entity.pdbx_description           'bat circovirus capsid protein' 
_entity.formula_weight             27754.744 
_entity.pdbx_number_of_molecules   1 
_entity.pdbx_ec                    ? 
_entity.pdbx_mutation              ? 
_entity.pdbx_fragment              ? 
_entity.details                    ? 
# 
_entity_poly.entity_id                      1 
_entity_poly.type                           'polypeptide(L)' 
_entity_poly.nstd_linkage                   no 
_entity_poly.nstd_monomer                   no 
_entity_poly.pdbx_seq_one_letter_code       
;MVYRRRRGRGRRARPMSSLGRLLYRKPWLMHPRFRARYRWRRKNGITNLRLTRQVELWVPKDAANASFYVNHYTFDLDDF
IPAGTQLNSSPLPFKYYRIRKVKVEFQPRLPITSPFRGYGSTVPILDGAFVTPATGESDPIWDPYINFSGRHVIRTPAWY
HKRYFTPKPLIDGNTGFFQPNNKQNALWFPNKQGQNIQWSGLGFAMQKGNEAYNYQVRFTLYVQFREFDLFNN
;
_entity_poly.pdbx_seq_one_letter_code_can   
;MVYRRRRGRGRRARPMSSLGRLLYRKPWLMHPRFRARYRWRRKNGITNLRLTRQVELWVPKDAANASFYVNHYTFDLDDF
IPAGTQLNSSPLPFKYYRIRKVKVEFQPRLPITSPFRGYGSTVPILDGAFVTPATGESDPIWDPYINFSGRHVIRTPAWY
HKRYFTPKPLIDGNTGFFQPNNKQNALWFPNKQGQNIQWSGLGFAMQKGNEAYNYQVRFTLYVQFREFDLFNN
;
_entity_poly.pdbx_strand_id                 u 
_entity_poly.pdbx_target_identifier         ? 
# 
loop_
_entity_poly_seq.entity_id 
_entity_poly_seq.num 
_entity_poly_seq.mon_id 
_entity_poly_seq.hetero 
1 1   MET n 
1 2   VAL n 
1 3   TYR n 
1 4   ARG n 
1 5   ARG n 
1 6   ARG n 
1 7   ARG n 
1 8   GLY n 
1 9   ARG n 
1 10  GLY n 
1 11  ARG n 
1 12  ARG n 
1 13  ALA n 
1 14  ARG n 
1 15  PRO n 
1 16  MET n 
1 17  SER n 
1 18  SER n 
1 19  LEU n 
1 20  GLY n 
1 21  ARG n 
1 22  LEU n 
1 23  LEU n 
1 24  TYR n 
1 25  ARG n 
1 26  LYS n 
1 27  PRO n 
1 28  TRP n 
1 29  LEU n 
1 30  MET n 
1 31  HIS n 
1 32  PRO n 
1 33  ARG n 
1 34  PHE n 
1 35  ARG n 
1 36  ALA n 
1 37  ARG n 
1 38  TYR n 
1 39  ARG n 
1 40  TRP n 
1 41  ARG n 
1 42  ARG n 
1 43  LYS n 
1 44  ASN n 
1 45  GLY n 
1 46  ILE n 
1 47  THR n 
1 48  ASN n 
1 49  LEU n 
1 50  ARG n 
1 51  LEU n 
1 52  THR n 
1 53  ARG n 
1 54  GLN n 
1 55  VAL n 
1 56  GLU n 
1 57  LEU n 
1 58  TRP n 
1 59  VAL n 
1 60  PRO n 
1 61  LYS n 
1 62  ASP n 
1 63  ALA n 
1 64  ALA n 
1 65  ASN n 
1 66  ALA n 
1 67  SER n 
1 68  PHE n 
1 69  TYR n 
1 70  VAL n 
1 71  ASN n 
1 72  HIS n 
1 73  TYR n 
1 74  THR n 
1 75  PHE n 
1 76  ASP n 
1 77  LEU n 
1 78  ASP n 
1 79  ASP n 
1 80  PHE n 
1 81  ILE n 
1 82  PRO n 
1 83  ALA n 
1 84  GLY n 
1 85  THR n 
1 86  GLN n 
1 87  LEU n 
1 88  ASN n 
1 89  SER n 
1 90  SER n 
1 91  PRO n 
1 92  LEU n 
1 93  PRO n 
1 94  PHE n 
1 95  LYS n 
1 96  TYR n 
1 97  TYR n 
1 98  ARG n 
1 99  ILE n 
1 100 ARG n 
1 101 LYS n 
1 102 VAL n 
1 103 LYS n 
1 104 VAL n 
1 105 GLU n 
1 106 PHE n 
1 107 GLN n 
1 108 PRO n 
1 109 ARG n 
1 110 LEU n 
1 111 PRO n 
1 112 ILE n 
1 113 THR n 
1 114 SER n 
1 115 PRO n 
1 116 PHE n 
1 117 ARG n 
1 118 GLY n 
1 119 TYR n 
1 120 GLY n 
1 121 SER n 
1 122 THR n 
1 123 VAL n 
1 124 PRO n 
1 125 ILE n 
1 126 LEU n 
1 127 ASP n 
1 128 GLY n 
1 129 ALA n 
1 130 PHE n 
1 131 VAL n 
1 132 THR n 
1 133 PRO n 
1 134 ALA n 
1 135 THR n 
1 136 GLY n 
1 137 GLU n 
1 138 SER n 
1 139 ASP n 
1 140 PRO n 
1 141 ILE n 
1 142 TRP n 
1 143 ASP n 
1 144 PRO n 
1 145 TYR n 
1 146 ILE n 
1 147 ASN n 
1 148 PHE n 
1 149 SER n 
1 150 GLY n 
1 151 ARG n 
1 152 HIS n 
1 153 VAL n 
1 154 ILE n 
1 155 ARG n 
1 156 THR n 
1 157 PRO n 
1 158 ALA n 
1 159 TRP n 
1 160 TYR n 
1 161 HIS n 
1 162 LYS n 
1 163 ARG n 
1 164 TYR n 
1 165 PHE n 
1 166 THR n 
1 167 PRO n 
1 168 LYS n 
1 169 PRO n 
1 170 LEU n 
1 171 ILE n 
1 172 ASP n 
1 173 GLY n 
1 174 ASN n 
1 175 THR n 
1 176 GLY n 
1 177 PHE n 
1 178 PHE n 
1 179 GLN n 
1 180 PRO n 
1 181 ASN n 
1 182 ASN n 
1 183 LYS n 
1 184 GLN n 
1 185 ASN n 
1 186 ALA n 
1 187 LEU n 
1 188 TRP n 
1 189 PHE n 
1 190 PRO n 
1 191 ASN n 
1 192 LYS n 
1 193 GLN n 
1 194 GLY n 
1 195 GLN n 
1 196 ASN n 
1 197 ILE n 
1 198 GLN n 
1 199 TRP n 
1 200 SER n 
1 201 GLY n 
1 202 LEU n 
1 203 GLY n 
1 204 PHE n 
1 205 ALA n 
1 206 MET n 
1 207 GLN n 
1 208 LYS n 
1 209 GLY n 
1 210 ASN n 
1 211 GLU n 
1 212 ALA n 
1 213 TYR n 
1 214 ASN n 
1 215 TYR n 
1 216 GLN n 
1 217 VAL n 
1 218 ARG n 
1 219 PHE n 
1 220 THR n 
1 221 LEU n 
1 222 TYR n 
1 223 VAL n 
1 224 GLN n 
1 225 PHE n 
1 226 ARG n 
1 227 GLU n 
1 228 PHE n 
1 229 ASP n 
1 230 LEU n 
1 231 PHE n 
1 232 ASN n 
1 233 ASN n 
# 
_entity_src_gen.entity_id                          1 
_entity_src_gen.pdbx_src_id                        1 
_entity_src_gen.pdbx_alt_source_flag               sample 
_entity_src_gen.pdbx_seq_type                      'Biological sequence' 
_entity_src_gen.pdbx_beg_seq_num                   1 
_entity_src_gen.pdbx_end_seq_num                   233 
_entity_src_gen.gene_src_common_name               ? 
_entity_src_gen.gene_src_genus                     ? 
_entity_src_gen.pdbx_gene_src_gene                 ? 
_entity_src_gen.gene_src_species                   ? 
_entity_src_gen.gene_src_strain                    ? 
_entity_src_gen.gene_src_tissue                    ? 
_entity_src_gen.gene_src_tissue_fraction           ? 
_entity_src_gen.gene_src_details                   ? 
_entity_src_gen.pdbx_gene_src_fragment             ? 
_entity_src_gen.pdbx_gene_src_scientific_name      'Bat circovirus' 
_entity_src_gen.pdbx_gene_src_ncbi_taxonomy_id     1329650 
_entity_src_gen.pdbx_gene_src_variant              ? 
_entity_src_gen.pdbx_gene_src_cell_line            ? 
_entity_src_gen.pdbx_gene_src_atcc                 ? 
_entity_src_gen.pdbx_gene_src_organ                ? 
_entity_src_gen.pdbx_gene_src_organelle            ? 
_entity_src_gen.pdbx_gene_src_cell                 ? 
_entity_src_gen.pdbx_gene_src_cellular_location    ? 
_entity_src_gen.host_org_common_name               ? 
_entity_src_gen.pdbx_host_org_scientific_name      'Escherichia coli' 
_entity_src_gen.pdbx_host_org_ncbi_taxonomy_id     562 
_entity_src_gen.host_org_genus                     ? 
_entity_src_gen.pdbx_host_org_gene                 ? 
_entity_src_gen.pdbx_host_org_organ                ? 
_entity_src_gen.host_org_species                   ? 
_entity_src_gen.pdbx_host_org_tissue               ? 
_entity_src_gen.pdbx_host_org_tissue_fraction      ? 
_entity_src_gen.pdbx_host_org_strain               ? 
_entity_src_gen.pdbx_host_org_variant              ? 
_entity_src_gen.pdbx_host_org_cell_line            ? 
_entity_src_gen.pdbx_host_org_atcc                 ? 
_entity_src_gen.pdbx_host_org_culture_collection   ? 
_entity_src_gen.pdbx_host_org_cell                 ? 
_entity_src_gen.pdbx_host_org_organelle            ? 
_entity_src_gen.pdbx_host_org_cellular_location    ? 
_entity_src_gen.pdbx_host_org_vector_type          ? 
_entity_src_gen.pdbx_host_org_vector               ? 
_entity_src_gen.host_org_details                   ? 
_entity_src_gen.expression_system_id               ? 
_entity_src_gen.plasmid_name                       ? 
_entity_src_gen.plasmid_details                    ? 
_entity_src_gen.pdbx_description                   ? 
# 
loop_
_chem_comp.id 
_chem_comp.type 
_chem_comp.mon_nstd_flag 
_chem_comp.name 
_chem_comp.pdbx_synonyms 
_chem_comp.formula 
_chem_comp.formula_weight 
ALA 'L-peptide linking' y ALANINE         ? 'C3 H7 N O2'     89.093  
ARG 'L-peptide linking' y ARGININE        ? 'C6 H15 N4 O2 1' 175.209 
ASN 'L-peptide linking' y ASPARAGINE      ? 'C4 H8 N2 O3'    132.118 
ASP 'L-peptide linking' y 'ASPARTIC ACID' ? 'C4 H7 N O4'     133.103 
GLN 'L-peptide linking' y GLUTAMINE       ? 'C5 H10 N2 O3'   146.144 
GLU 'L-peptide linking' y 'GLUTAMIC ACID' ? 'C5 H9 N O4'     147.129 
GLY 'peptide linking'   y GLYCINE         ? 'C2 H5 N O2'     75.067  
HIS 'L-peptide linking' y HISTIDINE       ? 'C6 H10 N3 O2 1' 156.162 
ILE 'L-peptide linking' y ISOLEUCINE      ? 'C6 H13 N O2'    131.173 
LEU 'L-peptide linking' y LEUCINE         ? 'C6 H13 N O2'    131.173 
LYS 'L-peptide linking' y LYSINE          ? 'C6 H15 N2 O2 1' 147.195 
MET 'L-peptide linking' y METHIONINE      ? 'C5 H11 N O2 S'  149.211 
PHE 'L-peptide linking' y PHENYLALANINE   ? 'C9 H11 N O2'    165.189 
PRO 'L-peptide linking' y PROLINE         ? 'C5 H9 N O2'     115.130 
SER 'L-peptide linking' y SERINE          ? 'C3 H7 N O3'     105.093 
THR 'L-peptide linking' y THREONINE       ? 'C4 H9 N O3'     119.119 
TRP 'L-peptide linking' y TRYPTOPHAN      ? 'C11 H12 N2 O2'  204.225 
TYR 'L-peptide linking' y TYROSINE        ? 'C9 H11 N O3'    181.189 
VAL 'L-peptide linking' y VALINE          ? 'C5 H11 N O2'    117.146 
# 
loop_
_pdbx_poly_seq_scheme.asym_id 
_pdbx_poly_seq_scheme.entity_id 
_pdbx_poly_seq_scheme.seq_id 
_pdbx_poly_seq_scheme.mon_id 
_pdbx_poly_seq_scheme.ndb_seq_num 
_pdbx_poly_seq_scheme.pdb_seq_num 
_pdbx_poly_seq_scheme.auth_seq_num 
_pdbx_poly_seq_scheme.pdb_mon_id 
_pdbx_poly_seq_scheme.auth_mon_id 
_pdbx_poly_seq_scheme.pdb_strand_id 
_pdbx_poly_seq_scheme.pdb_ins_code 
_pdbx_poly_seq_scheme.hetero 
A 1 1   MET 1   -2  ?   ?   ?   u . n 
A 1 2   VAL 2   -1  ?   ?   ?   u . n 
A 1 3   TYR 3   0   ?   ?   ?   u . n 
A 1 4   ARG 4   1   ?   ?   ?   u . n 
A 1 5   ARG 5   2   ?   ?   ?   u . n 
A 1 6   ARG 6   3   ?   ?   ?   u . n 
A 1 7   ARG 7   4   ?   ?   ?   u . n 
A 1 8   GLY 8   5   ?   ?   ?   u . n 
A 1 9   ARG 9   6   ?   ?   ?   u . n 
A 1 10  GLY 10  7   ?   ?   ?   u . n 
A 1 11  ARG 11  8   ?   ?   ?   u . n 
A 1 12  ARG 12  9   ?   ?   ?   u . n 
A 1 13  ALA 13  10  ?   ?   ?   u . n 
A 1 14  ARG 14  11  ?   ?   ?   u . n 
A 1 15  PRO 15  12  ?   ?   ?   u . n 
A 1 16  MET 16  13  ?   ?   ?   u . n 
A 1 17  SER 17  14  ?   ?   ?   u . n 
A 1 18  SER 18  15  ?   ?   ?   u . n 
A 1 19  LEU 19  16  ?   ?   ?   u . n 
A 1 20  GLY 20  17  ?   ?   ?   u . n 
A 1 21  ARG 21  18  ?   ?   ?   u . n 
A 1 22  LEU 22  19  ?   ?   ?   u . n 
A 1 23  LEU 23  20  ?   ?   ?   u . n 
A 1 24  TYR 24  21  ?   ?   ?   u . n 
A 1 25  ARG 25  22  ?   ?   ?   u . n 
A 1 26  LYS 26  23  ?   ?   ?   u . n 
A 1 27  PRO 27  24  ?   ?   ?   u . n 
A 1 28  TRP 28  25  ?   ?   ?   u . n 
A 1 29  LEU 29  26  ?   ?   ?   u . n 
A 1 30  MET 30  27  ?   ?   ?   u . n 
A 1 31  HIS 31  28  ?   ?   ?   u . n 
A 1 32  PRO 32  29  ?   ?   ?   u . n 
A 1 33  ARG 33  30  30  ARG ARG u . n 
A 1 34  PHE 34  31  31  PHE PHE u . n 
A 1 35  ARG 35  32  32  ARG ARG u . n 
A 1 36  ALA 36  33  33  ALA ALA u . n 
A 1 37  ARG 37  34  34  ARG ARG u . n 
A 1 38  TYR 38  35  35  TYR TYR u . n 
A 1 39  ARG 39  36  36  ARG ARG u . n 
A 1 40  TRP 40  37  37  TRP TRP u . n 
A 1 41  ARG 41  38  38  ARG ARG u . n 
A 1 42  ARG 42  39  39  ARG ARG u . n 
A 1 43  LYS 43  40  40  LYS LYS u . n 
A 1 44  ASN 44  41  41  ASN ASN u . n 
A 1 45  GLY 45  42  42  GLY GLY u . n 
A 1 46  ILE 46  43  43  ILE ILE u . n 
A 1 47  THR 47  44  44  THR THR u . n 
A 1 48  ASN 48  45  45  ASN ASN u . n 
A 1 49  LEU 49  46  46  LEU LEU u . n 
A 1 50  ARG 50  47  47  ARG ARG u . n 
A 1 51  LEU 51  48  48  LEU LEU u . n 
A 1 52  THR 52  49  49  THR THR u . n 
A 1 53  ARG 53  50  50  ARG ARG u . n 
A 1 54  GLN 54  51  51  GLN GLN u . n 
A 1 55  VAL 55  52  52  VAL VAL u . n 
A 1 56  GLU 56  53  53  GLU GLU u . n 
A 1 57  LEU 57  54  54  LEU LEU u . n 
A 1 58  TRP 58  55  55  TRP TRP u . n 
A 1 59  VAL 59  56  56  VAL VAL u . n 
A 1 60  PRO 60  57  57  PRO PRO u . n 
A 1 61  LYS 61  58  58  LYS LYS u . n 
A 1 62  ASP 62  59  59  ASP ASP u . n 
A 1 63  ALA 63  60  60  ALA ALA u . n 
A 1 64  ALA 64  61  61  ALA ALA u . n 
A 1 65  ASN 65  62  62  ASN ASN u . n 
A 1 66  ALA 66  63  63  ALA ALA u . n 
A 1 67  SER 67  64  64  SER SER u . n 
A 1 68  PHE 68  65  65  PHE PHE u . n 
A 1 69  TYR 69  66  66  TYR TYR u . n 
A 1 70  VAL 70  67  67  VAL VAL u . n 
A 1 71  ASN 71  68  68  ASN ASN u . n 
A 1 72  HIS 72  69  69  HIS HIS u . n 
A 1 73  TYR 73  70  70  TYR TYR u . n 
A 1 74  THR 74  71  71  THR THR u . n 
A 1 75  PHE 75  72  72  PHE PHE u . n 
A 1 76  ASP 76  73  73  ASP ASP u . n 
A 1 77  LEU 77  74  74  LEU LEU u . n 
A 1 78  ASP 78  75  75  ASP ASP u . n 
A 1 79  ASP 79  76  76  ASP ASP u . n 
A 1 80  PHE 80  77  77  PHE PHE u . n 
A 1 81  ILE 81  78  78  ILE ILE u . n 
A 1 82  PRO 82  79  79  PRO PRO u . n 
A 1 83  ALA 83  80  80  ALA ALA u . n 
A 1 84  GLY 84  81  81  GLY GLY u . n 
A 1 85  THR 85  82  82  THR THR u . n 
A 1 86  GLN 86  83  83  GLN GLN u . n 
A 1 87  LEU 87  84  84  LEU LEU u . n 
A 1 88  ASN 88  85  85  ASN ASN u . n 
A 1 89  SER 89  86  86  SER SER u . n 
A 1 90  SER 90  87  87  SER SER u . n 
A 1 91  PRO 91  88  88  PRO PRO u . n 
A 1 92  LEU 92  89  89  LEU LEU u . n 
A 1 93  PRO 93  90  90  PRO PRO u . n 
A 1 94  PHE 94  91  91  PHE PHE u . n 
A 1 95  LYS 95  92  92  LYS LYS u . n 
A 1 96  TYR 96  93  93  TYR TYR u . n 
A 1 97  TYR 97  94  94  TYR TYR u . n 
A 1 98  ARG 98  95  95  ARG ARG u . n 
A 1 99  ILE 99  96  96  ILE ILE u . n 
A 1 100 ARG 100 97  97  ARG ARG u . n 
A 1 101 LYS 101 98  98  LYS LYS u . n 
A 1 102 VAL 102 99  99  VAL VAL u . n 
A 1 103 LYS 103 100 100 LYS LYS u . n 
A 1 104 VAL 104 101 101 VAL VAL u . n 
A 1 105 GLU 105 102 102 GLU GLU u . n 
A 1 106 PHE 106 103 103 PHE PHE u . n 
A 1 107 GLN 107 104 104 GLN GLN u . n 
A 1 108 PRO 108 105 105 PRO PRO u . n 
A 1 109 ARG 109 106 106 ARG ARG u . n 
A 1 110 LEU 110 107 107 LEU LEU u . n 
A 1 111 PRO 111 108 108 PRO PRO u . n 
A 1 112 ILE 112 109 109 ILE ILE u . n 
A 1 113 THR 113 110 110 THR THR u . n 
A 1 114 SER 114 111 111 SER SER u . n 
A 1 115 PRO 115 112 112 PRO PRO u . n 
A 1 116 PHE 116 113 113 PHE PHE u . n 
A 1 117 ARG 117 114 114 ARG ARG u . n 
A 1 118 GLY 118 115 115 GLY GLY u . n 
A 1 119 TYR 119 116 116 TYR TYR u . n 
A 1 120 GLY 120 117 117 GLY GLY u . n 
A 1 121 SER 121 118 118 SER SER u . n 
A 1 122 THR 122 119 119 THR THR u . n 
A 1 123 VAL 123 120 120 VAL VAL u . n 
A 1 124 PRO 124 121 121 PRO PRO u . n 
A 1 125 ILE 125 122 122 ILE ILE u . n 
A 1 126 LEU 126 123 123 LEU LEU u . n 
A 1 127 ASP 127 124 124 ASP ASP u . n 
A 1 128 GLY 128 125 125 GLY GLY u . n 
A 1 129 ALA 129 126 126 ALA ALA u . n 
A 1 130 PHE 130 127 127 PHE PHE u . n 
A 1 131 VAL 131 128 128 VAL VAL u . n 
A 1 132 THR 132 129 129 THR THR u . n 
A 1 133 PRO 133 130 130 PRO PRO u . n 
A 1 134 ALA 134 131 131 ALA ALA u . n 
A 1 135 THR 135 132 132 THR THR u . n 
A 1 136 GLY 136 133 133 GLY GLY u . n 
A 1 137 GLU 137 134 134 GLU GLU u . n 
A 1 138 SER 138 135 135 SER SER u . n 
A 1 139 ASP 139 136 136 ASP ASP u . n 
A 1 140 PRO 140 137 137 PRO PRO u . n 
A 1 141 ILE 141 138 138 ILE ILE u . n 
A 1 142 TRP 142 139 139 TRP TRP u . n 
A 1 143 ASP 143 140 140 ASP ASP u . n 
A 1 144 PRO 144 141 141 PRO PRO u . n 
A 1 145 TYR 145 142 142 TYR TYR u . n 
A 1 146 ILE 146 143 143 ILE ILE u . n 
A 1 147 ASN 147 144 144 ASN ASN u . n 
A 1 148 PHE 148 145 145 PHE PHE u . n 
A 1 149 SER 149 146 146 SER SER u . n 
A 1 150 GLY 150 147 147 GLY GLY u . n 
A 1 151 ARG 151 148 148 ARG ARG u . n 
A 1 152 HIS 152 149 149 HIS HIS u . n 
A 1 153 VAL 153 150 150 VAL VAL u . n 
A 1 154 ILE 154 151 151 ILE ILE u . n 
A 1 155 ARG 155 152 152 ARG ARG u . n 
A 1 156 THR 156 153 153 THR THR u . n 
A 1 157 PRO 157 154 154 PRO PRO u . n 
A 1 158 ALA 158 155 155 ALA ALA u . n 
A 1 159 TRP 159 156 156 TRP TRP u . n 
A 1 160 TYR 160 157 157 TYR TYR u . n 
A 1 161 HIS 161 158 158 HIS HIS u . n 
A 1 162 LYS 162 159 159 LYS LYS u . n 
A 1 163 ARG 163 160 160 ARG ARG u . n 
A 1 164 TYR 164 161 161 TYR TYR u . n 
A 1 165 PHE 165 162 162 PHE PHE u . n 
A 1 166 THR 166 163 163 THR THR u . n 
A 1 167 PRO 167 164 164 PRO PRO u . n 
A 1 168 LYS 168 165 165 LYS LYS u . n 
A 1 169 PRO 169 166 166 PRO PRO u . n 
A 1 170 LEU 170 167 167 LEU LEU u . n 
A 1 171 ILE 171 168 168 ILE ILE u . n 
A 1 172 ASP 172 169 169 ASP ASP u . n 
A 1 173 GLY 173 170 170 GLY GLY u . n 
A 1 174 ASN 174 171 171 ASN ASN u . n 
A 1 175 THR 175 172 172 THR THR u . n 
A 1 176 GLY 176 173 173 GLY GLY u . n 
A 1 177 PHE 177 174 174 PHE PHE u . n 
A 1 178 PHE 178 175 175 PHE PHE u . n 
A 1 179 GLN 179 176 176 GLN GLN u . n 
A 1 180 PRO 180 177 177 PRO PRO u . n 
A 1 181 ASN 181 178 178 ASN ASN u . n 
A 1 182 ASN 182 179 179 ASN ASN u . n 
A 1 183 LYS 183 180 180 LYS LYS u . n 
A 1 184 GLN 184 181 181 GLN GLN u . n 
A 1 185 ASN 185 182 182 ASN ASN u . n 
A 1 186 ALA 186 183 183 ALA ALA u . n 
A 1 187 LEU 187 184 184 LEU LEU u . n 
A 1 188 TRP 188 185 185 TRP TRP u . n 
A 1 189 PHE 189 186 186 PHE PHE u . n 
A 1 190 PRO 190 187 187 PRO PRO u . n 
A 1 191 ASN 191 188 188 ASN ASN u . n 
A 1 192 LYS 192 189 189 LYS LYS u . n 
A 1 193 GLN 193 190 190 GLN GLN u . n 
A 1 194 GLY 194 191 191 GLY GLY u . n 
A 1 195 GLN 195 192 192 GLN GLN u . n 
A 1 196 ASN 196 193 193 ASN ASN u . n 
A 1 197 ILE 197 194 194 ILE ILE u . n 
A 1 198 GLN 198 195 195 GLN GLN u . n 
A 1 199 TRP 199 196 196 TRP TRP u . n 
A 1 200 SER 200 197 197 SER SER u . n 
A 1 201 GLY 201 198 198 GLY GLY u . n 
A 1 202 LEU 202 199 199 LEU LEU u . n 
A 1 203 GLY 203 200 200 GLY GLY u . n 
A 1 204 PHE 204 201 201 PHE PHE u . n 
A 1 205 ALA 205 202 202 ALA ALA u . n 
A 1 206 MET 206 203 203 MET MET u . n 
A 1 207 GLN 207 204 204 GLN GLN u . n 
A 1 208 LYS 208 205 205 LYS LYS u . n 
A 1 209 GLY 209 206 206 GLY GLY u . n 
A 1 210 ASN 210 207 207 ASN ASN u . n 
A 1 211 GLU 211 208 208 GLU GLU u . n 
A 1 212 ALA 212 209 209 ALA ALA u . n 
A 1 213 TYR 213 210 210 TYR TYR u . n 
A 1 214 ASN 214 211 211 ASN ASN u . n 
A 1 215 TYR 215 212 212 TYR TYR u . n 
A 1 216 GLN 216 213 213 GLN GLN u . n 
A 1 217 VAL 217 214 214 VAL VAL u . n 
A 1 218 ARG 218 215 215 ARG ARG u . n 
A 1 219 PHE 219 216 216 PHE PHE u . n 
A 1 220 THR 220 217 217 THR THR u . n 
A 1 221 LEU 221 218 218 LEU LEU u . n 
A 1 222 TYR 222 219 219 TYR TYR u . n 
A 1 223 VAL 223 220 220 VAL VAL u . n 
A 1 224 GLN 224 221 221 GLN GLN u . n 
A 1 225 PHE 225 222 222 PHE PHE u . n 
A 1 226 ARG 226 223 223 ARG ARG u . n 
A 1 227 GLU 227 224 224 GLU GLU u . n 
A 1 228 PHE 228 225 225 PHE PHE u . n 
A 1 229 ASP 229 226 226 ASP ASP u . n 
A 1 230 LEU 230 227 227 LEU LEU u . n 
A 1 231 PHE 231 228 228 PHE PHE u . n 
A 1 232 ASN 232 229 229 ASN ASN u . n 
A 1 233 ASN 233 230 230 ASN ASN u . n 
# 
_software.citation_id            ? 
_software.classification         refinement 
_software.compiler_name          ? 
_software.compiler_version       ? 
_software.contact_author         ? 
_software.contact_author_email   ? 
_software.date                   ? 
_software.description            ? 
_software.dependencies           ? 
_software.hardware               ? 
_software.language               ? 
_software.location               ? 
_software.mods                   ? 
_software.name                   PHENIX 
_software.os                     ? 
_software.os_version             ? 
_software.type                   ? 
_software.version                dev_3311: 
_software.pdbx_ordinal           1 
# 
_cell.angle_alpha                  90.00 
_cell.angle_alpha_esd              ? 
_cell.angle_beta                   90.00 
_cell.angle_beta_esd               ? 
_cell.angle_gamma                  90.00 
_cell.angle_gamma_esd              ? 
_cell.entry_id                     6RPO 
_cell.details                      ? 
_cell.formula_units_Z              ? 
_cell.length_a                     1.00 
_cell.length_a_esd                 ? 
_cell.length_b                     1.00 
_cell.length_b_esd                 ? 
_cell.length_c                     1.00 
_cell.length_c_esd                 ? 
_cell.volume                       ? 
_cell.volume_esd                   ? 
_cell.Z_PDB                        1 
_cell.reciprocal_angle_alpha       ? 
_cell.reciprocal_angle_beta        ? 
_cell.reciprocal_angle_gamma       ? 
_cell.reciprocal_angle_alpha_esd   ? 
_cell.reciprocal_angle_beta_esd    ? 
_cell.reciprocal_angle_gamma_esd   ? 
_cell.reciprocal_length_a          ? 
_cell.reciprocal_length_b          ? 
_cell.reciprocal_length_c          ? 
_cell.reciprocal_length_a_esd      ? 
_cell.reciprocal_length_b_esd      ? 
_cell.reciprocal_length_c_esd      ? 
_cell.pdbx_unique_axis             ? 
# 
_symmetry.entry_id                         6RPO 
_symmetry.cell_setting                     ? 
_symmetry.Int_Tables_number                1 
_symmetry.space_group_name_Hall            ? 
_symmetry.space_group_name_H-M             'P 1' 
_symmetry.pdbx_full_space_group_name_H-M   ? 
# 
_exptl.absorpt_coefficient_mu     ? 
_exptl.absorpt_correction_T_max   ? 
_exptl.absorpt_correction_T_min   ? 
_exptl.absorpt_correction_type    ? 
_exptl.absorpt_process_details    ? 
_exptl.entry_id                   6RPO 
_exptl.crystals_number            ? 
_exptl.details                    ? 
_exptl.method                     'ELECTRON MICROSCOPY' 
_exptl.method_details             ? 
# 
_struct.entry_id                     6RPO 
_struct.title                        'bat circovirus without DNA VLP' 
_struct.pdbx_model_details           ? 
_struct.pdbx_formula_weight          ? 
_struct.pdbx_formula_weight_method   ? 
_struct.pdbx_model_type_details      ? 
_struct.pdbx_CASP_flag               N 
# 
_struct_keywords.entry_id        6RPO 
_struct_keywords.text            'bat circovirus without DNA VLP, VIRUS LIKE PARTICLE' 
_struct_keywords.pdbx_keywords   'VIRUS LIKE PARTICLE' 
# 
_struct_asym.id                            A 
_struct_asym.pdbx_blank_PDB_chainid_flag   N 
_struct_asym.pdbx_modified                 N 
_struct_asym.entity_id                     1 
_struct_asym.details                       ? 
# 
_struct_ref.id                         1 
_struct_ref.db_name                    PDB 
_struct_ref.db_code                    6RPO 
_struct_ref.pdbx_db_accession          6RPO 
_struct_ref.pdbx_db_isoform            ? 
_struct_ref.entity_id                  1 
_struct_ref.pdbx_seq_one_letter_code   ? 
_struct_ref.pdbx_align_begin           1 
# 
_struct_ref_seq.align_id                      1 
_struct_ref_seq.ref_id                        1 
_struct_ref_seq.pdbx_PDB_id_code              6RPO 
_struct_ref_seq.pdbx_strand_id                u 
_struct_ref_seq.seq_align_beg                 1 
_struct_ref_seq.pdbx_seq_align_beg_ins_code   ? 
_struct_ref_seq.seq_align_end                 233 
_struct_ref_seq.pdbx_seq_align_end_ins_code   ? 
_struct_ref_seq.pdbx_db_accession             6RPO 
_struct_ref_seq.db_align_beg                  -2 
_struct_ref_seq.pdbx_db_align_beg_ins_code    ? 
_struct_ref_seq.db_align_end                  230 
_struct_ref_seq.pdbx_db_align_end_ins_code    ? 
_struct_ref_seq.pdbx_auth_seq_align_beg       -2 
_struct_ref_seq.pdbx_auth_seq_align_end       230 
# 
_pdbx_struct_assembly.id                   1 
_pdbx_struct_assembly.details              author_and_software_defined_assembly 
_pdbx_struct_assembly.method_details       PISA 
_pdbx_struct_assembly.oligomeric_details   60-meric 
_pdbx_struct_assembly.oligomeric_count     60 
# 
_pdbx_struct_assembly_gen.assembly_id       1 
_pdbx_struct_assembly_gen.oper_expression   '(1-60)' 
_pdbx_struct_assembly_gen.asym_id_list      A 
# 
_pdbx_struct_assembly_auth_evidence.id                     1 
_pdbx_struct_assembly_auth_evidence.assembly_id            1 
_pdbx_struct_assembly_auth_evidence.experimental_support   microscopy 
_pdbx_struct_assembly_auth_evidence.details                ? 
# 
loop_
_pdbx_struct_oper_list.id 
_pdbx_struct_oper_list.type 
_pdbx_struct_oper_list.name 
_pdbx_struct_oper_list.symmetry_operation 
_pdbx_struct_oper_list.matrix[1][1] 
_pdbx_struct_oper_list.matrix[1][2] 
_pdbx_struct_oper_list.matrix[1][3] 
_pdbx_struct_oper_list.vector[1] 
_pdbx_struct_oper_list.matrix[2][1] 
_pdbx_struct_oper_list.matrix[2][2] 
_pdbx_struct_oper_list.matrix[2][3] 
_pdbx_struct_oper_list.vector[2] 
_pdbx_struct_oper_list.matrix[3][1] 
_pdbx_struct_oper_list.matrix[3][2] 
_pdbx_struct_oper_list.matrix[3][3] 
_pdbx_struct_oper_list.vector[3] 
1  'identity operation'       1_555 x,y,z 1.000000    0.000000    0.000000    0.00000   0.000000    1.000000    0.000000    0.00000   0.000000    0.000000    1.000000    0.00000    
2  'point symmetry operation' ?     ?     0.34456398  0.47163823  -0.81168532 3.43315   -0.70714183 0.69907786  0.10602169  58.79956  0.61743512  0.53744538  0.57439217  -70.03046  
3  'point symmetry operation' ?     ?     -0.71595380 0.05598487  -0.69589931 89.19091  -0.67254128 0.21217559  0.70899207  90.05256  0.18734568  0.97562658  -0.11425579 -76.53410  
4  'point symmetry operation' ?     ?     -0.71595380 -0.67254128 0.18734568  138.75897 0.05598487  0.21217559  0.97562658  50.56841  -0.69589931 0.70899207  -0.11425579 -10.52312  
5  'point symmetry operation' ?     ?     0.34456398  -0.70714183 0.61743512  83.63595  0.47163823  0.69907786  0.53744538  -5.08713  -0.81168532 0.10602169  0.57439217  36.77756   
6  'point symmetry operation' ?     ?     -0.58332252 -0.80206776 -0.12814894 120.73031 -0.80206776 0.54391039  0.24667551  74.02176  -0.12814894 0.24667551  -0.96058787 -70.73695  
7  'point symmetry operation' ?     ?     0.28706008  -0.90469806 0.31483000  80.54077  -0.50867931 0.13452450  0.85038140  85.97503  -0.81169075 -0.40425806 -0.42158457 10.59791   
8  'point symmetry operation' ?     ?     0.93304750  -0.32786195 -0.14808419 6.28275   0.25465487  0.31116404  0.91560245  32.58603  -0.25411273 -0.89201092 0.37382246  13.56482   
9  'point symmetry operation' ?     ?     0.46190708  0.13127269  -0.87715982 0.57831   0.43303289  0.82971917  0.35220538  -12.36345 0.77403126  -0.54252521 0.32640776  -65.93640  
10 'point symmetry operation' ?     ?     -0.47526114 -0.16180263 -0.86483916 71.31079  -0.22005761 0.97356432  -0.06121420 13.24524  0.85188116  0.16122172  -0.49830318 -118.03776 
11 'point symmetry operation' ?     ?     -0.81136199 0.00460664  0.58452588  145.11894 0.00460664  -0.99988751 0.01427445  44.84615  0.58452588  0.01427445  0.81124950  -47.18617  
12 'point symmetry operation' ?     ?     0.07808314  -0.06529820 0.99480611  101.66966 0.71746310  -0.68915481 -0.10154978 -14.93063 0.69220642  0.72166599  -0.00696232 -101.15225 
13 'point symmetry operation' ?     ?     0.68730794  0.52583240  0.50110686  28.43150  0.67184172  -0.19796730 -0.71374901 -45.87789 -0.27610959 0.82722986  -0.48934064 -55.85458  
14 'point symmetry operation' ?     ?     0.17438444  0.96107605  -0.21429626 26.61710  -0.06921030 -0.20512942 -0.97628473 -5.22757  -0.98224234 0.18508038  0.03074498  26.10700   
15 'point symmetry operation' ?     ?     -0.75184452 0.63894082  -0.16274048 98.73391  -0.48158425 -0.70074337 -0.52634148 50.84297  -0.45034037 -0.31735371 0.83455389  31.46437   
16 'point symmetry operation' ?     ?     0.39468451  0.79746112  -0.45637694 6.15637   0.79746112  -0.54402288 -0.26094996 -29.62085 -0.45637694 -0.26094996 -0.85066163 -32.94488  
17 'point symmetry operation' ?     ?     -0.70970719 0.49835803  -0.49795079 86.36203  0.49835803  -0.14444754 -0.85485331 -40.59691 -0.49795079 -0.85485331 -0.14584527 9.71679    
18 'point symmetry operation' ?     ?     -0.90440163 -0.25395532 0.34287664  148.10045 -0.25395532 -0.32537234 -0.91084551 12.48635  0.34287664  -0.91084551 0.22977397  -32.04414  
19 'point symmetry operation' ?     ?     0.07966228  -0.41980746 0.90411040  106.05123 -0.41980746 -0.83676534 -0.35154724 56.26966  0.90411040  -0.35154724 -0.24289695 -100.51548 
20 'point symmetry operation' ?     ?     0.88254168  0.23000363  0.41014453  18.32497  0.23000363  -0.97189881 0.05011030  30.24598  0.41014453  0.05011030  -0.91064287 -101.07217 
21 'point symmetry operation' ?     ?     -0.26487840 0.87691886  -0.40106453 51.32095  0.05815399  0.42969045  0.90110168  42.75691  0.96252665  0.21535886  -0.16481205 -114.19142 
22 'point symmetry operation' ?     ?     -0.95900487 0.27255750  0.07760200  130.06076 0.27255750  0.81210765  0.51593950  5.11761   0.07760200  0.51593950  -0.85310278 -86.68204  
23 'point symmetry operation' ?     ?     -0.47526114 -0.22005761 0.85188116  137.36010 -0.16180263 0.97356432  0.16122172  17.67343  -0.86483916 -0.06121420 -0.49830318 3.66457    
24 'point symmetry operation' ?     ?     0.51783542  0.07985086  0.85174546  63.13154  -0.64465546 0.69093281  0.32715624  63.07266  -0.56237518 -0.71849545 0.40926577  31.99248   
25 'point symmetry operation' ?     ?     0.64785910  0.75781961  0.07738244  9.95642   -0.50871478 0.35480027  0.78442721  78.57510  0.56699900  -0.54756389 0.61537463  -40.84653  
26 'point symmetry operation' ?     ?     -0.49744281 0.59048289  0.63551601  112.62326 -0.49403861 0.40934937  -0.76704560 17.84312  -0.71307538 -0.69553077 0.08809345  29.61426   
27 'point symmetry operation' ?     ?     -0.19656612 0.51973561  0.83140644  101.13011 -0.93329685 -0.35908553 0.00381882  93.93312  0.30053080  -0.77519835 0.55565165  -19.89996  
28 'point symmetry operation' ?     ?     0.07808314  0.71746310  0.69220642  72.79172  -0.06529820 -0.68915481 0.72166599  69.34747  0.99480611  -0.10154978 -0.00696232 -103.36205 
29 'point symmetry operation' ?     ?     -0.05305097 0.91041270  0.41028566  66.77078  0.91041270  -0.12471394 0.39445553  -21.93731 0.41028566  0.39445553  -0.82223508 -105.43024 
30 'point symmetry operation' ?     ?     -0.40874558 0.83193462  0.37524906  91.38802  0.64543655  0.55419897  -0.52561884 -53.76875 -0.64524314 0.02735508  -0.76348739 -23.24635  
31 'point symmetry operation' ?     ?     -0.01548068 -0.88376539 -0.46767414 71.13321  0.48151274  -0.41651149 0.77114439  27.94658  -0.87630237 -0.21325322 0.43199217  42.92429   
32 'point symmetry operation' ?     ?     0.33085494  -0.87647139 -0.34976122 51.86648  0.93657626  0.35037385  0.00794323  -48.89460 0.11558517  -0.33020611 0.93680522  -2.87599   
33 'point symmetry operation' ?     ?     0.51783542  -0.64465546 -0.56237518 25.96016  0.07985086  0.69093281  -0.71849545 -25.63363 0.85174546  0.32715624  0.40926577  -87.50004  
34 'point symmetry operation' ?     ?     0.28706008  -0.50867931 -0.81169075 29.21591  -0.90469806 0.13452450  -0.40425806 65.58362  0.31483000  0.85038140  -0.42158457 -94.00030  
35 'point symmetry operation' ?     ?     -0.04254740 -0.65645738 -0.75316230 57.13438  -0.65645738 -0.54991372 0.51638999  98.69801  -0.75316230 0.51638999  -0.40753889 -13.39362  
36 'point symmetry operation' ?     ?     0.77780189  -0.58363637 0.23322266  36.92820  -0.04562812 -0.42252833 -0.90520048 0.70044   0.62685110  0.69342513  -0.35527356 -109.21514 
37 'point symmetry operation' ?     ?     0.82471605  0.08417828  -0.55924722 -11.05174 -0.27583690 -0.80339597 -0.52770155 39.09092  -0.49371797 0.58946496  -0.63935408 -41.41001  
38 'point symmetry operation' ?     ?     -0.12065741 0.14724997  -0.98171240 35.89362  0.14724997  -0.97534231 -0.16439226 27.85978  -0.98171240 -0.16439226 0.09599973  36.32952   
39 'point symmetry operation' ?     ?     -0.75184452 -0.48158425 -0.45034037 112.88739 0.63894082  -0.70074337 -0.31735371 -17.47192 -0.16274048 -0.52634148 0.83455389  16.57006   
40 'point symmetry operation' ?     ?     -0.19656612 -0.93329685 0.30053080  113.52679 0.51973561  -0.35908553 -0.77519835 -34.25731 0.83140644  0.00381882  0.55565165  -73.38150  
41 'point symmetry operation' ?     ?     -0.26487840 0.05815399  0.96252665  121.01961 0.87691886  0.42969045  0.21535886  -38.78441 -0.40106453 0.90110168  -0.16481205 -36.76543  
42 'point symmetry operation' ?     ?     0.46190708  0.43303289  0.77403126  56.12348  0.13127269  0.82971917  -0.54252521 -25.58988 -0.87715982 0.35220538  0.32640776  26.38390   
43 'point symmetry operation' ?     ?     0.33085494  0.93657626  0.11558517  28.96566  -0.87647139 0.35037385  -0.33020611 61.64121  -0.34976122 0.00794323  0.93680522  21.22351   
44 'point symmetry operation' ?     ?     -0.47692520 0.87290427  -0.10286148 77.07733  -0.75364530 -0.34590657 0.55889838  102.35846 0.45228433  0.34407379  0.82283176  -45.11512  
45 'point symmetry operation' ?     ?     -0.84510865 0.33000947  0.42057714  133.96979 0.33000947  -0.29688621 0.89607608  40.29201  0.42057714  0.89607608  0.14199486  -80.95425  
46 'point symmetry operation' ?     ?     -0.01548068 0.48151274  -0.87630237 25.25922  -0.88376539 -0.41651149 -0.21325322 83.65888  -0.46767414 0.77114439  0.43199217  -6.82664   
47 'point symmetry operation' ?     ?     -0.88689172 -0.14165104 -0.43972498 114.88666 -0.14165104 -0.82260346 0.55068916  71.06831  -0.43972498 0.55068916  0.70949518  6.65810    
48 'point symmetry operation' ?     ?     -0.47692520 -0.75364530 0.45228433  134.30695 0.87290427  -0.34590657 0.34407379  -16.35174 -0.10286148 0.55889838  0.82283176  -12.15754  
49 'point symmetry operation' ?     ?     0.64785910  -0.50871478 0.56699900  56.68190  0.75781961  0.35480027  -0.54756389 -57.78972 0.07738244  0.78442721  0.61537463  -37.27098  
50 'point symmetry operation' ?     ?     0.93304750  0.25465487  -0.25411273 -10.71331 -0.32786195 0.31116404  -0.89201092 4.02024   -0.14808419 0.91560245  0.37382246  -33.97631  
51 'point symmetry operation' ?     ?     0.77780189  -0.04562812 0.62685110  39.77077  -0.58363637 -0.42252833 0.69342513  97.58112  0.23322266  -0.90520048 -0.35527356 -46.77970  
52 'point symmetry operation' ?     ?     0.68730794  0.67184172  -0.27610959 -4.14050  0.52583240  -0.19796730 0.82722986  22.17205  0.50110686  -0.71374901 -0.48934064 -74.32443  
53 'point symmetry operation' ?     ?     -0.40874558 0.64543655  -0.64524314 57.05921  0.83193462  0.55419897  0.02735508  -45.59436 0.37524906  -0.52561884 -0.76348739 -80.30343  
54 'point symmetry operation' ?     ?     -0.99564996 -0.08835259 0.02958045  138.79399 -0.08835259 0.79450227  -0.60079945 -12.06724 0.02958045  -0.60079945 -0.79885231 -56.45393  
55 'point symmetry operation' ?     ?     -0.26232329 -0.51545405 0.81577793  128.10914 -0.96322357 0.19085159  -0.18914553 76.42008  -0.05819669 -0.83539380 -0.54656230 -35.73513  
56 'point symmetry operation' ?     ?     -0.49744281 -0.49403861 -0.71307538 85.95602  0.59048289  0.40934937  -0.69553077 -53.20854 0.63551601  -0.76704560 0.08809345  -60.49622  
57 'point symmetry operation' ?     ?     -0.26232329 -0.96322357 -0.05819669 105.13597 -0.51545405 0.19085159  -0.83539380 21.59658  0.81577793  -0.18914553 -0.54656230 -109.58556 
58 'point symmetry operation' ?     ?     0.55481584  -0.82836750 0.07737365  51.67379  -0.82836750 -0.55866625 -0.04122276 89.55195  0.07737365  -0.04122276 -0.99614959 -79.63054  
59 'point symmetry operation' ?     ?     0.82471605  -0.27583690 -0.49371797 -0.54760  0.08417828  -0.80339597 0.58946496  56.74555  -0.55924722 -0.52770155 -0.63935408 -12.02797  
60 'point symmetry operation' ?     ?     0.17438444  -0.06921030 -0.98224234 20.63999  0.96107605  -0.20512942 0.18508038  -31.48528 -0.21429626 -0.97628473 0.03074498  -0.20231 
# 
loop_
_struct_conf.conf_type_id 
_struct_conf.id 
_struct_conf.pdbx_PDB_helix_id 
_struct_conf.beg_label_comp_id 
_struct_conf.beg_label_asym_id 
_struct_conf.beg_label_seq_id 
_struct_conf.pdbx_beg_PDB_ins_code 
_struct_conf.end_label_comp_id 
_struct_conf.end_label_asym_id 
_struct_conf.end_label_seq_id 
_struct_conf.pdbx_end_PDB_ins_code 
_struct_conf.beg_auth_comp_id 
_struct_conf.beg_auth_asym_id 
_struct_conf.beg_auth_seq_id 
_struct_conf.end_auth_comp_id 
_struct_conf.end_auth_asym_id 
_struct_conf.end_auth_seq_id 
_struct_conf.pdbx_PDB_helix_class 
_struct_conf.details 
_struct_conf.pdbx_PDB_helix_length 
HELX_P HELX_P1 1 ARG A 35 ? LYS A 43 ? ARG u 32 LYS u 40 1 ? 9 
HELX_P HELX_P2 2 LEU A 77 ? ASP A 79 ? LEU u 74 ASP u 76 1 ? 3 
# 
_struct_conf_type.id          HELX_P 
_struct_conf_type.criteria    ? 
_struct_conf_type.reference   ? 
# 
loop_
_struct_sheet.id 
_struct_sheet.type 
_struct_sheet.number_strands 
_struct_sheet.details 
1 ? 1 ? 
2 ? 1 ? 
3 ? 1 ? 
4 ? 1 ? 
5 ? 1 ? 
6 ? 1 ? 
7 ? 1 ? 
8 ? 1 ? 
# 
loop_
_struct_sheet_range.sheet_id 
_struct_sheet_range.id 
_struct_sheet_range.beg_label_comp_id 
_struct_sheet_range.beg_label_asym_id 
_struct_sheet_range.beg_label_seq_id 
_struct_sheet_range.pdbx_beg_PDB_ins_code 
_struct_sheet_range.end_label_comp_id 
_struct_sheet_range.end_label_asym_id 
_struct_sheet_range.end_label_seq_id 
_struct_sheet_range.pdbx_end_PDB_ins_code 
_struct_sheet_range.beg_auth_comp_id 
_struct_sheet_range.beg_auth_asym_id 
_struct_sheet_range.beg_auth_seq_id 
_struct_sheet_range.end_auth_comp_id 
_struct_sheet_range.end_auth_asym_id 
_struct_sheet_range.end_auth_seq_id 
1 1 ILE A 46  ? LYS A 61  ? ILE u 43  LYS u 58  
2 1 SER A 67  ? THR A 74  ? SER u 64  THR u 71  
3 1 TYR A 96  ? PRO A 108 ? TYR u 93  PRO u 105 
4 1 TYR A 119 ? ILE A 125 ? TYR u 116 ILE u 122 
5 1 ARG A 151 ? ARG A 155 ? ARG u 148 ARG u 152 
6 1 TYR A 160 ? PHE A 165 ? TYR u 157 PHE u 162 
7 1 GLY A 201 ? LYS A 208 ? GLY u 198 LYS u 205 
8 1 TYR A 213 ? ARG A 226 ? TYR u 210 ARG u 223 
# 
loop_
_pdbx_validate_torsion.id 
_pdbx_validate_torsion.PDB_model_num 
_pdbx_validate_torsion.auth_comp_id 
_pdbx_validate_torsion.auth_asym_id 
_pdbx_validate_torsion.auth_seq_id 
_pdbx_validate_torsion.PDB_ins_code 
_pdbx_validate_torsion.label_alt_id 
_pdbx_validate_torsion.phi 
_pdbx_validate_torsion.psi 
1 1 ALA u 155 ? ? -142.72 19.60  
2 1 ILE u 168 ? ? -93.93  -63.42 
3 1 GLN u 190 ? ? 59.20   72.65  
4 1 GLU u 224 ? ? 62.42   75.15  
# 
loop_
_pdbx_validate_peptide_omega.id 
_pdbx_validate_peptide_omega.PDB_model_num 
_pdbx_validate_peptide_omega.auth_comp_id_1 
_pdbx_validate_peptide_omega.auth_asym_id_1 
_pdbx_validate_peptide_omega.auth_seq_id_1 
_pdbx_validate_peptide_omega.PDB_ins_code_1 
_pdbx_validate_peptide_omega.label_alt_id_1 
_pdbx_validate_peptide_omega.auth_comp_id_2 
_pdbx_validate_peptide_omega.auth_asym_id_2 
_pdbx_validate_peptide_omega.auth_seq_id_2 
_pdbx_validate_peptide_omega.PDB_ins_code_2 
_pdbx_validate_peptide_omega.label_alt_id_2 
_pdbx_validate_peptide_omega.omega 
1 1 ARG u 152 ? ? THR u 153 ? ? -147.57 
2 1 THR u 153 ? ? PRO u 154 ? ? 143.81  
# 
_em_3d_fitting.entry_id          6RPO 
_em_3d_fitting.id                1 
_em_3d_fitting.details           ? 
_em_3d_fitting.overall_b_value   83 
_em_3d_fitting.ref_protocol      OTHER 
_em_3d_fitting.ref_space         REAL 
_em_3d_fitting.target_criteria   ? 
_em_3d_fitting.method            ? 
# 
_em_3d_reconstruction.entry_id                    6RPO 
_em_3d_reconstruction.id                          1 
_em_3d_reconstruction.algorithm                   ? 
_em_3d_reconstruction.details                     ? 
_em_3d_reconstruction.refinement_type             ? 
_em_3d_reconstruction.image_processing_id         1 
_em_3d_reconstruction.num_class_averages          1 
_em_3d_reconstruction.num_particles               58147 
_em_3d_reconstruction.resolution                  2.39 
_em_3d_reconstruction.resolution_method           'FSC 0.143 CUT-OFF' 
_em_3d_reconstruction.symmetry_type               POINT 
_em_3d_reconstruction.method                      ? 
_em_3d_reconstruction.nominal_pixel_size          ? 
_em_3d_reconstruction.actual_pixel_size           ? 
_em_3d_reconstruction.magnification_calibration   ? 
# 
_em_buffer.id            1 
_em_buffer.details       ? 
_em_buffer.pH            8.0 
_em_buffer.specimen_id   1 
_em_buffer.name          ? 
# 
_em_entity_assembly.id                   1 
_em_entity_assembly.parent_id            0 
_em_entity_assembly.details              ? 
_em_entity_assembly.name                 'Bat circovirus' 
_em_entity_assembly.source               RECOMBINANT 
_em_entity_assembly.type                 VIRUS 
_em_entity_assembly.entity_id_list       1 
_em_entity_assembly.synonym              ? 
_em_entity_assembly.oligomeric_details   ? 
# 
_em_image_scans.entry_id                6RPO 
_em_image_scans.id                      1 
_em_image_scans.dimension_height        ? 
_em_image_scans.dimension_width         ? 
_em_image_scans.frames_per_image        32 
_em_image_scans.image_recording_id      1 
_em_image_scans.sampling_size           ? 
_em_image_scans.scanner_model           ? 
_em_image_scans.used_frames_per_image   ? 
_em_image_scans.citation_id             ? 
_em_image_scans.number_digital_images   ? 
_em_image_scans.od_range                ? 
_em_image_scans.quant_bit_size          ? 
_em_image_scans.details                 ? 
# 
_em_imaging.id                              1 
_em_imaging.entry_id                        6RPO 
_em_imaging.accelerating_voltage            300 
_em_imaging.alignment_procedure             ? 
_em_imaging.c2_aperture_diameter            ? 
_em_imaging.calibrated_defocus_max          ? 
_em_imaging.calibrated_defocus_min          ? 
_em_imaging.calibrated_magnification        ? 
_em_imaging.cryogen                         NITROGEN 
_em_imaging.details                         ? 
_em_imaging.electron_source                 'FIELD EMISSION GUN' 
_em_imaging.illumination_mode               OTHER 
_em_imaging.microscope_model                'FEI TITAN KRIOS' 
_em_imaging.mode                            OTHER 
_em_imaging.nominal_cs                      2.7 
_em_imaging.nominal_defocus_max             3500 
_em_imaging.nominal_defocus_min             750 
_em_imaging.nominal_magnification           47170 
_em_imaging.recording_temperature_maximum   ? 
_em_imaging.recording_temperature_minimum   ? 
_em_imaging.residual_tilt                   ? 
_em_imaging.specimen_holder_model           'FEI TITAN KRIOS AUTOGRID HOLDER' 
_em_imaging.specimen_id                     1 
_em_imaging.citation_id                     ? 
_em_imaging.date                            ? 
_em_imaging.temperature                     ? 
_em_imaging.tilt_angle_min                  ? 
_em_imaging.tilt_angle_max                  ? 
_em_imaging.astigmatism                     ? 
_em_imaging.detector_distance               ? 
_em_imaging.electron_beam_tilt_params       ? 
_em_imaging.specimen_holder_type            ? 
# 
_em_sample_support.id               1 
_em_sample_support.specimen_id      1 
_em_sample_support.details          ? 
_em_sample_support.grid_material    COPPER/RHODIUM 
_em_sample_support.grid_mesh_size   ? 
_em_sample_support.grid_type        'Quantifoil R2/2' 
_em_sample_support.method           ? 
_em_sample_support.film_material    ? 
# 
_em_virus_entity.entity_assembly_id    1 
_em_virus_entity.empty                 YES 
_em_virus_entity.enveloped             NO 
_em_virus_entity.virus_isolate         STRAIN 
_em_virus_entity.virus_type            'VIRUS-LIKE PARTICLE' 
_em_virus_entity.id                    1 
_em_virus_entity.virus_host_category   ? 
_em_virus_entity.details               ? 
# 
_em_vitrification.id                    1 
_em_vitrification.specimen_id           1 
_em_vitrification.chamber_temperature   ? 
_em_vitrification.cryogen_name          ETHANE 
_em_vitrification.details               ? 
_em_vitrification.humidity              ? 
_em_vitrification.instrument            'LEICA EM CPC' 
_em_vitrification.entry_id              6RPO 
_em_vitrification.citation_id           ? 
_em_vitrification.method                ? 
_em_vitrification.temp                  ? 
_em_vitrification.time_resolved_state   ? 
# 
_em_experiment.entry_id                6RPO 
_em_experiment.id                      1 
_em_experiment.aggregation_state       PARTICLE 
_em_experiment.reconstruction_method   'SINGLE PARTICLE' 
_em_experiment.entity_assembly_id      1 
# 
_em_single_particle_entity.entry_id              6RPO 
_em_single_particle_entity.id                    1 
_em_single_particle_entity.image_processing_id   1 
_em_single_particle_entity.point_symmetry        I 
# 
loop_
_pdbx_unobs_or_zero_occ_residues.id 
_pdbx_unobs_or_zero_occ_residues.PDB_model_num 
_pdbx_unobs_or_zero_occ_residues.polymer_flag 
_pdbx_unobs_or_zero_occ_residues.occupancy_flag 
_pdbx_unobs_or_zero_occ_residues.auth_asym_id 
_pdbx_unobs_or_zero_occ_residues.auth_comp_id 
_pdbx_unobs_or_zero_occ_residues.auth_seq_id 
_pdbx_unobs_or_zero_occ_residues.PDB_ins_code 
_pdbx_unobs_or_zero_occ_residues.label_asym_id 
_pdbx_unobs_or_zero_occ_residues.label_comp_id 
_pdbx_unobs_or_zero_occ_residues.label_seq_id 
1  1 Y 1 u MET -2 ? A MET 1  
2  1 Y 1 u VAL -1 ? A VAL 2  
3  1 Y 1 u TYR 0  ? A TYR 3  
4  1 Y 1 u ARG 1  ? A ARG 4  
5  1 Y 1 u ARG 2  ? A ARG 5  
6  1 Y 1 u ARG 3  ? A ARG 6  
7  1 Y 1 u ARG 4  ? A ARG 7  
8  1 Y 1 u GLY 5  ? A GLY 8  
9  1 Y 1 u ARG 6  ? A ARG 9  
10 1 Y 1 u GLY 7  ? A GLY 10 
11 1 Y 1 u ARG 8  ? A ARG 11 
12 1 Y 1 u ARG 9  ? A ARG 12 
13 1 Y 1 u ALA 10 ? A ALA 13 
14 1 Y 1 u ARG 11 ? A ARG 14 
15 1 Y 1 u PRO 12 ? A PRO 15 
16 1 Y 1 u MET 13 ? A MET 16 
17 1 Y 1 u SER 14 ? A SER 17 
18 1 Y 1 u SER 15 ? A SER 18 
19 1 Y 1 u LEU 16 ? A LEU 19 
20 1 Y 1 u GLY 17 ? A GLY 20 
21 1 Y 1 u ARG 18 ? A ARG 21 
22 1 Y 1 u LEU 19 ? A LEU 22 
23 1 Y 1 u LEU 20 ? A LEU 23 
24 1 Y 1 u TYR 21 ? A TYR 24 
25 1 Y 1 u ARG 22 ? A ARG 25 
26 1 Y 1 u LYS 23 ? A LYS 26 
27 1 Y 1 u PRO 24 ? A PRO 27 
28 1 Y 1 u TRP 25 ? A TRP 28 
29 1 Y 1 u LEU 26 ? A LEU 29 
30 1 Y 1 u MET 27 ? A MET 30 
31 1 Y 1 u HIS 28 ? A HIS 31 
32 1 Y 1 u PRO 29 ? A PRO 32 
# 
loop_
_chem_comp_atom.comp_id 
_chem_comp_atom.atom_id 
_chem_comp_atom.type_symbol 
_chem_comp_atom.pdbx_aromatic_flag 
_chem_comp_atom.pdbx_stereo_config 
_chem_comp_atom.pdbx_ordinal 
ALA N    N N N 1   
ALA CA   C N S 2   
ALA C    C N N 3   
ALA O    O N N 4   
ALA CB   C N N 5   
ALA OXT  O N N 6   
ALA H    H N N 7   
ALA H2   H N N 8   
ALA HA   H N N 9   
ALA HB1  H N N 10  
ALA HB2  H N N 11  
ALA HB3  H N N 12  
ALA HXT  H N N 13  
ARG N    N N N 14  
ARG CA   C N S 15  
ARG C    C N N 16  
ARG O    O N N 17  
ARG CB   C N N 18  
ARG CG   C N N 19  
ARG CD   C N N 20  
ARG NE   N N N 21  
ARG CZ   C N N 22  
ARG NH1  N N N 23  
ARG NH2  N N N 24  
ARG OXT  O N N 25  
ARG H    H N N 26  
ARG H2   H N N 27  
ARG HA   H N N 28  
ARG HB2  H N N 29  
ARG HB3  H N N 30  
ARG HG2  H N N 31  
ARG HG3  H N N 32  
ARG HD2  H N N 33  
ARG HD3  H N N 34  
ARG HE   H N N 35  
ARG HH11 H N N 36  
ARG HH12 H N N 37  
ARG HH21 H N N 38  
ARG HH22 H N N 39  
ARG HXT  H N N 40  
ASN N    N N N 41  
ASN CA   C N S 42  
ASN C    C N N 43  
ASN O    O N N 44  
ASN CB   C N N 45  
ASN CG   C N N 46  
ASN OD1  O N N 47  
ASN ND2  N N N 48  
ASN OXT  O N N 49  
ASN H    H N N 50  
ASN H2   H N N 51  
ASN HA   H N N 52  
ASN HB2  H N N 53  
ASN HB3  H N N 54  
ASN HD21 H N N 55  
ASN HD22 H N N 56  
ASN HXT  H N N 57  
ASP N    N N N 58  
ASP CA   C N S 59  
ASP C    C N N 60  
ASP O    O N N 61  
ASP CB   C N N 62  
ASP CG   C N N 63  
ASP OD1  O N N 64  
ASP OD2  O N N 65  
ASP OXT  O N N 66  
ASP H    H N N 67  
ASP H2   H N N 68  
ASP HA   H N N 69  
ASP HB2  H N N 70  
ASP HB3  H N N 71  
ASP HD2  H N N 72  
ASP HXT  H N N 73  
GLN N    N N N 74  
GLN CA   C N S 75  
GLN C    C N N 76  
GLN O    O N N 77  
GLN CB   C N N 78  
GLN CG   C N N 79  
GLN CD   C N N 80  
GLN OE1  O N N 81  
GLN NE2  N N N 82  
GLN OXT  O N N 83  
GLN H    H N N 84  
GLN H2   H N N 85  
GLN HA   H N N 86  
GLN HB2  H N N 87  
GLN HB3  H N N 88  
GLN HG2  H N N 89  
GLN HG3  H N N 90  
GLN HE21 H N N 91  
GLN HE22 H N N 92  
GLN HXT  H N N 93  
GLU N    N N N 94  
GLU CA   C N S 95  
GLU C    C N N 96  
GLU O    O N N 97  
GLU CB   C N N 98  
GLU CG   C N N 99  
GLU CD   C N N 100 
GLU OE1  O N N 101 
GLU OE2  O N N 102 
GLU OXT  O N N 103 
GLU H    H N N 104 
GLU H2   H N N 105 
GLU HA   H N N 106 
GLU HB2  H N N 107 
GLU HB3  H N N 108 
GLU HG2  H N N 109 
GLU HG3  H N N 110 
GLU HE2  H N N 111 
GLU HXT  H N N 112 
GLY N    N N N 113 
GLY CA   C N N 114 
GLY C    C N N 115 
GLY O    O N N 116 
GLY OXT  O N N 117 
GLY H    H N N 118 
GLY H2   H N N 119 
GLY HA2  H N N 120 
GLY HA3  H N N 121 
GLY HXT  H N N 122 
HIS N    N N N 123 
HIS CA   C N S 124 
HIS C    C N N 125 
HIS O    O N N 126 
HIS CB   C N N 127 
HIS CG   C Y N 128 
HIS ND1  N Y N 129 
HIS CD2  C Y N 130 
HIS CE1  C Y N 131 
HIS NE2  N Y N 132 
HIS OXT  O N N 133 
HIS H    H N N 134 
HIS H2   H N N 135 
HIS HA   H N N 136 
HIS HB2  H N N 137 
HIS HB3  H N N 138 
HIS HD1  H N N 139 
HIS HD2  H N N 140 
HIS HE1  H N N 141 
HIS HE2  H N N 142 
HIS HXT  H N N 143 
ILE N    N N N 144 
ILE CA   C N S 145 
ILE C    C N N 146 
ILE O    O N N 147 
ILE CB   C N S 148 
ILE CG1  C N N 149 
ILE CG2  C N N 150 
ILE CD1  C N N 151 
ILE OXT  O N N 152 
ILE H    H N N 153 
ILE H2   H N N 154 
ILE HA   H N N 155 
ILE HB   H N N 156 
ILE HG12 H N N 157 
ILE HG13 H N N 158 
ILE HG21 H N N 159 
ILE HG22 H N N 160 
ILE HG23 H N N 161 
ILE HD11 H N N 162 
ILE HD12 H N N 163 
ILE HD13 H N N 164 
ILE HXT  H N N 165 
LEU N    N N N 166 
LEU CA   C N S 167 
LEU C    C N N 168 
LEU O    O N N 169 
LEU CB   C N N 170 
LEU CG   C N N 171 
LEU CD1  C N N 172 
LEU CD2  C N N 173 
LEU OXT  O N N 174 
LEU H    H N N 175 
LEU H2   H N N 176 
LEU HA   H N N 177 
LEU HB2  H N N 178 
LEU HB3  H N N 179 
LEU HG   H N N 180 
LEU HD11 H N N 181 
LEU HD12 H N N 182 
LEU HD13 H N N 183 
LEU HD21 H N N 184 
LEU HD22 H N N 185 
LEU HD23 H N N 186 
LEU HXT  H N N 187 
LYS N    N N N 188 
LYS CA   C N S 189 
LYS C    C N N 190 
LYS O    O N N 191 
LYS CB   C N N 192 
LYS CG   C N N 193 
LYS CD   C N N 194 
LYS CE   C N N 195 
LYS NZ   N N N 196 
LYS OXT  O N N 197 
LYS H    H N N 198 
LYS H2   H N N 199 
LYS HA   H N N 200 
LYS HB2  H N N 201 
LYS HB3  H N N 202 
LYS HG2  H N N 203 
LYS HG3  H N N 204 
LYS HD2  H N N 205 
LYS HD3  H N N 206 
LYS HE2  H N N 207 
LYS HE3  H N N 208 
LYS HZ1  H N N 209 
LYS HZ2  H N N 210 
LYS HZ3  H N N 211 
LYS HXT  H N N 212 
MET N    N N N 213 
MET CA   C N S 214 
MET C    C N N 215 
MET O    O N N 216 
MET CB   C N N 217 
MET CG   C N N 218 
MET SD   S N N 219 
MET CE   C N N 220 
MET OXT  O N N 221 
MET H    H N N 222 
MET H2   H N N 223 
MET HA   H N N 224 
MET HB2  H N N 225 
MET HB3  H N N 226 
MET HG2  H N N 227 
MET HG3  H N N 228 
MET HE1  H N N 229 
MET HE2  H N N 230 
MET HE3  H N N 231 
MET HXT  H N N 232 
PHE N    N N N 233 
PHE CA   C N S 234 
PHE C    C N N 235 
PHE O    O N N 236 
PHE CB   C N N 237 
PHE CG   C Y N 238 
PHE CD1  C Y N 239 
PHE CD2  C Y N 240 
PHE CE1  C Y N 241 
PHE CE2  C Y N 242 
PHE CZ   C Y N 243 
PHE OXT  O N N 244 
PHE H    H N N 245 
PHE H2   H N N 246 
PHE HA   H N N 247 
PHE HB2  H N N 248 
PHE HB3  H N N 249 
PHE HD1  H N N 250 
PHE HD2  H N N 251 
PHE HE1  H N N 252 
PHE HE2  H N N 253 
PHE HZ   H N N 254 
PHE HXT  H N N 255 
PRO N    N N N 256 
PRO CA   C N S 257 
PRO C    C N N 258 
PRO O    O N N 259 
PRO CB   C N N 260 
PRO CG   C N N 261 
PRO CD   C N N 262 
PRO OXT  O N N 263 
PRO H    H N N 264 
PRO HA   H N N 265 
PRO HB2  H N N 266 
PRO HB3  H N N 267 
PRO HG2  H N N 268 
PRO HG3  H N N 269 
PRO HD2  H N N 270 
PRO HD3  H N N 271 
PRO HXT  H N N 272 
SER N    N N N 273 
SER CA   C N S 274 
SER C    C N N 275 
SER O    O N N 276 
SER CB   C N N 277 
SER OG   O N N 278 
SER OXT  O N N 279 
SER H    H N N 280 
SER H2   H N N 281 
SER HA   H N N 282 
SER HB2  H N N 283 
SER HB3  H N N 284 
SER HG   H N N 285 
SER HXT  H N N 286 
THR N    N N N 287 
THR CA   C N S 288 
THR C    C N N 289 
THR O    O N N 290 
THR CB   C N R 291 
THR OG1  O N N 292 
THR CG2  C N N 293 
THR OXT  O N N 294 
THR H    H N N 295 
THR H2   H N N 296 
THR HA   H N N 297 
THR HB   H N N 298 
THR HG1  H N N 299 
THR HG21 H N N 300 
THR HG22 H N N 301 
THR HG23 H N N 302 
THR HXT  H N N 303 
TRP N    N N N 304 
TRP CA   C N S 305 
TRP C    C N N 306 
TRP O    O N N 307 
TRP CB   C N N 308 
TRP CG   C Y N 309 
TRP CD1  C Y N 310 
TRP CD2  C Y N 311 
TRP NE1  N Y N 312 
TRP CE2  C Y N 313 
TRP CE3  C Y N 314 
TRP CZ2  C Y N 315 
TRP CZ3  C Y N 316 
TRP CH2  C Y N 317 
TRP OXT  O N N 318 
TRP H    H N N 319 
TRP H2   H N N 320 
TRP HA   H N N 321 
TRP HB2  H N N 322 
TRP HB3  H N N 323 
TRP HD1  H N N 324 
TRP HE1  H N N 325 
TRP HE3  H N N 326 
TRP HZ2  H N N 327 
TRP HZ3  H N N 328 
TRP HH2  H N N 329 
TRP HXT  H N N 330 
TYR N    N N N 331 
TYR CA   C N S 332 
TYR C    C N N 333 
TYR O    O N N 334 
TYR CB   C N N 335 
TYR CG   C Y N 336 
TYR CD1  C Y N 337 
TYR CD2  C Y N 338 
TYR CE1  C Y N 339 
TYR CE2  C Y N 340 
TYR CZ   C Y N 341 
TYR OH   O N N 342 
TYR OXT  O N N 343 
TYR H    H N N 344 
TYR H2   H N N 345 
TYR HA   H N N 346 
TYR HB2  H N N 347 
TYR HB3  H N N 348 
TYR HD1  H N N 349 
TYR HD2  H N N 350 
TYR HE1  H N N 351 
TYR HE2  H N N 352 
TYR HH   H N N 353 
TYR HXT  H N N 354 
VAL N    N N N 355 
VAL CA   C N S 356 
VAL C    C N N 357 
VAL O    O N N 358 
VAL CB   C N N 359 
VAL CG1  C N N 360 
VAL CG2  C N N 361 
VAL OXT  O N N 362 
VAL H    H N N 363 
VAL H2   H N N 364 
VAL HA   H N N 365 
VAL HB   H N N 366 
VAL HG11 H N N 367 
VAL HG12 H N N 368 
VAL HG13 H N N 369 
VAL HG21 H N N 370 
VAL HG22 H N N 371 
VAL HG23 H N N 372 
VAL HXT  H N N 373 
# 
loop_
_chem_comp_bond.comp_id 
_chem_comp_bond.atom_id_1 
_chem_comp_bond.atom_id_2 
_chem_comp_bond.value_order 
_chem_comp_bond.pdbx_aromatic_flag 
_chem_comp_bond.pdbx_stereo_config 
_chem_comp_bond.pdbx_ordinal 
ALA N   CA   sing N N 1   
ALA N   H    sing N N 2   
ALA N   H2   sing N N 3   
ALA CA  C    sing N N 4   
ALA CA  CB   sing N N 5   
ALA CA  HA   sing N N 6   
ALA C   O    doub N N 7   
ALA C   OXT  sing N N 8   
ALA CB  HB1  sing N N 9   
ALA CB  HB2  sing N N 10  
ALA CB  HB3  sing N N 11  
ALA OXT HXT  sing N N 12  
ARG N   CA   sing N N 13  
ARG N   H    sing N N 14  
ARG N   H2   sing N N 15  
ARG CA  C    sing N N 16  
ARG CA  CB   sing N N 17  
ARG CA  HA   sing N N 18  
ARG C   O    doub N N 19  
ARG C   OXT  sing N N 20  
ARG CB  CG   sing N N 21  
ARG CB  HB2  sing N N 22  
ARG CB  HB3  sing N N 23  
ARG CG  CD   sing N N 24  
ARG CG  HG2  sing N N 25  
ARG CG  HG3  sing N N 26  
ARG CD  NE   sing N N 27  
ARG CD  HD2  sing N N 28  
ARG CD  HD3  sing N N 29  
ARG NE  CZ   sing N N 30  
ARG NE  HE   sing N N 31  
ARG CZ  NH1  sing N N 32  
ARG CZ  NH2  doub N N 33  
ARG NH1 HH11 sing N N 34  
ARG NH1 HH12 sing N N 35  
ARG NH2 HH21 sing N N 36  
ARG NH2 HH22 sing N N 37  
ARG OXT HXT  sing N N 38  
ASN N   CA   sing N N 39  
ASN N   H    sing N N 40  
ASN N   H2   sing N N 41  
ASN CA  C    sing N N 42  
ASN CA  CB   sing N N 43  
ASN CA  HA   sing N N 44  
ASN C   O    doub N N 45  
ASN C   OXT  sing N N 46  
ASN CB  CG   sing N N 47  
ASN CB  HB2  sing N N 48  
ASN CB  HB3  sing N N 49  
ASN CG  OD1  doub N N 50  
ASN CG  ND2  sing N N 51  
ASN ND2 HD21 sing N N 52  
ASN ND2 HD22 sing N N 53  
ASN OXT HXT  sing N N 54  
ASP N   CA   sing N N 55  
ASP N   H    sing N N 56  
ASP N   H2   sing N N 57  
ASP CA  C    sing N N 58  
ASP CA  CB   sing N N 59  
ASP CA  HA   sing N N 60  
ASP C   O    doub N N 61  
ASP C   OXT  sing N N 62  
ASP CB  CG   sing N N 63  
ASP CB  HB2  sing N N 64  
ASP CB  HB3  sing N N 65  
ASP CG  OD1  doub N N 66  
ASP CG  OD2  sing N N 67  
ASP OD2 HD2  sing N N 68  
ASP OXT HXT  sing N N 69  
GLN N   CA   sing N N 70  
GLN N   H    sing N N 71  
GLN N   H2   sing N N 72  
GLN CA  C    sing N N 73  
GLN CA  CB   sing N N 74  
GLN CA  HA   sing N N 75  
GLN C   O    doub N N 76  
GLN C   OXT  sing N N 77  
GLN CB  CG   sing N N 78  
GLN CB  HB2  sing N N 79  
GLN CB  HB3  sing N N 80  
GLN CG  CD   sing N N 81  
GLN CG  HG2  sing N N 82  
GLN CG  HG3  sing N N 83  
GLN CD  OE1  doub N N 84  
GLN CD  NE2  sing N N 85  
GLN NE2 HE21 sing N N 86  
GLN NE2 HE22 sing N N 87  
GLN OXT HXT  sing N N 88  
GLU N   CA   sing N N 89  
GLU N   H    sing N N 90  
GLU N   H2   sing N N 91  
GLU CA  C    sing N N 92  
GLU CA  CB   sing N N 93  
GLU CA  HA   sing N N 94  
GLU C   O    doub N N 95  
GLU C   OXT  sing N N 96  
GLU CB  CG   sing N N 97  
GLU CB  HB2  sing N N 98  
GLU CB  HB3  sing N N 99  
GLU CG  CD   sing N N 100 
GLU CG  HG2  sing N N 101 
GLU CG  HG3  sing N N 102 
GLU CD  OE1  doub N N 103 
GLU CD  OE2  sing N N 104 
GLU OE2 HE2  sing N N 105 
GLU OXT HXT  sing N N 106 
GLY N   CA   sing N N 107 
GLY N   H    sing N N 108 
GLY N   H2   sing N N 109 
GLY CA  C    sing N N 110 
GLY CA  HA2  sing N N 111 
GLY CA  HA3  sing N N 112 
GLY C   O    doub N N 113 
GLY C   OXT  sing N N 114 
GLY OXT HXT  sing N N 115 
HIS N   CA   sing N N 116 
HIS N   H    sing N N 117 
HIS N   H2   sing N N 118 
HIS CA  C    sing N N 119 
HIS CA  CB   sing N N 120 
HIS CA  HA   sing N N 121 
HIS C   O    doub N N 122 
HIS C   OXT  sing N N 123 
HIS CB  CG   sing N N 124 
HIS CB  HB2  sing N N 125 
HIS CB  HB3  sing N N 126 
HIS CG  ND1  sing Y N 127 
HIS CG  CD2  doub Y N 128 
HIS ND1 CE1  doub Y N 129 
HIS ND1 HD1  sing N N 130 
HIS CD2 NE2  sing Y N 131 
HIS CD2 HD2  sing N N 132 
HIS CE1 NE2  sing Y N 133 
HIS CE1 HE1  sing N N 134 
HIS NE2 HE2  sing N N 135 
HIS OXT HXT  sing N N 136 
ILE N   CA   sing N N 137 
ILE N   H    sing N N 138 
ILE N   H2   sing N N 139 
ILE CA  C    sing N N 140 
ILE CA  CB   sing N N 141 
ILE CA  HA   sing N N 142 
ILE C   O    doub N N 143 
ILE C   OXT  sing N N 144 
ILE CB  CG1  sing N N 145 
ILE CB  CG2  sing N N 146 
ILE CB  HB   sing N N 147 
ILE CG1 CD1  sing N N 148 
ILE CG1 HG12 sing N N 149 
ILE CG1 HG13 sing N N 150 
ILE CG2 HG21 sing N N 151 
ILE CG2 HG22 sing N N 152 
ILE CG2 HG23 sing N N 153 
ILE CD1 HD11 sing N N 154 
ILE CD1 HD12 sing N N 155 
ILE CD1 HD13 sing N N 156 
ILE OXT HXT  sing N N 157 
LEU N   CA   sing N N 158 
LEU N   H    sing N N 159 
LEU N   H2   sing N N 160 
LEU CA  C    sing N N 161 
LEU CA  CB   sing N N 162 
LEU CA  HA   sing N N 163 
LEU C   O    doub N N 164 
LEU C   OXT  sing N N 165 
LEU CB  CG   sing N N 166 
LEU CB  HB2  sing N N 167 
LEU CB  HB3  sing N N 168 
LEU CG  CD1  sing N N 169 
LEU CG  CD2  sing N N 170 
LEU CG  HG   sing N N 171 
LEU CD1 HD11 sing N N 172 
LEU CD1 HD12 sing N N 173 
LEU CD1 HD13 sing N N 174 
LEU CD2 HD21 sing N N 175 
LEU CD2 HD22 sing N N 176 
LEU CD2 HD23 sing N N 177 
LEU OXT HXT  sing N N 178 
LYS N   CA   sing N N 179 
LYS N   H    sing N N 180 
LYS N   H2   sing N N 181 
LYS CA  C    sing N N 182 
LYS CA  CB   sing N N 183 
LYS CA  HA   sing N N 184 
LYS C   O    doub N N 185 
LYS C   OXT  sing N N 186 
LYS CB  CG   sing N N 187 
LYS CB  HB2  sing N N 188 
LYS CB  HB3  sing N N 189 
LYS CG  CD   sing N N 190 
LYS CG  HG2  sing N N 191 
LYS CG  HG3  sing N N 192 
LYS CD  CE   sing N N 193 
LYS CD  HD2  sing N N 194 
LYS CD  HD3  sing N N 195 
LYS CE  NZ   sing N N 196 
LYS CE  HE2  sing N N 197 
LYS CE  HE3  sing N N 198 
LYS NZ  HZ1  sing N N 199 
LYS NZ  HZ2  sing N N 200 
LYS NZ  HZ3  sing N N 201 
LYS OXT HXT  sing N N 202 
MET N   CA   sing N N 203 
MET N   H    sing N N 204 
MET N   H2   sing N N 205 
MET CA  C    sing N N 206 
MET CA  CB   sing N N 207 
MET CA  HA   sing N N 208 
MET C   O    doub N N 209 
MET C   OXT  sing N N 210 
MET CB  CG   sing N N 211 
MET CB  HB2  sing N N 212 
MET CB  HB3  sing N N 213 
MET CG  SD   sing N N 214 
MET CG  HG2  sing N N 215 
MET CG  HG3  sing N N 216 
MET SD  CE   sing N N 217 
MET CE  HE1  sing N N 218 
MET CE  HE2  sing N N 219 
MET CE  HE3  sing N N 220 
MET OXT HXT  sing N N 221 
PHE N   CA   sing N N 222 
PHE N   H    sing N N 223 
PHE N   H2   sing N N 224 
PHE CA  C    sing N N 225 
PHE CA  CB   sing N N 226 
PHE CA  HA   sing N N 227 
PHE C   O    doub N N 228 
PHE C   OXT  sing N N 229 
PHE CB  CG   sing N N 230 
PHE CB  HB2  sing N N 231 
PHE CB  HB3  sing N N 232 
PHE CG  CD1  doub Y N 233 
PHE CG  CD2  sing Y N 234 
PHE CD1 CE1  sing Y N 235 
PHE CD1 HD1  sing N N 236 
PHE CD2 CE2  doub Y N 237 
PHE CD2 HD2  sing N N 238 
PHE CE1 CZ   doub Y N 239 
PHE CE1 HE1  sing N N 240 
PHE CE2 CZ   sing Y N 241 
PHE CE2 HE2  sing N N 242 
PHE CZ  HZ   sing N N 243 
PHE OXT HXT  sing N N 244 
PRO N   CA   sing N N 245 
PRO N   CD   sing N N 246 
PRO N   H    sing N N 247 
PRO CA  C    sing N N 248 
PRO CA  CB   sing N N 249 
PRO CA  HA   sing N N 250 
PRO C   O    doub N N 251 
PRO C   OXT  sing N N 252 
PRO CB  CG   sing N N 253 
PRO CB  HB2  sing N N 254 
PRO CB  HB3  sing N N 255 
PRO CG  CD   sing N N 256 
PRO CG  HG2  sing N N 257 
PRO CG  HG3  sing N N 258 
PRO CD  HD2  sing N N 259 
PRO CD  HD3  sing N N 260 
PRO OXT HXT  sing N N 261 
SER N   CA   sing N N 262 
SER N   H    sing N N 263 
SER N   H2   sing N N 264 
SER CA  C    sing N N 265 
SER CA  CB   sing N N 266 
SER CA  HA   sing N N 267 
SER C   O    doub N N 268 
SER C   OXT  sing N N 269 
SER CB  OG   sing N N 270 
SER CB  HB2  sing N N 271 
SER CB  HB3  sing N N 272 
SER OG  HG   sing N N 273 
SER OXT HXT  sing N N 274 
THR N   CA   sing N N 275 
THR N   H    sing N N 276 
THR N   H2   sing N N 277 
THR CA  C    sing N N 278 
THR CA  CB   sing N N 279 
THR CA  HA   sing N N 280 
THR C   O    doub N N 281 
THR C   OXT  sing N N 282 
THR CB  OG1  sing N N 283 
THR CB  CG2  sing N N 284 
THR CB  HB   sing N N 285 
THR OG1 HG1  sing N N 286 
THR CG2 HG21 sing N N 287 
THR CG2 HG22 sing N N 288 
THR CG2 HG23 sing N N 289 
THR OXT HXT  sing N N 290 
TRP N   CA   sing N N 291 
TRP N   H    sing N N 292 
TRP N   H2   sing N N 293 
TRP CA  C    sing N N 294 
TRP CA  CB   sing N N 295 
TRP CA  HA   sing N N 296 
TRP C   O    doub N N 297 
TRP C   OXT  sing N N 298 
TRP CB  CG   sing N N 299 
TRP CB  HB2  sing N N 300 
TRP CB  HB3  sing N N 301 
TRP CG  CD1  doub Y N 302 
TRP CG  CD2  sing Y N 303 
TRP CD1 NE1  sing Y N 304 
TRP CD1 HD1  sing N N 305 
TRP CD2 CE2  doub Y N 306 
TRP CD2 CE3  sing Y N 307 
TRP NE1 CE2  sing Y N 308 
TRP NE1 HE1  sing N N 309 
TRP CE2 CZ2  sing Y N 310 
TRP CE3 CZ3  doub Y N 311 
TRP CE3 HE3  sing N N 312 
TRP CZ2 CH2  doub Y N 313 
TRP CZ2 HZ2  sing N N 314 
TRP CZ3 CH2  sing Y N 315 
TRP CZ3 HZ3  sing N N 316 
TRP CH2 HH2  sing N N 317 
TRP OXT HXT  sing N N 318 
TYR N   CA   sing N N 319 
TYR N   H    sing N N 320 
TYR N   H2   sing N N 321 
TYR CA  C    sing N N 322 
TYR CA  CB   sing N N 323 
TYR CA  HA   sing N N 324 
TYR C   O    doub N N 325 
TYR C   OXT  sing N N 326 
TYR CB  CG   sing N N 327 
TYR CB  HB2  sing N N 328 
TYR CB  HB3  sing N N 329 
TYR CG  CD1  doub Y N 330 
TYR CG  CD2  sing Y N 331 
TYR CD1 CE1  sing Y N 332 
TYR CD1 HD1  sing N N 333 
TYR CD2 CE2  doub Y N 334 
TYR CD2 HD2  sing N N 335 
TYR CE1 CZ   doub Y N 336 
TYR CE1 HE1  sing N N 337 
TYR CE2 CZ   sing Y N 338 
TYR CE2 HE2  sing N N 339 
TYR CZ  OH   sing N N 340 
TYR OH  HH   sing N N 341 
TYR OXT HXT  sing N N 342 
VAL N   CA   sing N N 343 
VAL N   H    sing N N 344 
VAL N   H2   sing N N 345 
VAL CA  C    sing N N 346 
VAL CA  CB   sing N N 347 
VAL CA  HA   sing N N 348 
VAL C   O    doub N N 349 
VAL C   OXT  sing N N 350 
VAL CB  CG1  sing N N 351 
VAL CB  CG2  sing N N 352 
VAL CB  HB   sing N N 353 
VAL CG1 HG11 sing N N 354 
VAL CG1 HG12 sing N N 355 
VAL CG1 HG13 sing N N 356 
VAL CG2 HG21 sing N N 357 
VAL CG2 HG22 sing N N 358 
VAL CG2 HG23 sing N N 359 
VAL OXT HXT  sing N N 360 
# 
_em_ctf_correction.id                       1 
_em_ctf_correction.em_image_processing_id   1 
_em_ctf_correction.type                     'PHASE FLIPPING AND AMPLITUDE CORRECTION' 
_em_ctf_correction.details                  ? 
# 
_em_entity_assembly_molwt.entity_assembly_id   1 
_em_entity_assembly_molwt.id                   1 
_em_entity_assembly_molwt.experimental_flag    NO 
_em_entity_assembly_molwt.units                MEGADALTONS 
_em_entity_assembly_molwt.value                1.42 
# 
_em_entity_assembly_naturalsource.id                   2 
_em_entity_assembly_naturalsource.entity_assembly_id   1 
_em_entity_assembly_naturalsource.cell                 ? 
_em_entity_assembly_naturalsource.cellular_location    ? 
_em_entity_assembly_naturalsource.ncbi_tax_id          1329650 
_em_entity_assembly_naturalsource.organ                ? 
_em_entity_assembly_naturalsource.organelle            ? 
_em_entity_assembly_naturalsource.organism             'Bat circovirus' 
_em_entity_assembly_naturalsource.strain               ? 
_em_entity_assembly_naturalsource.tissue               ? 
# 
_em_entity_assembly_recombinant.id                   2 
_em_entity_assembly_recombinant.entity_assembly_id   1 
_em_entity_assembly_recombinant.cell                 ? 
_em_entity_assembly_recombinant.ncbi_tax_id          562 
_em_entity_assembly_recombinant.organism             'Escherichia coli' 
_em_entity_assembly_recombinant.plasmid              ? 
_em_entity_assembly_recombinant.strain               ? 
# 
_em_image_processing.id                   1 
_em_image_processing.image_recording_id   1 
_em_image_processing.details              ? 
# 
_em_image_recording.id                            1 
_em_image_recording.imaging_id                    1 
_em_image_recording.avg_electron_dose_per_image   57 
_em_image_recording.average_exposure_time         ? 
_em_image_recording.details                       ? 
_em_image_recording.detector_mode                 COUNTING 
_em_image_recording.film_or_detector_model        'GATAN K2 SUMMIT (4k x 4k)' 
_em_image_recording.num_diffraction_images        ? 
_em_image_recording.num_grids_imaged              ? 
_em_image_recording.num_real_images               1474 
# 
_em_particle_selection.id                       1 
_em_particle_selection.image_processing_id      1 
_em_particle_selection.details                  ? 
_em_particle_selection.method                   ? 
_em_particle_selection.num_particles_selected   124275 
_em_particle_selection.reference_model          ? 
# 
loop_
_em_software.id 
_em_software.category 
_em_software.details 
_em_software.name 
_em_software.version 
_em_software.image_processing_id 
_em_software.fitting_id 
_em_software.imaging_id 
1  'PARTICLE SELECTION'       ? Gautomatch     ? 1 ? ? 
2  'IMAGE ACQUISITION'        ? EPU            ? ? ? 1 
3  MASKING                    ? ?              ? ? ? ? 
4  'CTF CORRECTION'           ? RELION         ? 1 ? ? 
5  'LAYERLINE INDEXING'       ? ?              ? ? ? ? 
6  'DIFFRACTION INDEXING'     ? ?              ? ? ? ? 
7  'MODEL FITTING'            ? 'UCSF Chimera' ? ? 1 ? 
8  'MODEL FITTING'            ? Coot           ? ? 1 ? 
9  OTHER                      ? ?              ? ? ? ? 
10 'INITIAL EULER ASSIGNMENT' ? RELION         ? 1 ? ? 
11 'FINAL EULER ASSIGNMENT'   ? RELION         ? 1 ? ? 
12 CLASSIFICATION             ? RELION         ? 1 ? ? 
13 RECONSTRUCTION             ? RELION         ? 1 ? ? 
14 'MODEL REFINEMENT'         ? Coot           ? ? 1 ? 
15 'MODEL REFINEMENT'         ? PHENIX         ? ? 1 ? 
# 
_em_specimen.id                      1 
_em_specimen.experiment_id           1 
_em_specimen.concentration           ? 
_em_specimen.details                 ? 
_em_specimen.embedding_applied       NO 
_em_specimen.shadowing_applied       NO 
_em_specimen.staining_applied        NO 
_em_specimen.vitrification_applied   YES 
# 
_em_virus_shell.id                   1 
_em_virus_shell.entity_assembly_id   1 
_em_virus_shell.diameter             200 
_em_virus_shell.name                 ? 
_em_virus_shell.triangulation        1 
# 
_atom_sites.entry_id                    6RPO 
_atom_sites.fract_transf_matrix[1][1]   1.000000 
_atom_sites.fract_transf_matrix[1][2]   0.000000 
_atom_sites.fract_transf_matrix[1][3]   0.000000 
_atom_sites.fract_transf_matrix[2][1]   0.000000 
_atom_sites.fract_transf_matrix[2][2]   1.000000 
_atom_sites.fract_transf_matrix[2][3]   0.000000 
_atom_sites.fract_transf_matrix[3][1]   0.000000 
_atom_sites.fract_transf_matrix[3][2]   0.000000 
_atom_sites.fract_transf_matrix[3][3]   1.000000 
_atom_sites.fract_transf_vector[1]      0.00000 
_atom_sites.fract_transf_vector[2]      0.00000 
_atom_sites.fract_transf_vector[3]      0.00000 
# 
loop_
_atom_type.symbol 
C 
N 
O 
S 
# 
loop_
_atom_site.group_PDB 
_atom_site.id 
_atom_site.type_symbol 
_atom_site.label_atom_id 
_atom_site.label_alt_id 
_atom_site.label_comp_id 
_atom_site.label_asym_id 
_atom_site.label_entity_id 
_atom_site.label_seq_id 
_atom_site.pdbx_PDB_ins_code 
_atom_site.Cartn_x 
_atom_site.Cartn_y 
_atom_site.Cartn_z 
_atom_site.occupancy 
_atom_site.B_iso_or_equiv 
_atom_site.pdbx_formal_charge 
_atom_site.auth_seq_id 
_atom_site.auth_comp_id 
_atom_site.auth_asym_id 
_atom_site.auth_atom_id 
_atom_site.pdbx_PDB_model_num 
ATOM 1    N N   . ARG A 1 33  ? 28.758  -9.652  -18.955 1.00 55.78 ? 30  ARG u N   1 
ATOM 2    C CA  . ARG A 1 33  ? 28.796  -8.336  -18.330 1.00 55.78 ? 30  ARG u CA  1 
ATOM 3    C C   . ARG A 1 33  ? 27.380  -7.760  -18.264 1.00 55.78 ? 30  ARG u C   1 
ATOM 4    O O   . ARG A 1 33  ? 26.909  -7.387  -17.191 1.00 55.78 ? 30  ARG u O   1 
ATOM 5    C CB  . ARG A 1 33  ? 29.752  -7.413  -19.091 1.00 55.78 ? 30  ARG u CB  1 
ATOM 6    C CG  . ARG A 1 33  ? 29.958  -6.047  -18.462 1.00 55.78 ? 30  ARG u CG  1 
ATOM 7    C CD  . ARG A 1 33  ? 31.074  -5.274  -19.174 1.00 55.78 ? 30  ARG u CD  1 
ATOM 8    N NE  . ARG A 1 33  ? 30.785  -5.013  -20.582 1.00 55.78 ? 30  ARG u NE  1 
ATOM 9    C CZ  . ARG A 1 33  ? 30.065  -3.985  -21.020 1.00 55.78 ? 30  ARG u CZ  1 
ATOM 10   N NH1 . ARG A 1 33  ? 29.556  -3.113  -20.158 1.00 55.78 ? 30  ARG u NH1 1 
ATOM 11   N NH2 . ARG A 1 33  ? 29.853  -3.826  -22.322 1.00 55.78 ? 30  ARG u NH2 1 
ATOM 12   N N   . PHE A 1 34  ? 26.704  -7.686  -19.413 1.00 53.12 ? 31  PHE u N   1 
ATOM 13   C CA  . PHE A 1 34  ? 25.269  -7.433  -19.449 1.00 53.12 ? 31  PHE u CA  1 
ATOM 14   C C   . PHE A 1 34  ? 24.487  -8.562  -20.102 1.00 53.12 ? 31  PHE u C   1 
ATOM 15   O O   . PHE A 1 34  ? 23.255  -8.579  -20.005 1.00 53.12 ? 31  PHE u O   1 
ATOM 16   C CB  . PHE A 1 34  ? 24.958  -6.110  -20.166 1.00 53.12 ? 31  PHE u CB  1 
ATOM 17   C CG  . PHE A 1 34  ? 25.007  -4.907  -19.261 1.00 53.12 ? 31  PHE u CG  1 
ATOM 18   C CD1 . PHE A 1 34  ? 24.569  -4.991  -17.947 1.00 53.12 ? 31  PHE u CD1 1 
ATOM 19   C CD2 . PHE A 1 34  ? 25.487  -3.690  -19.727 1.00 53.12 ? 31  PHE u CD2 1 
ATOM 20   C CE1 . PHE A 1 34  ? 24.614  -3.889  -17.110 1.00 53.12 ? 31  PHE u CE1 1 
ATOM 21   C CE2 . PHE A 1 34  ? 25.533  -2.582  -18.901 1.00 53.12 ? 31  PHE u CE2 1 
ATOM 22   C CZ  . PHE A 1 34  ? 25.096  -2.681  -17.589 1.00 53.12 ? 31  PHE u CZ  1 
ATOM 23   N N   . ARG A 1 35  ? 25.162  -9.493  -20.774 1.00 45.51 ? 32  ARG u N   1 
ATOM 24   C CA  . ARG A 1 35  ? 24.526  -10.752 -21.131 1.00 45.51 ? 32  ARG u CA  1 
ATOM 25   C C   . ARG A 1 35  ? 24.624  -11.773 -20.003 1.00 45.51 ? 32  ARG u C   1 
ATOM 26   O O   . ARG A 1 35  ? 23.939  -12.800 -20.045 1.00 45.51 ? 32  ARG u O   1 
ATOM 27   C CB  . ARG A 1 35  ? 25.138  -11.304 -22.425 1.00 45.51 ? 32  ARG u CB  1 
ATOM 28   C CG  . ARG A 1 35  ? 24.197  -12.207 -23.224 1.00 45.51 ? 32  ARG u CG  1 
ATOM 29   C CD  . ARG A 1 35  ? 23.174  -11.402 -24.015 1.00 45.51 ? 32  ARG u CD  1 
ATOM 30   N NE  . ARG A 1 35  ? 22.197  -12.264 -24.676 1.00 45.51 ? 32  ARG u NE  1 
ATOM 31   C CZ  . ARG A 1 35  ? 21.004  -11.856 -25.096 1.00 45.51 ? 32  ARG u CZ  1 
ATOM 32   N NH1 . ARG A 1 35  ? 20.642  -10.591 -24.933 1.00 45.51 ? 32  ARG u NH1 1 
ATOM 33   N NH2 . ARG A 1 35  ? 20.175  -12.708 -25.685 1.00 45.51 ? 32  ARG u NH2 1 
ATOM 34   N N   . ALA A 1 36  ? 25.435  -11.499 -18.981 1.00 40.71 ? 33  ALA u N   1 
ATOM 35   C CA  . ALA A 1 36  ? 25.370  -12.281 -17.751 1.00 40.71 ? 33  ALA u CA  1 
ATOM 36   C C   . ALA A 1 36  ? 24.126  -11.938 -16.936 1.00 40.71 ? 33  ALA u C   1 
ATOM 37   O O   . ALA A 1 36  ? 23.621  -12.786 -16.195 1.00 40.71 ? 33  ALA u O   1 
ATOM 38   C CB  . ALA A 1 36  ? 26.633  -12.059 -16.922 1.00 40.71 ? 33  ALA u CB  1 
ATOM 39   N N   . ARG A 1 37  ? 23.629  -10.706 -17.060 1.00 39.45 ? 34  ARG u N   1 
ATOM 40   C CA  . ARG A 1 37  ? 22.352  -10.343 -16.457 1.00 39.45 ? 34  ARG u CA  1 
ATOM 41   C C   . ARG A 1 37  ? 21.188  -10.967 -17.218 1.00 39.45 ? 34  ARG u C   1 
ATOM 42   O O   . ARG A 1 37  ? 20.160  -11.298 -16.614 1.00 39.45 ? 34  ARG u O   1 
ATOM 43   C CB  . ARG A 1 37  ? 22.223  -8.817  -16.410 1.00 39.45 ? 34  ARG u CB  1 
ATOM 44   C CG  . ARG A 1 37  ? 20.943  -8.279  -15.790 1.00 39.45 ? 34  ARG u CG  1 
ATOM 45   C CD  . ARG A 1 37  ? 20.926  -8.447  -14.271 1.00 39.45 ? 34  ARG u CD  1 
ATOM 46   N NE  . ARG A 1 37  ? 19.576  -8.349  -13.719 1.00 39.45 ? 34  ARG u NE  1 
ATOM 47   C CZ  . ARG A 1 37  ? 18.929  -7.207  -13.494 1.00 39.45 ? 34  ARG u CZ  1 
ATOM 48   N NH1 . ARG A 1 37  ? 19.504  -6.045  -13.769 1.00 39.45 ? 34  ARG u NH1 1 
ATOM 49   N NH2 . ARG A 1 37  ? 17.701  -7.229  -12.993 1.00 39.45 ? 34  ARG u NH2 1 
ATOM 50   N N   . TYR A 1 38  ? 21.345  -11.157 -18.532 1.00 38.41 ? 35  TYR u N   1 
ATOM 51   C CA  . TYR A 1 38  ? 20.314  -11.823 -19.324 1.00 38.41 ? 35  TYR u CA  1 
ATOM 52   C C   . TYR A 1 38  ? 20.179  -13.288 -18.934 1.00 38.41 ? 35  TYR u C   1 
ATOM 53   O O   . TYR A 1 38  ? 19.063  -13.808 -18.837 1.00 38.41 ? 35  TYR u O   1 
ATOM 54   C CB  . TYR A 1 38  ? 20.626  -11.697 -20.820 1.00 38.41 ? 35  TYR u CB  1 
ATOM 55   C CG  . TYR A 1 38  ? 19.813  -12.635 -21.695 1.00 38.41 ? 35  TYR u CG  1 
ATOM 56   C CD1 . TYR A 1 38  ? 18.483  -12.363 -21.986 1.00 38.41 ? 35  TYR u CD1 1 
ATOM 57   C CD2 . TYR A 1 38  ? 20.378  -13.794 -22.229 1.00 38.41 ? 35  TYR u CD2 1 
ATOM 58   C CE1 . TYR A 1 38  ? 17.737  -13.211 -22.770 1.00 38.41 ? 35  TYR u CE1 1 
ATOM 59   C CE2 . TYR A 1 38  ? 19.636  -14.652 -23.010 1.00 38.41 ? 35  TYR u CE2 1 
ATOM 60   C CZ  . TYR A 1 38  ? 18.318  -14.351 -23.283 1.00 38.41 ? 35  TYR u CZ  1 
ATOM 61   O OH  . TYR A 1 38  ? 17.574  -15.195 -24.066 1.00 38.41 ? 35  TYR u OH  1 
ATOM 62   N N   . ARG A 1 39  ? 21.302  -13.977 -18.729 1.00 36.69 ? 36  ARG u N   1 
ATOM 63   C CA  . ARG A 1 39  ? 21.218  -15.390 -18.388 1.00 36.69 ? 36  ARG u CA  1 
ATOM 64   C C   . ARG A 1 39  ? 20.849  -15.605 -16.929 1.00 36.69 ? 36  ARG u C   1 
ATOM 65   O O   . ARG A 1 39  ? 20.415  -16.699 -16.568 1.00 36.69 ? 36  ARG u O   1 
ATOM 66   C CB  . ARG A 1 39  ? 22.521  -16.110 -18.720 1.00 36.69 ? 36  ARG u CB  1 
ATOM 67   C CG  . ARG A 1 39  ? 23.731  -15.642 -17.946 1.00 36.69 ? 36  ARG u CG  1 
ATOM 68   C CD  . ARG A 1 39  ? 24.958  -16.476 -18.296 1.00 36.69 ? 36  ARG u CD  1 
ATOM 69   N NE  . ARG A 1 39  ? 25.301  -16.416 -19.714 1.00 36.69 ? 36  ARG u NE  1 
ATOM 70   C CZ  . ARG A 1 39  ? 25.178  -17.437 -20.557 1.00 36.69 ? 36  ARG u CZ  1 
ATOM 71   N NH1 . ARG A 1 39  ? 24.722  -18.604 -20.122 1.00 36.69 ? 36  ARG u NH1 1 
ATOM 72   N NH2 . ARG A 1 39  ? 25.514  -17.294 -21.833 1.00 36.69 ? 36  ARG u NH2 1 
ATOM 73   N N   . TRP A 1 40  ? 21.005  -14.593 -16.076 1.00 29.13 ? 37  TRP u N   1 
ATOM 74   C CA  . TRP A 1 40  ? 20.444  -14.697 -14.735 1.00 29.13 ? 37  TRP u CA  1 
ATOM 75   C C   . TRP A 1 40  ? 18.922  -14.612 -14.768 1.00 29.13 ? 37  TRP u C   1 
ATOM 76   O O   . TRP A 1 40  ? 18.239  -15.346 -14.048 1.00 29.13 ? 37  TRP u O   1 
ATOM 77   C CB  . TRP A 1 40  ? 21.016  -13.613 -13.821 1.00 29.13 ? 37  TRP u CB  1 
ATOM 78   C CG  . TRP A 1 40  ? 20.385  -13.627 -12.463 1.00 29.13 ? 37  TRP u CG  1 
ATOM 79   C CD1 . TRP A 1 40  ? 20.594  -14.542 -11.479 1.00 29.13 ? 37  TRP u CD1 1 
ATOM 80   C CD2 . TRP A 1 40  ? 19.414  -12.703 -11.955 1.00 29.13 ? 37  TRP u CD2 1 
ATOM 81   N NE1 . TRP A 1 40  ? 19.823  -14.242 -10.382 1.00 29.13 ? 37  TRP u NE1 1 
ATOM 82   C CE2 . TRP A 1 40  ? 19.089  -13.118 -10.650 1.00 29.13 ? 37  TRP u CE2 1 
ATOM 83   C CE3 . TRP A 1 40  ? 18.790  -11.566 -12.476 1.00 29.13 ? 37  TRP u CE3 1 
ATOM 84   C CZ2 . TRP A 1 40  ? 18.175  -12.432 -9.854  1.00 29.13 ? 37  TRP u CZ2 1 
ATOM 85   C CZ3 . TRP A 1 40  ? 17.882  -10.889 -11.689 1.00 29.13 ? 37  TRP u CZ3 1 
ATOM 86   C CH2 . TRP A 1 40  ? 17.584  -11.323 -10.387 1.00 29.13 ? 37  TRP u CH2 1 
ATOM 87   N N   . ARG A 1 41  ? 18.372  -13.725 -15.601 1.00 26.21 ? 38  ARG u N   1 
ATOM 88   C CA  . ARG A 1 41  ? 16.925  -13.596 -15.706 1.00 26.21 ? 38  ARG u CA  1 
ATOM 89   C C   . ARG A 1 41  ? 16.283  -14.766 -16.434 1.00 26.21 ? 38  ARG u C   1 
ATOM 90   O O   . ARG A 1 41  ? 15.151  -15.130 -16.110 1.00 26.21 ? 38  ARG u O   1 
ATOM 91   C CB  . ARG A 1 41  ? 16.552  -12.294 -16.414 1.00 26.21 ? 38  ARG u CB  1 
ATOM 92   C CG  . ARG A 1 41  ? 16.819  -11.037 -15.616 1.00 26.21 ? 38  ARG u CG  1 
ATOM 93   C CD  . ARG A 1 41  ? 16.399  -9.805  -16.400 1.00 26.21 ? 38  ARG u CD  1 
ATOM 94   N NE  . ARG A 1 41  ? 15.142  -9.258  -15.903 1.00 26.21 ? 38  ARG u NE  1 
ATOM 95   C CZ  . ARG A 1 41  ? 13.949  -9.559  -16.403 1.00 26.21 ? 38  ARG u CZ  1 
ATOM 96   N NH1 . ARG A 1 41  ? 13.845  -10.400 -17.419 1.00 26.21 ? 38  ARG u NH1 1 
ATOM 97   N NH2 . ARG A 1 41  ? 12.860  -9.018  -15.885 1.00 26.21 ? 38  ARG u NH2 1 
ATOM 98   N N   . ARG A 1 42  ? 16.975  -15.367 -17.399 1.00 30.21 ? 39  ARG u N   1 
ATOM 99   C CA  . ARG A 1 42  ? 16.421  -16.487 -18.148 1.00 30.21 ? 39  ARG u CA  1 
ATOM 100  C C   . ARG A 1 42  ? 16.460  -17.787 -17.359 1.00 30.21 ? 39  ARG u C   1 
ATOM 101  O O   . ARG A 1 42  ? 15.493  -18.556 -17.404 1.00 30.21 ? 39  ARG u O   1 
ATOM 102  C CB  . ARG A 1 42  ? 17.184  -16.654 -19.468 1.00 30.21 ? 39  ARG u CB  1 
ATOM 103  C CG  . ARG A 1 42  ? 16.492  -17.502 -20.530 1.00 30.21 ? 39  ARG u CG  1 
ATOM 104  C CD  . ARG A 1 42  ? 17.051  -18.910 -20.587 1.00 30.21 ? 39  ARG u CD  1 
ATOM 105  N NE  . ARG A 1 42  ? 18.462  -18.943 -20.955 1.00 30.21 ? 39  ARG u NE  1 
ATOM 106  C CZ  . ARG A 1 42  ? 19.304  -19.894 -20.567 1.00 30.21 ? 39  ARG u CZ  1 
ATOM 107  N NH1 . ARG A 1 42  ? 18.876  -20.878 -19.789 1.00 30.21 ? 39  ARG u NH1 1 
ATOM 108  N NH2 . ARG A 1 42  ? 20.573  -19.856 -20.947 1.00 30.21 ? 39  ARG u NH2 1 
ATOM 109  N N   . LYS A 1 43  ? 17.558  -18.040 -16.643 1.00 26.46 ? 40  LYS u N   1 
ATOM 110  C CA  . LYS A 1 43  ? 17.722  -19.284 -15.900 1.00 26.46 ? 40  LYS u CA  1 
ATOM 111  C C   . LYS A 1 43  ? 16.753  -19.372 -14.734 1.00 26.46 ? 40  LYS u C   1 
ATOM 112  O O   . LYS A 1 43  ? 16.205  -20.443 -14.464 1.00 26.46 ? 40  LYS u O   1 
ATOM 113  C CB  . LYS A 1 43  ? 19.149  -19.381 -15.367 1.00 26.46 ? 40  LYS u CB  1 
ATOM 114  C CG  . LYS A 1 43  ? 19.568  -20.733 -14.860 1.00 26.46 ? 40  LYS u CG  1 
ATOM 115  C CD  . LYS A 1 43  ? 19.824  -21.664 -16.020 1.00 26.46 ? 40  LYS u CD  1 
ATOM 116  C CE  . LYS A 1 43  ? 21.007  -21.148 -16.839 1.00 26.46 ? 40  LYS u CE  1 
ATOM 117  N NZ  . LYS A 1 43  ? 22.276  -21.158 -16.058 1.00 26.46 ? 40  LYS u NZ  1 
ATOM 118  N N   . ASN A 1 44  ? 16.530  -18.259 -14.042 1.00 20.87 ? 41  ASN u N   1 
ATOM 119  C CA  . ASN A 1 44  ? 15.710  -18.224 -12.845 1.00 20.87 ? 41  ASN u CA  1 
ATOM 120  C C   . ASN A 1 44  ? 14.270  -17.815 -13.112 1.00 20.87 ? 41  ASN u C   1 
ATOM 121  O O   . ASN A 1 44  ? 13.455  -17.859 -12.189 1.00 20.87 ? 41  ASN u O   1 
ATOM 122  C CB  . ASN A 1 44  ? 16.341  -17.284 -11.815 1.00 20.87 ? 41  ASN u CB  1 
ATOM 123  C CG  . ASN A 1 44  ? 17.610  -17.846 -11.227 1.00 20.87 ? 41  ASN u CG  1 
ATOM 124  O OD1 . ASN A 1 44  ? 17.570  -18.690 -10.336 1.00 20.87 ? 41  ASN u OD1 1 
ATOM 125  N ND2 . ASN A 1 44  ? 18.749  -17.399 -11.735 1.00 20.87 ? 41  ASN u ND2 1 
ATOM 126  N N   . GLY A 1 45  ? 13.938  -17.417 -14.336 1.00 18.35 ? 42  GLY u N   1 
ATOM 127  C CA  . GLY A 1 45  ? 12.581  -17.037 -14.679 1.00 18.35 ? 42  GLY u CA  1 
ATOM 128  C C   . GLY A 1 45  ? 12.134  -15.698 -14.126 1.00 18.35 ? 42  GLY u C   1 
ATOM 129  O O   . GLY A 1 45  ? 11.006  -15.574 -13.649 1.00 18.35 ? 42  GLY u O   1 
ATOM 130  N N   . ILE A 1 46  ? 12.997  -14.689 -14.191 1.00 17.44 ? 43  ILE u N   1 
ATOM 131  C CA  . ILE A 1 46  ? 12.712  -13.387 -13.599 1.00 17.44 ? 43  ILE u CA  1 
ATOM 132  C C   . ILE A 1 46  ? 11.808  -12.588 -14.525 1.00 17.44 ? 43  ILE u C   1 
ATOM 133  O O   . ILE A 1 46  ? 12.163  -12.315 -15.676 1.00 17.44 ? 43  ILE u O   1 
ATOM 134  C CB  . ILE A 1 46  ? 14.012  -12.620 -13.314 1.00 17.44 ? 43  ILE u CB  1 
ATOM 135  C CG1 . ILE A 1 46  ? 14.890  -13.396 -12.334 1.00 17.44 ? 43  ILE u CG1 1 
ATOM 136  C CG2 . ILE A 1 46  ? 13.703  -11.227 -12.794 1.00 17.44 ? 43  ILE u CG2 1 
ATOM 137  C CD1 . ILE A 1 46  ? 14.370  -13.411 -10.927 1.00 17.44 ? 43  ILE u CD1 1 
ATOM 138  N N   . THR A 1 47  ? 10.641  -12.194 -14.021 1.00 12.84 ? 44  THR u N   1 
ATOM 139  C CA  . THR A 1 47  ? 9.739   -11.319 -14.760 1.00 12.84 ? 44  THR u CA  1 
ATOM 140  C C   . THR A 1 47  ? 9.363   -10.153 -13.861 1.00 12.84 ? 44  THR u C   1 
ATOM 141  O O   . THR A 1 47  ? 9.510   -10.231 -12.638 1.00 12.84 ? 44  THR u O   1 
ATOM 142  C CB  . THR A 1 47  ? 8.492   -12.076 -15.255 1.00 12.84 ? 44  THR u CB  1 
ATOM 143  O OG1 . THR A 1 47  ? 7.937   -11.407 -16.391 1.00 12.84 ? 44  THR u OG1 1 
ATOM 144  C CG2 . THR A 1 47  ? 7.427   -12.152 -14.188 1.00 12.84 ? 44  THR u CG2 1 
ATOM 145  N N   . ASN A 1 48  ? 8.917   -9.062  -14.472 1.00 11.66 ? 45  ASN u N   1 
ATOM 146  C CA  . ASN A 1 48  ? 8.511   -7.863  -13.752 1.00 11.66 ? 45  ASN u CA  1 
ATOM 147  C C   . ASN A 1 48  ? 7.101   -7.491  -14.189 1.00 11.66 ? 45  ASN u C   1 
ATOM 148  O O   . ASN A 1 48  ? 6.855   -7.286  -15.380 1.00 11.66 ? 45  ASN u O   1 
ATOM 149  C CB  . ASN A 1 48  ? 9.486   -6.718  -14.022 1.00 11.66 ? 45  ASN u CB  1 
ATOM 150  C CG  . ASN A 1 48  ? 10.701  -6.760  -13.117 1.00 11.66 ? 45  ASN u CG  1 
ATOM 151  O OD1 . ASN A 1 48  ? 10.641  -6.344  -11.967 1.00 11.66 ? 45  ASN u OD1 1 
ATOM 152  N ND2 . ASN A 1 48  ? 11.809  -7.257  -13.635 1.00 11.66 ? 45  ASN u ND2 1 
ATOM 153  N N   . LEU A 1 49  ? 6.180   -7.401  -13.239 1.00 8.52  ? 46  LEU u N   1 
ATOM 154  C CA  . LEU A 1 49  ? 4.777   -7.154  -13.537 1.00 8.52  ? 46  LEU u CA  1 
ATOM 155  C C   . LEU A 1 49  ? 4.217   -6.032  -12.671 1.00 8.52  ? 46  LEU u C   1 
ATOM 156  O O   . LEU A 1 49  ? 4.755   -5.682  -11.620 1.00 8.52  ? 46  LEU u O   1 
ATOM 157  C CB  . LEU A 1 49  ? 3.949   -8.428  -13.348 1.00 8.52  ? 46  LEU u CB  1 
ATOM 158  C CG  . LEU A 1 49  ? 4.190   -9.553  -14.352 1.00 8.52  ? 46  LEU u CG  1 
ATOM 159  C CD1 . LEU A 1 49  ? 3.485   -10.813 -13.906 1.00 8.52  ? 46  LEU u CD1 1 
ATOM 160  C CD2 . LEU A 1 49  ? 3.723   -9.142  -15.735 1.00 8.52  ? 46  LEU u CD2 1 
ATOM 161  N N   . ARG A 1 50  ? 3.102   -5.478  -13.135 1.00 7.54  ? 47  ARG u N   1 
ATOM 162  C CA  . ARG A 1 50  ? 2.434   -4.360  -12.478 1.00 7.54  ? 47  ARG u CA  1 
ATOM 163  C C   . ARG A 1 50  ? 0.998   -4.775  -12.180 1.00 7.54  ? 47  ARG u C   1 
ATOM 164  O O   . ARG A 1 50  ? 0.266   -5.163  -13.091 1.00 7.54  ? 47  ARG u O   1 
ATOM 165  C CB  . ARG A 1 50  ? 2.486   -3.108  -13.353 1.00 7.54  ? 47  ARG u CB  1 
ATOM 166  C CG  . ARG A 1 50  ? 1.943   -1.867  -12.707 1.00 7.54  ? 47  ARG u CG  1 
ATOM 167  C CD  . ARG A 1 50  ? 1.649   -0.770  -13.708 1.00 7.54  ? 47  ARG u CD  1 
ATOM 168  N NE  . ARG A 1 50  ? 0.628   -1.168  -14.668 1.00 7.54  ? 47  ARG u NE  1 
ATOM 169  C CZ  . ARG A 1 50  ? 0.374   -0.527  -15.803 1.00 7.54  ? 47  ARG u CZ  1 
ATOM 170  N NH1 . ARG A 1 50  ? 1.067   0.554   -16.126 1.00 7.54  ? 47  ARG u NH1 1 
ATOM 171  N NH2 . ARG A 1 50  ? -0.568  -0.974  -16.618 1.00 7.54  ? 47  ARG u NH2 1 
ATOM 172  N N   . LEU A 1 51  ? 0.598   -4.700  -10.915 1.00 8.23  ? 48  LEU u N   1 
ATOM 173  C CA  . LEU A 1 51  ? -0.741  -5.076  -10.482 1.00 8.23  ? 48  LEU u CA  1 
ATOM 174  C C   . LEU A 1 51  ? -1.434  -3.904  -9.799  1.00 8.23  ? 48  LEU u C   1 
ATOM 175  O O   . LEU A 1 51  ? -0.841  -3.207  -8.976  1.00 8.23  ? 48  LEU u O   1 
ATOM 176  C CB  . LEU A 1 51  ? -0.695  -6.267  -9.526  1.00 8.23  ? 48  LEU u CB  1 
ATOM 177  C CG  . LEU A 1 51  ? 0.081   -7.509  -9.954  1.00 8.23  ? 48  LEU u CG  1 
ATOM 178  C CD1 . LEU A 1 51  ? 0.468   -8.286  -8.719  1.00 8.23  ? 48  LEU u CD1 1 
ATOM 179  C CD2 . LEU A 1 51  ? -0.757  -8.360  -10.886 1.00 8.23  ? 48  LEU u CD2 1 
ATOM 180  N N   . THR A 1 52  ? -2.709  -3.711  -10.127 1.00 10.25 ? 49  THR u N   1 
ATOM 181  C CA  . THR A 1 52  ? -3.446  -2.526  -9.710  1.00 10.25 ? 49  THR u CA  1 
ATOM 182  C C   . THR A 1 52  ? -4.826  -2.911  -9.191  1.00 10.25 ? 49  THR u C   1 
ATOM 183  O O   . THR A 1 52  ? -5.478  -3.790  -9.761  1.00 10.25 ? 49  THR u O   1 
ATOM 184  C CB  . THR A 1 52  ? -3.560  -1.532  -10.882 1.00 10.25 ? 49  THR u CB  1 
ATOM 185  O OG1 . THR A 1 52  ? -2.266  -1.322  -11.460 1.00 10.25 ? 49  THR u OG1 1 
ATOM 186  C CG2 . THR A 1 52  ? -4.091  -0.200  -10.425 1.00 10.25 ? 49  THR u CG2 1 
ATOM 187  N N   . ARG A 1 53  ? -5.262  -2.266  -8.108  1.00 14.16 ? 50  ARG u N   1 
ATOM 188  C CA  . ARG A 1 53  ? -6.621  -2.392  -7.597  1.00 14.16 ? 50  ARG u CA  1 
ATOM 189  C C   . ARG A 1 53  ? -7.086  -1.044  -7.054  1.00 14.16 ? 50  ARG u C   1 
ATOM 190  O O   . ARG A 1 53  ? -6.286  -0.136  -6.826  1.00 14.16 ? 50  ARG u O   1 
ATOM 191  C CB  . ARG A 1 53  ? -6.720  -3.467  -6.510  1.00 14.16 ? 50  ARG u CB  1 
ATOM 192  C CG  . ARG A 1 53  ? -6.243  -3.027  -5.151  1.00 14.16 ? 50  ARG u CG  1 
ATOM 193  C CD  . ARG A 1 53  ? -6.074  -4.201  -4.226  1.00 14.16 ? 50  ARG u CD  1 
ATOM 194  N NE  . ARG A 1 53  ? -6.064  -3.798  -2.823  1.00 14.16 ? 50  ARG u NE  1 
ATOM 195  C CZ  . ARG A 1 53  ? -7.140  -3.782  -2.048  1.00 14.16 ? 50  ARG u CZ  1 
ATOM 196  N NH1 . ARG A 1 53  ? -7.047  -3.405  -0.784  1.00 14.16 ? 50  ARG u NH1 1 
ATOM 197  N NH2 . ARG A 1 53  ? -8.314  -4.143  -2.538  1.00 14.16 ? 50  ARG u NH2 1 
ATOM 198  N N   . GLN A 1 54  ? -8.399  -0.923  -6.853  1.00 14.87 ? 51  GLN u N   1 
ATOM 199  C CA  . GLN A 1 54  ? -9.014  0.294   -6.338  1.00 14.87 ? 51  GLN u CA  1 
ATOM 200  C C   . GLN A 1 54  ? -9.884  -0.022  -5.133  1.00 14.87 ? 51  GLN u C   1 
ATOM 201  O O   . GLN A 1 54  ? -10.456 -1.108  -5.034  1.00 14.87 ? 51  GLN u O   1 
ATOM 202  C CB  . GLN A 1 54  ? -9.891  0.984   -7.386  1.00 14.87 ? 51  GLN u CB  1 
ATOM 203  C CG  . GLN A 1 54  ? -9.255  1.177   -8.723  1.00 14.87 ? 51  GLN u CG  1 
ATOM 204  C CD  . GLN A 1 54  ? -10.034 2.129   -9.590  1.00 14.87 ? 51  GLN u CD  1 
ATOM 205  O OE1 . GLN A 1 54  ? -11.147 1.830   -10.018 1.00 14.87 ? 51  GLN u OE1 1 
ATOM 206  N NE2 . GLN A 1 54  ? -9.456  3.290   -9.851  1.00 14.87 ? 51  GLN u NE2 1 
ATOM 207  N N   . VAL A 1 55  ? -9.978  0.942   -4.212  1.00 13.38 ? 52  VAL u N   1 
ATOM 208  C CA  . VAL A 1 55  ? -10.944 0.912   -3.116  1.00 13.38 ? 52  VAL u CA  1 
ATOM 209  C C   . VAL A 1 55  ? -11.548 2.303   -2.982  1.00 13.38 ? 52  VAL u C   1 
ATOM 210  O O   . VAL A 1 55  ? -11.078 3.269   -3.587  1.00 13.38 ? 52  VAL u O   1 
ATOM 211  C CB  . VAL A 1 55  ? -10.345 0.479   -1.749  1.00 13.38 ? 52  VAL u CB  1 
ATOM 212  C CG1 . VAL A 1 55  ? -9.721  -0.912  -1.807  1.00 13.38 ? 52  VAL u CG1 1 
ATOM 213  C CG2 . VAL A 1 55  ? -9.348  1.510   -1.247  1.00 13.38 ? 52  VAL u CG2 1 
ATOM 214  N N   . GLU A 1 56  ? -12.595 2.401   -2.172  1.00 15.97 ? 53  GLU u N   1 
ATOM 215  C CA  . GLU A 1 56  ? -13.250 3.666   -1.869  1.00 15.97 ? 53  GLU u CA  1 
ATOM 216  C C   . GLU A 1 56  ? -12.978 4.039   -0.418  1.00 15.97 ? 53  GLU u C   1 
ATOM 217  O O   . GLU A 1 56  ? -12.989 3.174   0.461   1.00 15.97 ? 53  GLU u O   1 
ATOM 218  C CB  . GLU A 1 56  ? -14.754 3.574   -2.136  1.00 15.97 ? 53  GLU u CB  1 
ATOM 219  C CG  . GLU A 1 56  ? -15.429 4.907   -2.450  1.00 15.97 ? 53  GLU u CG  1 
ATOM 220  C CD  . GLU A 1 56  ? -14.985 5.531   -3.769  1.00 15.97 ? 53  GLU u CD  1 
ATOM 221  O OE1 . GLU A 1 56  ? -14.538 4.802   -4.681  1.00 15.97 ? 53  GLU u OE1 1 
ATOM 222  O OE2 . GLU A 1 56  ? -15.091 6.766   -3.900  1.00 15.97 ? 53  GLU u OE2 1 
ATOM 223  N N   . LEU A 1 57  ? -12.721 5.322   -0.175  1.00 16.71 ? 54  LEU u N   1 
ATOM 224  C CA  . LEU A 1 57  ? -12.383 5.821   1.154   1.00 16.71 ? 54  LEU u CA  1 
ATOM 225  C C   . LEU A 1 57  ? -13.399 6.884   1.562   1.00 16.71 ? 54  LEU u C   1 
ATOM 226  O O   . LEU A 1 57  ? -13.573 7.889   0.868   1.00 16.71 ? 54  LEU u O   1 
ATOM 227  C CB  . LEU A 1 57  ? -10.965 6.382   1.177   1.00 16.71 ? 54  LEU u CB  1 
ATOM 228  C CG  . LEU A 1 57  ? -10.586 7.244   2.383   1.00 16.71 ? 54  LEU u CG  1 
ATOM 229  C CD1 . LEU A 1 57  ? -10.543 6.419   3.650   1.00 16.71 ? 54  LEU u CD1 1 
ATOM 230  C CD2 . LEU A 1 57  ? -9.261  7.925   2.152   1.00 16.71 ? 54  LEU u CD2 1 
ATOM 231  N N   . TRP A 1 58  ? -14.048 6.672   2.701   1.00 23.56 ? 55  TRP u N   1 
ATOM 232  C CA  . TRP A 1 58  ? -15.078 7.575   3.202   1.00 23.56 ? 55  TRP u CA  1 
ATOM 233  C C   . TRP A 1 58  ? -14.551 8.337   4.410   1.00 23.56 ? 55  TRP u C   1 
ATOM 234  O O   . TRP A 1 58  ? -14.118 7.731   5.394   1.00 23.56 ? 55  TRP u O   1 
ATOM 235  C CB  . TRP A 1 58  ? -16.335 6.800   3.576   1.00 23.56 ? 55  TRP u CB  1 
ATOM 236  C CG  . TRP A 1 58  ? -17.273 6.606   2.457   1.00 23.56 ? 55  TRP u CG  1 
ATOM 237  C CD1 . TRP A 1 58  ? -17.435 5.481   1.714   1.00 23.56 ? 55  TRP u CD1 1 
ATOM 238  C CD2 . TRP A 1 58  ? -18.209 7.560   1.956   1.00 23.56 ? 55  TRP u CD2 1 
ATOM 239  N NE1 . TRP A 1 58  ? -18.410 5.674   0.770   1.00 23.56 ? 55  TRP u NE1 1 
ATOM 240  C CE2 . TRP A 1 58  ? -18.908 6.942   0.904   1.00 23.56 ? 55  TRP u CE2 1 
ATOM 241  C CE3 . TRP A 1 58  ? -18.528 8.878   2.297   1.00 23.56 ? 55  TRP u CE3 1 
ATOM 242  C CZ2 . TRP A 1 58  ? -19.896 7.599   0.181   1.00 23.56 ? 55  TRP u CZ2 1 
ATOM 243  C CZ3 . TRP A 1 58  ? -19.510 9.527   1.579   1.00 23.56 ? 55  TRP u CZ3 1 
ATOM 244  C CH2 . TRP A 1 58  ? -20.187 8.886   0.539   1.00 23.56 ? 55  TRP u CH2 1 
ATOM 245  N N   . VAL A 1 59  ? -14.594 9.659   4.337   1.00 24.39 ? 56  VAL u N   1 
ATOM 246  C CA  . VAL A 1 59  ? -14.316 10.526  5.478   1.00 24.39 ? 56  VAL u CA  1 
ATOM 247  C C   . VAL A 1 59  ? -15.653 11.034  6.003   1.00 24.39 ? 56  VAL u C   1 
ATOM 248  O O   . VAL A 1 59  ? -16.408 11.647  5.239   1.00 24.39 ? 56  VAL u O   1 
ATOM 249  C CB  . VAL A 1 59  ? -13.393 11.692  5.097   1.00 24.39 ? 56  VAL u CB  1 
ATOM 250  C CG1 . VAL A 1 59  ? -13.112 12.555  6.310   1.00 24.39 ? 56  VAL u CG1 1 
ATOM 251  C CG2 . VAL A 1 59  ? -12.102 11.163  4.524   1.00 24.39 ? 56  VAL u CG2 1 
ATOM 252  N N   . PRO A 1 60  ? -15.995 10.784  7.257   1.00 28.75 ? 57  PRO u N   1 
ATOM 253  C CA  . PRO A 1 60  ? -17.308 11.179  7.772   1.00 28.75 ? 57  PRO u CA  1 
ATOM 254  C C   . PRO A 1 60  ? -17.378 12.672  8.078   1.00 28.75 ? 57  PRO u C   1 
ATOM 255  O O   . PRO A 1 60  ? -16.402 13.411  7.980   1.00 28.75 ? 57  PRO u O   1 
ATOM 256  C CB  . PRO A 1 60  ? -17.454 10.338  9.042   1.00 28.75 ? 57  PRO u CB  1 
ATOM 257  C CG  . PRO A 1 60  ? -16.068 10.013  9.448   1.00 28.75 ? 57  PRO u CG  1 
ATOM 258  C CD  . PRO A 1 60  ? -15.272 9.903   8.190   1.00 28.75 ? 57  PRO u CD  1 
ATOM 259  N N   . LYS A 1 61  ? -18.577 13.102  8.448   1.00 36.76 ? 58  LYS u N   1 
ATOM 260  C CA  . LYS A 1 61  ? -18.914 14.463  8.828   1.00 36.76 ? 58  LYS u CA  1 
ATOM 261  C C   . LYS A 1 61  ? -18.351 14.794  10.209  1.00 36.76 ? 58  LYS u C   1 
ATOM 262  O O   . LYS A 1 61  ? -18.215 13.927  11.073  1.00 36.76 ? 58  LYS u O   1 
ATOM 263  C CB  . LYS A 1 61  ? -20.436 14.623  8.842   1.00 36.76 ? 58  LYS u CB  1 
ATOM 264  C CG  . LYS A 1 61  ? -20.962 16.051  8.771   1.00 36.76 ? 58  LYS u CG  1 
ATOM 265  C CD  . LYS A 1 61  ? -22.490 16.085  8.696   1.00 36.76 ? 58  LYS u CD  1 
ATOM 266  C CE  . LYS A 1 61  ? -23.044 15.345  7.474   1.00 36.76 ? 58  LYS u CE  1 
ATOM 267  N NZ  . LYS A 1 61  ? -22.253 15.541  6.224   1.00 36.76 ? 58  LYS u NZ  1 
ATOM 268  N N   . ASP A 1 62  ? -18.025 16.073  10.415  1.00 40.96 ? 59  ASP u N   1 
ATOM 269  C CA  . ASP A 1 62  ? -17.759 16.557  11.771  1.00 40.96 ? 59  ASP u CA  1 
ATOM 270  C C   . ASP A 1 62  ? -18.336 17.965  11.910  1.00 40.96 ? 59  ASP u C   1 
ATOM 271  O O   . ASP A 1 62  ? -17.994 18.861  11.135  1.00 40.96 ? 59  ASP u O   1 
ATOM 272  C CB  . ASP A 1 62  ? -16.277 16.535  12.100  1.00 40.96 ? 59  ASP u CB  1 
ATOM 273  C CG  . ASP A 1 62  ? -16.010 16.822  13.562  1.00 40.96 ? 59  ASP u CG  1 
ATOM 274  O OD1 . ASP A 1 62  ? -16.949 16.672  14.375  1.00 40.96 ? 59  ASP u OD1 1 
ATOM 275  O OD2 . ASP A 1 62  ? -14.873 17.202  13.899  1.00 40.96 ? 59  ASP u OD2 1 
ATOM 276  N N   . ALA A 1 63  ? -19.185 18.150  12.915  1.00 43.35 ? 60  ALA u N   1 
ATOM 277  C CA  . ALA A 1 63  ? -19.793 19.447  13.204  1.00 43.35 ? 60  ALA u CA  1 
ATOM 278  C C   . ALA A 1 63  ? -18.959 20.182  14.248  1.00 43.35 ? 60  ALA u C   1 
ATOM 279  O O   . ALA A 1 63  ? -18.892 19.765  15.409  1.00 43.35 ? 60  ALA u O   1 
ATOM 280  C CB  . ALA A 1 63  ? -21.230 19.269  13.676  1.00 43.35 ? 60  ALA u CB  1 
ATOM 281  N N   . ALA A 1 64  ? -18.283 21.252  13.805  1.00 41.98 ? 61  ALA u N   1 
ATOM 282  C CA  . ALA A 1 64  ? -17.721 22.306  14.662  1.00 41.98 ? 61  ALA u CA  1 
ATOM 283  C C   . ALA A 1 64  ? -16.586 21.812  15.561  1.00 41.98 ? 61  ALA u C   1 
ATOM 284  O O   . ALA A 1 64  ? -16.432 22.258  16.700  1.00 41.98 ? 61  ALA u O   1 
ATOM 285  C CB  . ALA A 1 64  ? -18.815 22.984  15.497  1.00 41.98 ? 61  ALA u CB  1 
ATOM 286  N N   . ASN A 1 65  ? -15.780 20.888  15.046  1.00 42.21 ? 62  ASN u N   1 
ATOM 287  C CA  . ASN A 1 65  ? -14.530 20.538  15.709  1.00 42.21 ? 62  ASN u CA  1 
ATOM 288  C C   . ASN A 1 65  ? -13.334 20.427  14.775  1.00 42.21 ? 62  ASN u C   1 
ATOM 289  O O   . ASN A 1 65  ? -12.208 20.639  15.241  1.00 42.21 ? 62  ASN u O   1 
ATOM 290  C CB  . ASN A 1 65  ? -14.673 19.222  16.488  1.00 42.21 ? 62  ASN u CB  1 
ATOM 291  C CG  . ASN A 1 65  ? -15.606 19.344  17.678  1.00 42.21 ? 62  ASN u CG  1 
ATOM 292  O OD1 . ASN A 1 65  ? -16.404 18.447  17.954  1.00 42.21 ? 62  ASN u OD1 1 
ATOM 293  N ND2 . ASN A 1 65  ? -15.515 20.465  18.388  1.00 42.21 ? 62  ASN u ND2 1 
ATOM 294  N N   . ALA A 1 66  ? -13.547 20.144  13.481  1.00 35.07 ? 63  ALA u N   1 
ATOM 295  C CA  . ALA A 1 66  ? -12.493 19.905  12.482  1.00 35.07 ? 63  ALA u CA  1 
ATOM 296  C C   . ALA A 1 66  ? -11.500 18.837  12.945  1.00 35.07 ? 63  ALA u C   1 
ATOM 297  O O   . ALA A 1 66  ? -10.286 19.036  12.941  1.00 35.07 ? 63  ALA u O   1 
ATOM 298  C CB  . ALA A 1 66  ? -11.773 21.204  12.095  1.00 35.07 ? 63  ALA u CB  1 
ATOM 299  N N   . SER A 1 67  ? -12.036 17.685  13.341  1.00 31.14 ? 64  SER u N   1 
ATOM 300  C CA  . SER A 1 67  ? -11.236 16.568  13.813  1.00 31.14 ? 64  SER u CA  1 
ATOM 301  C C   . SER A 1 67  ? -10.511 15.895  12.648  1.00 31.14 ? 64  SER u C   1 
ATOM 302  O O   . SER A 1 67  ? -10.650 16.273  11.483  1.00 31.14 ? 64  SER u O   1 
ATOM 303  C CB  . SER A 1 67  ? -12.115 15.566  14.556  1.00 31.14 ? 64  SER u CB  1 
ATOM 304  O OG  . SER A 1 67  ? -11.353 14.469  15.014  1.00 31.14 ? 64  SER u OG  1 
ATOM 305  N N   . PHE A 1 68  ? -9.729  14.870  12.962  1.00 22.83 ? 65  PHE u N   1 
ATOM 306  C CA  . PHE A 1 68  ? -8.950  14.173  11.958  1.00 22.83 ? 65  PHE u CA  1 
ATOM 307  C C   . PHE A 1 68  ? -9.415  12.731  11.831  1.00 22.83 ? 65  PHE u C   1 
ATOM 308  O O   . PHE A 1 68  ? -9.666  12.046  12.824  1.00 22.83 ? 65  PHE u O   1 
ATOM 309  C CB  . PHE A 1 68  ? -7.456  14.215  12.284  1.00 22.83 ? 65  PHE u CB  1 
ATOM 310  C CG  . PHE A 1 68  ? -6.817  15.538  12.006  1.00 22.83 ? 65  PHE u CG  1 
ATOM 311  C CD1 . PHE A 1 68  ? -6.175  15.773  10.800  1.00 22.83 ? 65  PHE u CD1 1 
ATOM 312  C CD2 . PHE A 1 68  ? -6.867  16.554  12.947  1.00 22.83 ? 65  PHE u CD2 1 
ATOM 313  C CE1 . PHE A 1 68  ? -5.584  16.992  10.546  1.00 22.83 ? 65  PHE u CE1 1 
ATOM 314  C CE2 . PHE A 1 68  ? -6.277  17.773  12.699  1.00 22.83 ? 65  PHE u CE2 1 
ATOM 315  C CZ  . PHE A 1 68  ? -5.637  17.994  11.499  1.00 22.83 ? 65  PHE u CZ  1 
ATOM 316  N N   . TYR A 1 69  ? -9.533  12.278  10.589  1.00 20.93 ? 66  TYR u N   1 
ATOM 317  C CA  . TYR A 1 69  ? -9.841  10.886  10.281  1.00 20.93 ? 66  TYR u CA  1 
ATOM 318  C C   . TYR A 1 69  ? -8.515  10.168  10.066  1.00 20.93 ? 66  TYR u C   1 
ATOM 319  O O   . TYR A 1 69  ? -7.828  10.402  9.070   1.00 20.93 ? 66  TYR u O   1 
ATOM 320  C CB  . TYR A 1 69  ? -10.739 10.772  9.057   1.00 20.93 ? 66  TYR u CB  1 
ATOM 321  C CG  . TYR A 1 69  ? -11.164 9.359   8.765   1.00 20.93 ? 66  TYR u CG  1 
ATOM 322  C CD1 . TYR A 1 69  ? -11.836 8.610   9.719   1.00 20.93 ? 66  TYR u CD1 1 
ATOM 323  C CD2 . TYR A 1 69  ? -10.890 8.772   7.539   1.00 20.93 ? 66  TYR u CD2 1 
ATOM 324  C CE1 . TYR A 1 69  ? -12.225 7.315   9.462   1.00 20.93 ? 66  TYR u CE1 1 
ATOM 325  C CE2 . TYR A 1 69  ? -11.275 7.474   7.270   1.00 20.93 ? 66  TYR u CE2 1 
ATOM 326  C CZ  . TYR A 1 69  ? -11.941 6.752   8.234   1.00 20.93 ? 66  TYR u CZ  1 
ATOM 327  O OH  . TYR A 1 69  ? -12.328 5.461   7.972   1.00 20.93 ? 66  TYR u OH  1 
ATOM 328  N N   . VAL A 1 70  ? -8.162  9.286   10.990  1.00 18.41 ? 67  VAL u N   1 
ATOM 329  C CA  . VAL A 1 70  ? -6.878  8.602   10.976  1.00 18.41 ? 67  VAL u CA  1 
ATOM 330  C C   . VAL A 1 70  ? -7.108  7.135   10.652  1.00 18.41 ? 67  VAL u C   1 
ATOM 331  O O   . VAL A 1 70  ? -7.855  6.445   11.356  1.00 18.41 ? 67  VAL u O   1 
ATOM 332  C CB  . VAL A 1 70  ? -6.154  8.766   12.322  1.00 18.41 ? 67  VAL u CB  1 
ATOM 333  C CG1 . VAL A 1 70  ? -4.752  8.220   12.236  1.00 18.41 ? 67  VAL u CG1 1 
ATOM 334  C CG2 . VAL A 1 70  ? -6.142  10.226  12.735  1.00 18.41 ? 67  VAL u CG2 1 
ATOM 335  N N   . ASN A 1 71  ? -6.474  6.659   9.587   1.00 16.01 ? 68  ASN u N   1 
ATOM 336  C CA  . ASN A 1 71  ? -6.536  5.254   9.222   1.00 16.01 ? 68  ASN u CA  1 
ATOM 337  C C   . ASN A 1 71  ? -5.226  4.880   8.537   1.00 16.01 ? 68  ASN u C   1 
ATOM 338  O O   . ASN A 1 71  ? -4.297  5.687   8.457   1.00 16.01 ? 68  ASN u O   1 
ATOM 339  C CB  . ASN A 1 71  ? -7.761  4.982   8.346   1.00 16.01 ? 68  ASN u CB  1 
ATOM 340  C CG  . ASN A 1 71  ? -8.306  3.591   8.535   1.00 16.01 ? 68  ASN u CG  1 
ATOM 341  O OD1 . ASN A 1 71  ? -8.457  3.116   9.659   1.00 16.01 ? 68  ASN u OD1 1 
ATOM 342  N ND2 . ASN A 1 71  ? -8.579  2.913   7.429   1.00 16.01 ? 68  ASN u ND2 1 
ATOM 343  N N   . HIS A 1 72  ? -5.146  3.651   8.040   1.00 14.41 ? 69  HIS u N   1 
ATOM 344  C CA  . HIS A 1 72  ? -3.923  3.183   7.409   1.00 14.41 ? 69  HIS u CA  1 
ATOM 345  C C   . HIS A 1 72  ? -4.256  2.152   6.341   1.00 14.41 ? 69  HIS u C   1 
ATOM 346  O O   . HIS A 1 72  ? -5.386  1.675   6.234   1.00 14.41 ? 69  HIS u O   1 
ATOM 347  C CB  . HIS A 1 72  ? -2.959  2.602   8.438   1.00 14.41 ? 69  HIS u CB  1 
ATOM 348  C CG  . HIS A 1 72  ? -3.485  1.399   9.155   1.00 14.41 ? 69  HIS u CG  1 
ATOM 349  N ND1 . HIS A 1 72  ? -3.242  0.113   8.728   1.00 14.41 ? 69  HIS u ND1 1 
ATOM 350  C CD2 . HIS A 1 72  ? -4.225  1.286   10.281  1.00 14.41 ? 69  HIS u CD2 1 
ATOM 351  C CE1 . HIS A 1 72  ? -3.816  -0.739  9.556   1.00 14.41 ? 69  HIS u CE1 1 
ATOM 352  N NE2 . HIS A 1 72  ? -4.420  -0.053  10.507  1.00 14.41 ? 69  HIS u NE2 1 
ATOM 353  N N   . TYR A 1 73  ? -3.242  1.820   5.548   1.00 12.88 ? 70  TYR u N   1 
ATOM 354  C CA  . TYR A 1 73  ? -3.347  0.803   4.510   1.00 12.88 ? 70  TYR u CA  1 
ATOM 355  C C   . TYR A 1 73  ? -2.128  -0.096  4.586   1.00 12.88 ? 70  TYR u C   1 
ATOM 356  O O   . TYR A 1 73  ? -1.005  0.393   4.730   1.00 12.88 ? 70  TYR u O   1 
ATOM 357  C CB  . TYR A 1 73  ? -3.434  1.429   3.118   1.00 12.88 ? 70  TYR u CB  1 
ATOM 358  C CG  . TYR A 1 73  ? -4.761  2.045   2.769   1.00 12.88 ? 70  TYR u CG  1 
ATOM 359  C CD1 . TYR A 1 73  ? -5.947  1.349   2.954   1.00 12.88 ? 70  TYR u CD1 1 
ATOM 360  C CD2 . TYR A 1 73  ? -4.825  3.321   2.228   1.00 12.88 ? 70  TYR u CD2 1 
ATOM 361  C CE1 . TYR A 1 73  ? -7.157  1.913   2.620   1.00 12.88 ? 70  TYR u CE1 1 
ATOM 362  C CE2 . TYR A 1 73  ? -6.032  3.891   1.891   1.00 12.88 ? 70  TYR u CE2 1 
ATOM 363  C CZ  . TYR A 1 73  ? -7.193  3.183   2.090   1.00 12.88 ? 70  TYR u CZ  1 
ATOM 364  O OH  . TYR A 1 73  ? -8.393  3.752   1.754   1.00 12.88 ? 70  TYR u OH  1 
ATOM 365  N N   . THR A 1 74  ? -2.347  -1.399  4.482   1.00 12.26 ? 71  THR u N   1 
ATOM 366  C CA  . THR A 1 74  ? -1.295  -2.361  4.197   1.00 12.26 ? 71  THR u CA  1 
ATOM 367  C C   . THR A 1 74  ? -1.624  -3.081  2.896   1.00 12.26 ? 71  THR u C   1 
ATOM 368  O O   . THR A 1 74  ? -2.728  -2.962  2.364   1.00 12.26 ? 71  THR u O   1 
ATOM 369  C CB  . THR A 1 74  ? -1.121  -3.367  5.342   1.00 12.26 ? 71  THR u CB  1 
ATOM 370  O OG1 . THR A 1 74  ? -2.384  -3.953  5.667   1.00 12.26 ? 71  THR u OG1 1 
ATOM 371  C CG2 . THR A 1 74  ? -0.546  -2.686  6.570   1.00 12.26 ? 71  THR u CG2 1 
ATOM 372  N N   . PHE A 1 75  ? -0.653  -3.825  2.377   1.00 11.58 ? 72  PHE u N   1 
ATOM 373  C CA  . PHE A 1 75  ? -0.766  -4.447  1.061   1.00 11.58 ? 72  PHE u CA  1 
ATOM 374  C C   . PHE A 1 75  ? -0.548  -5.949  1.174   1.00 11.58 ? 72  PHE u C   1 
ATOM 375  O O   . PHE A 1 75  ? 0.510   -6.404  1.617   1.00 11.58 ? 72  PHE u O   1 
ATOM 376  C CB  . PHE A 1 75  ? 0.221   -3.826  0.078   1.00 11.58 ? 72  PHE u CB  1 
ATOM 377  C CG  . PHE A 1 75  ? 0.379   -2.350  0.238   1.00 11.58 ? 72  PHE u CG  1 
ATOM 378  C CD1 . PHE A 1 75  ? -0.676  -1.491  -0.035  1.00 11.58 ? 72  PHE u CD1 1 
ATOM 379  C CD2 . PHE A 1 75  ? 1.575   -1.818  0.677   1.00 11.58 ? 72  PHE u CD2 1 
ATOM 380  C CE1 . PHE A 1 75  ? -0.534  -0.131  0.121   1.00 11.58 ? 72  PHE u CE1 1 
ATOM 381  C CE2 . PHE A 1 75  ? 1.721   -0.458  0.826   1.00 11.58 ? 72  PHE u CE2 1 
ATOM 382  C CZ  . PHE A 1 75  ? 0.667   0.386   0.554   1.00 11.58 ? 72  PHE u CZ  1 
ATOM 383  N N   . ASP A 1 76  ? -1.556  -6.712  0.775   1.00 18.17 ? 73  ASP u N   1 
ATOM 384  C CA  . ASP A 1 76  ? -1.452  -8.153  0.629   1.00 18.17 ? 73  ASP u CA  1 
ATOM 385  C C   . ASP A 1 76  ? -1.607  -8.502  -0.840  1.00 18.17 ? 73  ASP u C   1 
ATOM 386  O O   . ASP A 1 76  ? -2.380  -7.867  -1.561  1.00 18.17 ? 73  ASP u O   1 
ATOM 387  C CB  . ASP A 1 76  ? -2.517  -8.874  1.459   1.00 18.17 ? 73  ASP u CB  1 
ATOM 388  C CG  . ASP A 1 76  ? -2.205  -10.348 1.668   1.00 18.17 ? 73  ASP u CG  1 
ATOM 389  O OD1 . ASP A 1 76  ? -2.084  -11.094 0.680   1.00 18.17 ? 73  ASP u OD1 1 
ATOM 390  O OD2 . ASP A 1 76  ? -2.078  -10.774 2.828   1.00 18.17 ? 73  ASP u OD2 1 
ATOM 391  N N   . LEU A 1 77  ? -0.882  -9.527  -1.275  1.00 18.28 ? 74  LEU u N   1 
ATOM 392  C CA  . LEU A 1 77  ? -0.942  -9.959  -2.664  1.00 18.28 ? 74  LEU u CA  1 
ATOM 393  C C   . LEU A 1 77  ? -2.242  -10.691 -2.988  1.00 18.28 ? 74  LEU u C   1 
ATOM 394  O O   . LEU A 1 77  ? -2.568  -10.850 -4.168  1.00 18.28 ? 74  LEU u O   1 
ATOM 395  C CB  . LEU A 1 77  ? 0.271   -10.840 -2.960  1.00 18.28 ? 74  LEU u CB  1 
ATOM 396  C CG  . LEU A 1 77  ? 0.810   -10.995 -4.378  1.00 18.28 ? 74  LEU u CG  1 
ATOM 397  C CD1 . LEU A 1 77  ? 1.255   -9.654  -4.920  1.00 18.28 ? 74  LEU u CD1 1 
ATOM 398  C CD2 . LEU A 1 77  ? 1.969   -11.965 -4.380  1.00 18.28 ? 74  LEU u CD2 1 
ATOM 399  N N   . ASP A 1 78  ? -2.998  -11.120 -1.971  1.00 21.54 ? 75  ASP u N   1 
ATOM 400  C CA  . ASP A 1 78  ? -4.275  -11.795 -2.184  1.00 21.54 ? 75  ASP u CA  1 
ATOM 401  C C   . ASP A 1 78  ? -5.367  -10.864 -2.704  1.00 21.54 ? 75  ASP u C   1 
ATOM 402  O O   . ASP A 1 78  ? -6.301  -11.337 -3.357  1.00 21.54 ? 75  ASP u O   1 
ATOM 403  C CB  . ASP A 1 78  ? -4.759  -12.450 -0.892  1.00 21.54 ? 75  ASP u CB  1 
ATOM 404  C CG  . ASP A 1 78  ? -3.814  -13.520 -0.384  1.00 21.54 ? 75  ASP u CG  1 
ATOM 405  O OD1 . ASP A 1 78  ? -3.594  -13.579 0.841   1.00 21.54 ? 75  ASP u OD1 1 
ATOM 406  O OD2 . ASP A 1 78  ? -3.300  -14.304 -1.206  1.00 21.54 ? 75  ASP u OD2 1 
ATOM 407  N N   . ASP A 1 79  ? -5.288  -9.564  -2.419  1.00 19.70 ? 76  ASP u N   1 
ATOM 408  C CA  . ASP A 1 79  ? -6.273  -8.627  -2.943  1.00 19.70 ? 76  ASP u CA  1 
ATOM 409  C C   . ASP A 1 79  ? -6.063  -8.317  -4.417  1.00 19.70 ? 76  ASP u C   1 
ATOM 410  O O   . ASP A 1 79  ? -7.027  -7.982  -5.109  1.00 19.70 ? 76  ASP u O   1 
ATOM 411  C CB  . ASP A 1 79  ? -6.241  -7.318  -2.154  1.00 19.70 ? 76  ASP u CB  1 
ATOM 412  C CG  . ASP A 1 79  ? -6.726  -7.482  -0.733  1.00 19.70 ? 76  ASP u CG  1 
ATOM 413  O OD1 . ASP A 1 79  ? -5.926  -7.252  0.195   1.00 19.70 ? 76  ASP u OD1 1 
ATOM 414  O OD2 . ASP A 1 79  ? -7.905  -7.841  -0.541  1.00 19.70 ? 76  ASP u OD2 1 
ATOM 415  N N   . PHE A 1 80  ? -4.832  -8.422  -4.904  1.00 14.22 ? 77  PHE u N   1 
ATOM 416  C CA  . PHE A 1 80  ? -4.486  -8.049  -6.266  1.00 14.22 ? 77  PHE u CA  1 
ATOM 417  C C   . PHE A 1 80  ? -4.607  -9.204  -7.247  1.00 14.22 ? 77  PHE u C   1 
ATOM 418  O O   . PHE A 1 80  ? -4.785  -8.962  -8.445  1.00 14.22 ? 77  PHE u O   1 
ATOM 419  C CB  . PHE A 1 80  ? -3.050  -7.508  -6.321  1.00 14.22 ? 77  PHE u CB  1 
ATOM 420  C CG  . PHE A 1 80  ? -2.859  -6.180  -5.636  1.00 14.22 ? 77  PHE u CG  1 
ATOM 421  C CD1 . PHE A 1 80  ? -2.743  -5.021  -6.381  1.00 14.22 ? 77  PHE u CD1 1 
ATOM 422  C CD2 . PHE A 1 80  ? -2.764  -6.093  -4.252  1.00 14.22 ? 77  PHE u CD2 1 
ATOM 423  C CE1 . PHE A 1 80  ? -2.555  -3.806  -5.767  1.00 14.22 ? 77  PHE u CE1 1 
ATOM 424  C CE2 . PHE A 1 80  ? -2.582  -4.876  -3.630  1.00 14.22 ? 77  PHE u CE2 1 
ATOM 425  C CZ  . PHE A 1 80  ? -2.478  -3.733  -4.389  1.00 14.22 ? 77  PHE u CZ  1 
ATOM 426  N N   . ILE A 1 81  ? -4.516  -10.440 -6.772  1.00 17.60 ? 78  ILE u N   1 
ATOM 427  C CA  . ILE A 1 81  ? -4.525  -11.626 -7.616  1.00 17.60 ? 78  ILE u CA  1 
ATOM 428  C C   . ILE A 1 81  ? -5.712  -12.483 -7.199  1.00 17.60 ? 78  ILE u C   1 
ATOM 429  O O   . ILE A 1 81  ? -5.831  -12.823 -6.021  1.00 17.60 ? 78  ILE u O   1 
ATOM 430  C CB  . ILE A 1 81  ? -3.219  -12.434 -7.506  1.00 17.60 ? 78  ILE u CB  1 
ATOM 431  C CG1 . ILE A 1 81  ? -2.010  -11.546 -7.803  1.00 17.60 ? 78  ILE u CG1 1 
ATOM 432  C CG2 . ILE A 1 81  ? -3.252  -13.620 -8.434  1.00 17.60 ? 78  ILE u CG2 1 
ATOM 433  C CD1 . ILE A 1 81  ? -0.697  -12.246 -7.635  1.00 17.60 ? 78  ILE u CD1 1 
ATOM 434  N N   . PRO A 1 82  ? -6.603  -12.862 -8.119  1.00 20.77 ? 79  PRO u N   1 
ATOM 435  C CA  . PRO A 1 82  ? -7.751  -13.702 -7.748  1.00 20.77 ? 79  PRO u CA  1 
ATOM 436  C C   . PRO A 1 82  ? -7.362  -15.152 -7.494  1.00 20.77 ? 79  PRO u C   1 
ATOM 437  O O   . PRO A 1 82  ? -6.185  -15.504 -7.565  1.00 20.77 ? 79  PRO u O   1 
ATOM 438  C CB  . PRO A 1 82  ? -8.678  -13.588 -8.964  1.00 20.77 ? 79  PRO u CB  1 
ATOM 439  C CG  . PRO A 1 82  ? -8.125  -12.471 -9.788  1.00 20.77 ? 79  PRO u CG  1 
ATOM 440  C CD  . PRO A 1 82  ? -6.665  -12.454 -9.528  1.00 20.77 ? 79  PRO u CD  1 
ATOM 441  N N   . ALA A 1 83  ? -8.336  -16.006 -7.206  1.00 23.69 ? 80  ALA u N   1 
ATOM 442  C CA  . ALA A 1 83  ? -8.039  -17.416 -7.009  1.00 23.69 ? 80  ALA u CA  1 
ATOM 443  C C   . ALA A 1 83  ? -7.899  -18.129 -8.344  1.00 23.69 ? 80  ALA u C   1 
ATOM 444  O O   . ALA A 1 83  ? -8.574  -17.805 -9.323  1.00 23.69 ? 80  ALA u O   1 
ATOM 445  C CB  . ALA A 1 83  ? -9.118  -18.093 -6.165  1.00 23.69 ? 80  ALA u CB  1 
ATOM 446  N N   . GLY A 1 84  ? -7.002  -19.108 -8.378  1.00 27.36 ? 81  GLY u N   1 
ATOM 447  C CA  . GLY A 1 84  ? -6.784  -19.932 -9.541  1.00 27.36 ? 81  GLY u CA  1 
ATOM 448  C C   . GLY A 1 84  ? -7.570  -21.223 -9.482  1.00 27.36 ? 81  GLY u C   1 
ATOM 449  O O   . GLY A 1 84  ? -8.632  -21.312 -8.856  1.00 27.36 ? 81  GLY u O   1 
ATOM 450  N N   . THR A 1 85  ? -7.038  -22.242 -10.143 1.00 31.51 ? 82  THR u N   1 
ATOM 451  C CA  . THR A 1 85  ? -7.676  -23.542 -10.251 1.00 31.51 ? 82  THR u CA  1 
ATOM 452  C C   . THR A 1 85  ? -7.139  -24.488 -9.182  1.00 31.51 ? 82  THR u C   1 
ATOM 453  O O   . THR A 1 85  ? -6.310  -24.118 -8.343  1.00 31.51 ? 82  THR u O   1 
ATOM 454  C CB  . THR A 1 85  ? -7.459  -24.124 -11.649 1.00 31.51 ? 82  THR u CB  1 
ATOM 455  O OG1 . THR A 1 85  ? -6.084  -23.974 -12.020 1.00 31.51 ? 82  THR u OG1 1 
ATOM 456  C CG2 . THR A 1 85  ? -8.331  -23.424 -12.667 1.00 31.51 ? 82  THR u CG2 1 
ATOM 457  N N   . GLN A 1 86  ? -7.616  -25.732 -9.212  1.00 33.42 ? 83  GLN u N   1 
ATOM 458  C CA  . GLN A 1 86  ? -7.045  -26.782 -8.379  1.00 33.42 ? 83  GLN u CA  1 
ATOM 459  C C   . GLN A 1 86  ? -5.660  -27.179 -8.877  1.00 33.42 ? 83  GLN u C   1 
ATOM 460  O O   . GLN A 1 86  ? -4.755  -27.434 -8.075  1.00 33.42 ? 83  GLN u O   1 
ATOM 461  C CB  . GLN A 1 86  ? -7.995  -27.985 -8.353  1.00 33.42 ? 83  GLN u CB  1 
ATOM 462  C CG  . GLN A 1 86  ? -7.419  -29.276 -7.797  1.00 33.42 ? 83  GLN u CG  1 
ATOM 463  C CD  . GLN A 1 86  ? -7.650  -29.431 -6.308  1.00 33.42 ? 83  GLN u CD  1 
ATOM 464  O OE1 . GLN A 1 86  ? -7.538  -28.471 -5.547  1.00 33.42 ? 83  GLN u OE1 1 
ATOM 465  N NE2 . GLN A 1 86  ? -7.972  -30.646 -5.884  1.00 33.42 ? 83  GLN u NE2 1 
ATOM 466  N N   . LEU A 1 87  ? -5.471  -27.198 -10.198 1.00 29.14 ? 84  LEU u N   1 
ATOM 467  C CA  . LEU A 1 87  ? -4.184  -27.561 -10.782 1.00 29.14 ? 84  LEU u CA  1 
ATOM 468  C C   . LEU A 1 87  ? -3.148  -26.461 -10.571 1.00 29.14 ? 84  LEU u C   1 
ATOM 469  O O   . LEU A 1 87  ? -2.094  -26.689 -9.969  1.00 29.14 ? 84  LEU u O   1 
ATOM 470  C CB  . LEU A 1 87  ? -4.365  -27.863 -12.272 1.00 29.14 ? 84  LEU u CB  1 
ATOM 471  C CG  . LEU A 1 87  ? -3.131  -28.277 -13.074 1.00 29.14 ? 84  LEU u CG  1 
ATOM 472  C CD1 . LEU A 1 87  ? -2.548  -29.565 -12.544 1.00 29.14 ? 84  LEU u CD1 1 
ATOM 473  C CD2 . LEU A 1 87  ? -3.475  -28.402 -14.547 1.00 29.14 ? 84  LEU u CD2 1 
ATOM 474  N N   . ASN A 1 88  ? -3.423  -25.263 -11.079 1.00 26.08 ? 85  ASN u N   1 
ATOM 475  C CA  . ASN A 1 88  ? -2.543  -24.113 -10.900 1.00 26.08 ? 85  ASN u CA  1 
ATOM 476  C C   . ASN A 1 88  ? -3.223  -23.137 -9.946  1.00 26.08 ? 85  ASN u C   1 
ATOM 477  O O   . ASN A 1 88  ? -4.172  -22.447 -10.326 1.00 26.08 ? 85  ASN u O   1 
ATOM 478  C CB  . ASN A 1 88  ? -2.227  -23.457 -12.243 1.00 26.08 ? 85  ASN u CB  1 
ATOM 479  C CG  . ASN A 1 88  ? -1.354  -24.331 -13.129 1.00 26.08 ? 85  ASN u CG  1 
ATOM 480  O OD1 . ASN A 1 88  ? -0.153  -24.453 -12.906 1.00 26.08 ? 85  ASN u OD1 1 
ATOM 481  N ND2 . ASN A 1 88  ? -1.955  -24.940 -14.140 1.00 26.08 ? 85  ASN u ND2 1 
ATOM 482  N N   . SER A 1 89  ? -2.730  -23.078 -8.706  1.00 27.06 ? 86  SER u N   1 
ATOM 483  C CA  . SER A 1 89  ? -3.433  -22.354 -7.649  1.00 27.06 ? 86  SER u CA  1 
ATOM 484  C C   . SER A 1 89  ? -3.356  -20.843 -7.826  1.00 27.06 ? 86  SER u C   1 
ATOM 485  O O   . SER A 1 89  ? -4.275  -20.130 -7.418  1.00 27.06 ? 86  SER u O   1 
ATOM 486  C CB  . SER A 1 89  ? -2.876  -22.749 -6.283  1.00 27.06 ? 86  SER u CB  1 
ATOM 487  O OG  . SER A 1 89  ? -1.544  -22.297 -6.126  1.00 27.06 ? 86  SER u OG  1 
ATOM 488  N N   . SER A 1 90  ? -2.284  -20.336 -8.425  1.00 21.77 ? 87  SER u N   1 
ATOM 489  C CA  . SER A 1 90  ? -2.201  -18.914 -8.679  1.00 21.77 ? 87  SER u CA  1 
ATOM 490  C C   . SER A 1 90  ? -2.401  -18.628 -10.161 1.00 21.77 ? 87  SER u C   1 
ATOM 491  O O   . SER A 1 90  ? -1.872  -19.352 -11.008 1.00 21.77 ? 87  SER u O   1 
ATOM 492  C CB  . SER A 1 90  ? -0.845  -18.351 -8.228  1.00 21.77 ? 87  SER u CB  1 
ATOM 493  O OG  . SER A 1 90  ? -0.856  -16.939 -8.186  1.00 21.77 ? 87  SER u OG  1 
ATOM 494  N N   . PRO A 1 91  ? -3.168  -17.588 -10.503 1.00 20.61 ? 88  PRO u N   1 
ATOM 495  C CA  . PRO A 1 91  ? -3.228  -17.135 -11.903 1.00 20.61 ? 88  PRO u CA  1 
ATOM 496  C C   . PRO A 1 91  ? -1.908  -16.606 -12.441 1.00 20.61 ? 88  PRO u C   1 
ATOM 497  O O   . PRO A 1 91  ? -1.780  -16.467 -13.663 1.00 20.61 ? 88  PRO u O   1 
ATOM 498  C CB  . PRO A 1 91  ? -4.290  -16.029 -11.871 1.00 20.61 ? 88  PRO u CB  1 
ATOM 499  C CG  . PRO A 1 91  ? -5.105  -16.318 -10.690 1.00 20.61 ? 88  PRO u CG  1 
ATOM 500  C CD  . PRO A 1 91  ? -4.211  -16.967 -9.678  1.00 20.61 ? 88  PRO u CD  1 
ATOM 501  N N   . LEU A 1 92  ? -0.944  -16.272 -11.581 1.00 18.10 ? 89  LEU u N   1 
ATOM 502  C CA  . LEU A 1 92  ? 0.404   -15.964 -12.030 1.00 18.10 ? 89  LEU u CA  1 
ATOM 503  C C   . LEU A 1 92  ? 1.293   -17.160 -11.735 1.00 18.10 ? 89  LEU u C   1 
ATOM 504  O O   . LEU A 1 92  ? 1.597   -17.417 -10.562 1.00 18.10 ? 89  LEU u O   1 
ATOM 505  C CB  . LEU A 1 92  ? 0.948   -14.713 -11.345 1.00 18.10 ? 89  LEU u CB  1 
ATOM 506  C CG  . LEU A 1 92  ? 0.552   -13.354 -11.931 1.00 18.10 ? 89  LEU u CG  1 
ATOM 507  C CD1 . LEU A 1 92  ? 0.809   -13.347 -13.433 1.00 18.10 ? 89  LEU u CD1 1 
ATOM 508  C CD2 . LEU A 1 92  ? -0.867  -12.921 -11.599 1.00 18.10 ? 89  LEU u CD2 1 
ATOM 509  N N   . PRO A 1 93  ? 1.741   -17.909 -12.735 1.00 16.61 ? 90  PRO u N   1 
ATOM 510  C CA  . PRO A 1 93  ? 2.443   -19.179 -12.459 1.00 16.61 ? 90  PRO u CA  1 
ATOM 511  C C   . PRO A 1 93  ? 3.914   -18.987 -12.107 1.00 16.61 ? 90  PRO u C   1 
ATOM 512  O O   . PRO A 1 93  ? 4.830   -19.452 -12.783 1.00 16.61 ? 90  PRO u O   1 
ATOM 513  C CB  . PRO A 1 93  ? 2.238   -19.952 -13.765 1.00 16.61 ? 90  PRO u CB  1 
ATOM 514  C CG  . PRO A 1 93  ? 2.170   -18.898 -14.805 1.00 16.61 ? 90  PRO u CG  1 
ATOM 515  C CD  . PRO A 1 93  ? 1.620   -17.649 -14.179 1.00 16.61 ? 90  PRO u CD  1 
ATOM 516  N N   . PHE A 1 94  ? 4.156   -18.287 -11.005 1.00 14.71 ? 91  PHE u N   1 
ATOM 517  C CA  . PHE A 1 94  ? 5.495   -18.080 -10.487 1.00 14.71 ? 91  PHE u CA  1 
ATOM 518  C C   . PHE A 1 94  ? 5.529   -18.499 -9.032  1.00 14.71 ? 91  PHE u C   1 
ATOM 519  O O   . PHE A 1 94  ? 4.566   -18.323 -8.288  1.00 14.71 ? 91  PHE u O   1 
ATOM 520  C CB  . PHE A 1 94  ? 5.942   -16.625 -10.642 1.00 14.71 ? 91  PHE u CB  1 
ATOM 521  C CG  . PHE A 1 94  ? 6.024   -16.189 -12.060 1.00 14.71 ? 91  PHE u CG  1 
ATOM 522  C CD1 . PHE A 1 94  ? 7.100   -16.566 -12.845 1.00 14.71 ? 91  PHE u CD1 1 
ATOM 523  C CD2 . PHE A 1 94  ? 5.003   -15.447 -12.629 1.00 14.71 ? 91  PHE u CD2 1 
ATOM 524  C CE1 . PHE A 1 94  ? 7.170   -16.192 -14.161 1.00 14.71 ? 91  PHE u CE1 1 
ATOM 525  C CE2 . PHE A 1 94  ? 5.071   -15.070 -13.947 1.00 14.71 ? 91  PHE u CE2 1 
ATOM 526  C CZ  . PHE A 1 94  ? 6.156   -15.445 -14.714 1.00 14.71 ? 91  PHE u CZ  1 
ATOM 527  N N   . LYS A 1 95  ? 6.664   -19.059 -8.636  1.00 12.69 ? 92  LYS u N   1 
ATOM 528  C CA  . LYS A 1 95  ? 6.845   -19.608 -7.302  1.00 12.69 ? 92  LYS u CA  1 
ATOM 529  C C   . LYS A 1 95  ? 7.206   -18.564 -6.253  1.00 12.69 ? 92  LYS u C   1 
ATOM 530  O O   . LYS A 1 95  ? 6.785   -18.692 -5.103  1.00 12.69 ? 92  LYS u O   1 
ATOM 531  C CB  . LYS A 1 95  ? 7.927   -20.690 -7.341  1.00 12.69 ? 92  LYS u CB  1 
ATOM 532  C CG  . LYS A 1 95  ? 7.679   -21.855 -6.431  1.00 12.69 ? 92  LYS u CG  1 
ATOM 533  C CD  . LYS A 1 95  ? 8.594   -23.004 -6.768  1.00 12.69 ? 92  LYS u CD  1 
ATOM 534  C CE  . LYS A 1 95  ? 8.296   -24.203 -5.898  1.00 12.69 ? 92  LYS u CE  1 
ATOM 535  N NZ  . LYS A 1 95  ? 8.374   -23.856 -4.462  1.00 12.69 ? 92  LYS u NZ  1 
ATOM 536  N N   . TYR A 1 96  ? 7.982   -17.542 -6.603  1.00 9.89  ? 93  TYR u N   1 
ATOM 537  C CA  . TYR A 1 96  ? 8.475   -16.565 -5.641  1.00 9.89  ? 93  TYR u CA  1 
ATOM 538  C C   . TYR A 1 96  ? 8.242   -15.148 -6.145  1.00 9.89  ? 93  TYR u C   1 
ATOM 539  O O   . TYR A 1 96  ? 8.045   -14.915 -7.337  1.00 9.89  ? 93  TYR u O   1 
ATOM 540  C CB  . TYR A 1 96  ? 9.969   -16.758 -5.348  1.00 9.89  ? 93  TYR u CB  1 
ATOM 541  C CG  . TYR A 1 96  ? 10.374  -18.189 -5.137  1.00 9.89  ? 93  TYR u CG  1 
ATOM 542  C CD1 . TYR A 1 96  ? 9.955   -18.890 -4.017  1.00 9.89  ? 93  TYR u CD1 1 
ATOM 543  C CD2 . TYR A 1 96  ? 11.161  -18.843 -6.068  1.00 9.89  ? 93  TYR u CD2 1 
ATOM 544  C CE1 . TYR A 1 96  ? 10.316  -20.200 -3.829  1.00 9.89  ? 93  TYR u CE1 1 
ATOM 545  C CE2 . TYR A 1 96  ? 11.532  -20.148 -5.888  1.00 9.89  ? 93  TYR u CE2 1 
ATOM 546  C CZ  . TYR A 1 96  ? 11.108  -20.823 -4.770  1.00 9.89  ? 93  TYR u CZ  1 
ATOM 547  O OH  . TYR A 1 96  ? 11.482  -22.128 -4.601  1.00 9.89  ? 93  TYR u OH  1 
ATOM 548  N N   . TYR A 1 97  ? 8.253   -14.198 -5.213  1.00 10.78 ? 94  TYR u N   1 
ATOM 549  C CA  . TYR A 1 97  ? 8.071   -12.795 -5.551  1.00 10.78 ? 94  TYR u CA  1 
ATOM 550  C C   . TYR A 1 97  ? 8.743   -11.920 -4.508  1.00 10.78 ? 94  TYR u C   1 
ATOM 551  O O   . TYR A 1 97  ? 9.022   -12.350 -3.391  1.00 10.78 ? 94  TYR u O   1 
ATOM 552  C CB  . TYR A 1 97  ? 6.583   -12.417 -5.668  1.00 10.78 ? 94  TYR u CB  1 
ATOM 553  C CG  . TYR A 1 97  ? 5.885   -12.238 -4.343  1.00 10.78 ? 94  TYR u CG  1 
ATOM 554  C CD1 . TYR A 1 97  ? 5.478   -13.335 -3.605  1.00 10.78 ? 94  TYR u CD1 1 
ATOM 555  C CD2 . TYR A 1 97  ? 5.633   -10.965 -3.828  1.00 10.78 ? 94  TYR u CD2 1 
ATOM 556  C CE1 . TYR A 1 97  ? 4.852   -13.182 -2.400  1.00 10.78 ? 94  TYR u CE1 1 
ATOM 557  C CE2 . TYR A 1 97  ? 5.015   -10.804 -2.616  1.00 10.78 ? 94  TYR u CE2 1 
ATOM 558  C CZ  . TYR A 1 97  ? 4.619   -11.916 -1.913  1.00 10.78 ? 94  TYR u CZ  1 
ATOM 559  O OH  . TYR A 1 97  ? 3.991   -11.766 -0.707  1.00 10.78 ? 94  TYR u OH  1 
ATOM 560  N N   . ARG A 1 98  ? 8.995   -10.674 -4.895  1.00 8.12  ? 95  ARG u N   1 
ATOM 561  C CA  . ARG A 1 98  ? 9.293   -9.612  -3.947  1.00 8.12  ? 95  ARG u CA  1 
ATOM 562  C C   . ARG A 1 98  ? 8.748   -8.310  -4.515  1.00 8.12  ? 95  ARG u C   1 
ATOM 563  O O   . ARG A 1 98  ? 8.797   -8.086  -5.724  1.00 8.12  ? 95  ARG u O   1 
ATOM 564  C CB  . ARG A 1 98  ? 10.794  -9.500  -3.638  1.00 8.12  ? 95  ARG u CB  1 
ATOM 565  C CG  . ARG A 1 98  ? 11.733  -9.569  -4.821  1.00 8.12  ? 95  ARG u CG  1 
ATOM 566  C CD  . ARG A 1 98  ? 13.190  -9.573  -4.377  1.00 8.12  ? 95  ARG u CD  1 
ATOM 567  N NE  . ARG A 1 98  ? 14.098  -9.368  -5.501  1.00 8.12  ? 95  ARG u NE  1 
ATOM 568  C CZ  . ARG A 1 98  ? 15.422  -9.320  -5.413  1.00 8.12  ? 95  ARG u CZ  1 
ATOM 569  N NH1 . ARG A 1 98  ? 16.145  -9.129  -6.500  1.00 8.12  ? 95  ARG u NH1 1 
ATOM 570  N NH2 . ARG A 1 98  ? 16.028  -9.468  -4.255  1.00 8.12  ? 95  ARG u NH2 1 
ATOM 571  N N   . ILE A 1 99  ? 8.213   -7.466  -3.643  1.00 6.09  ? 96  ILE u N   1 
ATOM 572  C CA  . ILE A 1 99  ? 7.603   -6.208  -4.053  1.00 6.09  ? 96  ILE u CA  1 
ATOM 573  C C   . ILE A 1 99  ? 8.678   -5.129  -4.093  1.00 6.09  ? 96  ILE u C   1 
ATOM 574  O O   . ILE A 1 99  ? 9.391   -4.912  -3.110  1.00 6.09  ? 96  ILE u O   1 
ATOM 575  C CB  . ILE A 1 99  ? 6.449   -5.819  -3.119  1.00 6.09  ? 96  ILE u CB  1 
ATOM 576  C CG1 . ILE A 1 99  ? 5.409   -6.941  -3.082  1.00 6.09  ? 96  ILE u CG1 1 
ATOM 577  C CG2 . ILE A 1 99  ? 5.820   -4.505  -3.567  1.00 6.09  ? 96  ILE u CG2 1 
ATOM 578  C CD1 . ILE A 1 99  ? 4.169   -6.621  -2.291  1.00 6.09  ? 96  ILE u CD1 1 
ATOM 579  N N   . ARG A 1 100 ? 8.795   -4.457  -5.236  1.00 6.99  ? 97  ARG u N   1 
ATOM 580  C CA  . ARG A 1 100 ? 9.816   -3.431  -5.419  1.00 6.99  ? 97  ARG u CA  1 
ATOM 581  C C   . ARG A 1 100 ? 9.323   -2.062  -4.971  1.00 6.99  ? 97  ARG u C   1 
ATOM 582  O O   . ARG A 1 100 ? 10.019  -1.346  -4.249  1.00 6.99  ? 97  ARG u O   1 
ATOM 583  C CB  . ARG A 1 100 ? 10.246  -3.379  -6.885  1.00 6.99  ? 97  ARG u CB  1 
ATOM 584  C CG  . ARG A 1 100 ? 10.867  -4.644  -7.396  1.00 6.99  ? 97  ARG u CG  1 
ATOM 585  C CD  . ARG A 1 100 ? 12.161  -4.909  -6.682  1.00 6.99  ? 97  ARG u CD  1 
ATOM 586  N NE  . ARG A 1 100 ? 13.220  -5.315  -7.592  1.00 6.99  ? 97  ARG u NE  1 
ATOM 587  C CZ  . ARG A 1 100 ? 14.431  -5.685  -7.198  1.00 6.99  ? 97  ARG u CZ  1 
ATOM 588  N NH1 . ARG A 1 100 ? 14.728  -5.700  -5.909  1.00 6.99  ? 97  ARG u NH1 1 
ATOM 589  N NH2 . ARG A 1 100 ? 15.339  -6.041  -8.091  1.00 6.99  ? 97  ARG u NH2 1 
ATOM 590  N N   . LYS A 1 101 ? 8.127   -1.676  -5.411  1.00 4.67  ? 98  LYS u N   1 
ATOM 591  C CA  . LYS A 1 101 ? 7.569   -0.354  -5.174  1.00 4.67  ? 98  LYS u CA  1 
ATOM 592  C C   . LYS A 1 101 ? 6.056   -0.459  -5.068  1.00 4.67  ? 98  LYS u C   1 
ATOM 593  O O   . LYS A 1 101 ? 5.435   -1.337  -5.664  1.00 4.67  ? 98  LYS u O   1 
ATOM 594  C CB  . LYS A 1 101 ? 7.912   0.634   -6.303  1.00 4.67  ? 98  LYS u CB  1 
ATOM 595  C CG  . LYS A 1 101 ? 9.348   1.089   -6.388  1.00 4.67  ? 98  LYS u CG  1 
ATOM 596  C CD  . LYS A 1 101 ? 9.756   1.887   -5.179  1.00 4.67  ? 98  LYS u CD  1 
ATOM 597  C CE  . LYS A 1 101 ? 11.242  2.165   -5.194  1.00 4.67  ? 98  LYS u CE  1 
ATOM 598  N NZ  . LYS A 1 101 ? 11.680  2.924   -4.006  1.00 4.67  ? 98  LYS u NZ  1 
ATOM 599  N N   . VAL A 1 102 ? 5.469   0.451   -4.298  1.00 5.08  ? 99  VAL u N   1 
ATOM 600  C CA  . VAL A 1 102 ? 4.033   0.706   -4.315  1.00 5.08  ? 99  VAL u CA  1 
ATOM 601  C C   . VAL A 1 102 ? 3.818   2.149   -4.739  1.00 5.08  ? 99  VAL u C   1 
ATOM 602  O O   . VAL A 1 102 ? 4.564   3.043   -4.329  1.00 5.08  ? 99  VAL u O   1 
ATOM 603  C CB  . VAL A 1 102 ? 3.363   0.438   -2.946  1.00 5.08  ? 99  VAL u CB  1 
ATOM 604  C CG1 . VAL A 1 102 ? 1.840   0.443   -3.048  1.00 5.08  ? 99  VAL u CG1 1 
ATOM 605  C CG2 . VAL A 1 102 ? 3.766   -0.871  -2.438  1.00 5.08  ? 99  VAL u CG2 1 
ATOM 606  N N   . LYS A 1 103 ? 2.820   2.370   -5.577  1.00 6.05  ? 100 LYS u N   1 
ATOM 607  C CA  . LYS A 1 103 ? 2.246   3.689   -5.777  1.00 6.05  ? 100 LYS u CA  1 
ATOM 608  C C   . LYS A 1 103 ? 0.853   3.669   -5.164  1.00 6.05  ? 100 LYS u C   1 
ATOM 609  O O   . LYS A 1 103 ? 0.076   2.746   -5.412  1.00 6.05  ? 100 LYS u O   1 
ATOM 610  C CB  . LYS A 1 103 ? 2.202   4.069   -7.253  1.00 6.05  ? 100 LYS u CB  1 
ATOM 611  C CG  . LYS A 1 103 ? 2.325   5.559   -7.472  1.00 6.05  ? 100 LYS u CG  1 
ATOM 612  C CD  . LYS A 1 103 ? 1.787   6.008   -8.808  1.00 6.05  ? 100 LYS u CD  1 
ATOM 613  C CE  . LYS A 1 103 ? 2.465   5.318   -9.959  1.00 6.05  ? 100 LYS u CE  1 
ATOM 614  N NZ  . LYS A 1 103 ? 1.922   5.787   -11.259 1.00 6.05  ? 100 LYS u NZ  1 
ATOM 615  N N   . VAL A 1 104 ? 0.555   4.666   -4.342  1.00 7.62  ? 101 VAL u N   1 
ATOM 616  C CA  . VAL A 1 104 ? -0.771  4.851   -3.770  1.00 7.62  ? 101 VAL u CA  1 
ATOM 617  C C   . VAL A 1 104 ? -1.306  6.174   -4.296  1.00 7.62  ? 101 VAL u C   1 
ATOM 618  O O   . VAL A 1 104 ? -0.707  7.223   -4.054  1.00 7.62  ? 101 VAL u O   1 
ATOM 619  C CB  . VAL A 1 104 ? -0.734  4.835   -2.232  1.00 7.62  ? 101 VAL u CB  1 
ATOM 620  C CG1 . VAL A 1 104 ? -2.136  4.915   -1.669  1.00 7.62  ? 101 VAL u CG1 1 
ATOM 621  C CG2 . VAL A 1 104 ? -0.032  3.594   -1.716  1.00 7.62  ? 101 VAL u CG2 1 
ATOM 622  N N   . GLU A 1 105 ? -2.422  6.129   -5.022  1.00 9.46  ? 102 GLU u N   1 
ATOM 623  C CA  . GLU A 1 105 ? -3.053  7.311   -5.603  1.00 9.46  ? 102 GLU u CA  1 
ATOM 624  C C   . GLU A 1 105 ? -4.276  7.682   -4.776  1.00 9.46  ? 102 GLU u C   1 
ATOM 625  O O   . GLU A 1 105 ? -5.075  6.814   -4.426  1.00 9.46  ? 102 GLU u O   1 
ATOM 626  C CB  . GLU A 1 105 ? -3.481  7.087   -7.055  1.00 9.46  ? 102 GLU u CB  1 
ATOM 627  C CG  . GLU A 1 105 ? -2.428  7.092   -8.146  1.00 9.46  ? 102 GLU u CG  1 
ATOM 628  C CD  . GLU A 1 105 ? -1.880  5.720   -8.512  1.00 9.46  ? 102 GLU u CD  1 
ATOM 629  O OE1 . GLU A 1 105 ? -2.099  4.731   -7.779  1.00 9.46  ? 102 GLU u OE1 1 
ATOM 630  O OE2 . GLU A 1 105 ? -1.310  5.611   -9.612  1.00 9.46  ? 102 GLU u OE2 1 
ATOM 631  N N   . PHE A 1 106 ? -4.431  8.968   -4.477  1.00 9.38  ? 103 PHE u N   1 
ATOM 632  C CA  . PHE A 1 106 ? -5.681  9.482   -3.924  1.00 9.38  ? 103 PHE u CA  1 
ATOM 633  C C   . PHE A 1 106 ? -6.394  10.288  -5.002  1.00 9.38  ? 103 PHE u C   1 
ATOM 634  O O   . PHE A 1 106 ? -5.950  11.379  -5.367  1.00 9.38  ? 103 PHE u O   1 
ATOM 635  C CB  . PHE A 1 106 ? -5.421  10.330  -2.684  1.00 9.38  ? 103 PHE u CB  1 
ATOM 636  C CG  . PHE A 1 106 ? -4.990  9.541   -1.486  1.00 9.38  ? 103 PHE u CG  1 
ATOM 637  C CD1 . PHE A 1 106 ? -5.917  9.098   -0.561  1.00 9.38  ? 103 PHE u CD1 1 
ATOM 638  C CD2 . PHE A 1 106 ? -3.653  9.243   -1.284  1.00 9.38  ? 103 PHE u CD2 1 
ATOM 639  C CE1 . PHE A 1 106 ? -5.517  8.364   0.543   1.00 9.38  ? 103 PHE u CE1 1 
ATOM 640  C CE2 . PHE A 1 106 ? -3.254  8.512   -0.183  1.00 9.38  ? 103 PHE u CE2 1 
ATOM 641  C CZ  . PHE A 1 106 ? -4.190  8.074   0.732   1.00 9.38  ? 103 PHE u CZ  1 
ATOM 642  N N   . GLN A 1 107 ? -7.499  9.758   -5.512  1.00 10.40 ? 104 GLN u N   1 
ATOM 643  C CA  . GLN A 1 107 ? -8.226  10.387  -6.606  1.00 10.40 ? 104 GLN u CA  1 
ATOM 644  C C   . GLN A 1 107 ? -9.511  10.998  -6.079  1.00 10.40 ? 104 GLN u C   1 
ATOM 645  O O   . GLN A 1 107 ? -10.347 10.266  -5.535  1.00 10.40 ? 104 GLN u O   1 
ATOM 646  C CB  . GLN A 1 107 ? -8.534  9.369   -7.695  1.00 10.40 ? 104 GLN u CB  1 
ATOM 647  C CG  . GLN A 1 107 ? -7.335  8.595   -8.194  1.00 10.40 ? 104 GLN u CG  1 
ATOM 648  C CD  . GLN A 1 107 ? -7.725  7.400   -9.036  1.00 10.40 ? 104 GLN u CD  1 
ATOM 649  O OE1 . GLN A 1 107 ? -8.596  6.620   -8.663  1.00 10.40 ? 104 GLN u OE1 1 
ATOM 650  N NE2 . GLN A 1 107 ? -7.082  7.252   -10.178 1.00 10.40 ? 104 GLN u NE2 1 
ATOM 651  N N   . PRO A 1 108 ? -9.723  12.304  -6.221  1.00 10.54 ? 105 PRO u N   1 
ATOM 652  C CA  . PRO A 1 108 ? -10.885 12.935  -5.591  1.00 10.54 ? 105 PRO u CA  1 
ATOM 653  C C   . PRO A 1 108 ? -12.167 12.701  -6.373  1.00 10.54 ? 105 PRO u C   1 
ATOM 654  O O   . PRO A 1 108 ? -12.166 12.424  -7.571  1.00 10.54 ? 105 PRO u O   1 
ATOM 655  C CB  . PRO A 1 108 ? -10.509 14.417  -5.575  1.00 10.54 ? 105 PRO u CB  1 
ATOM 656  C CG  . PRO A 1 108 ? -9.609  14.577  -6.733  1.00 10.54 ? 105 PRO u CG  1 
ATOM 657  C CD  . PRO A 1 108 ? -8.857  13.292  -6.887  1.00 10.54 ? 105 PRO u CD  1 
ATOM 658  N N   . ARG A 1 109 ? -13.282 12.808  -5.659  1.00 14.25 ? 106 ARG u N   1 
ATOM 659  C CA  . ARG A 1 109 ? -14.598 12.661  -6.256  1.00 14.25 ? 106 ARG u CA  1 
ATOM 660  C C   . ARG A 1 109 ? -15.395 13.953  -6.311  1.00 14.25 ? 106 ARG u C   1 
ATOM 661  O O   . ARG A 1 109 ? -16.444 13.979  -6.956  1.00 14.25 ? 106 ARG u O   1 
ATOM 662  C CB  . ARG A 1 109 ? -15.413 11.603  -5.500  1.00 14.25 ? 106 ARG u CB  1 
ATOM 663  C CG  . ARG A 1 109 ? -14.761 10.233  -5.491  1.00 14.25 ? 106 ARG u CG  1 
ATOM 664  C CD  . ARG A 1 109 ? -14.904 9.538   -6.818  1.00 14.25 ? 106 ARG u CD  1 
ATOM 665  N NE  . ARG A 1 109 ? -15.182 8.121   -6.653  1.00 14.25 ? 106 ARG u NE  1 
ATOM 666  C CZ  . ARG A 1 109 ? -15.109 7.231   -7.631  1.00 14.25 ? 106 ARG u CZ  1 
ATOM 667  N NH1 . ARG A 1 109 ? -14.776 7.613   -8.851  1.00 14.25 ? 106 ARG u NH1 1 
ATOM 668  N NH2 . ARG A 1 109 ? -15.376 5.959   -7.392  1.00 14.25 ? 106 ARG u NH2 1 
ATOM 669  N N   . LEU A 1 110 ? -14.936 14.981  -5.712  1.00 16.18 ? 107 LEU u N   1 
ATOM 670  C CA  . LEU A 1 110 ? -15.594 16.264  -5.562  1.00 16.18 ? 107 LEU u CA  1 
ATOM 671  C C   . LEU A 1 110 ? -14.872 17.331  -6.380  1.00 16.18 ? 107 LEU u C   1 
ATOM 672  O O   . LEU A 1 110 ? -13.653 17.263  -6.554  1.00 16.18 ? 107 LEU u O   1 
ATOM 673  C CB  . LEU A 1 110 ? -15.629 16.668  -4.085  1.00 16.18 ? 107 LEU u CB  1 
ATOM 674  C CG  . LEU A 1 110 ? -16.902 16.369  -3.281  1.00 16.18 ? 107 LEU u CG  1 
ATOM 675  C CD1 . LEU A 1 110 ? -17.193 14.883  -3.213  1.00 16.18 ? 107 LEU u CD1 1 
ATOM 676  C CD2 . LEU A 1 110 ? -16.806 16.950  -1.875  1.00 16.18 ? 107 LEU u CD2 1 
ATOM 677  N N   . PRO A 1 111 ? -15.580 18.319  -6.919  1.00 17.41 ? 108 PRO u N   1 
ATOM 678  C CA  . PRO A 1 111 ? -14.922 19.357  -7.718  1.00 17.41 ? 108 PRO u CA  1 
ATOM 679  C C   . PRO A 1 111 ? -14.257 20.398  -6.826  1.00 17.41 ? 108 PRO u C   1 
ATOM 680  O O   . PRO A 1 111 ? -14.439 20.428  -5.611  1.00 17.41 ? 108 PRO u O   1 
ATOM 681  C CB  . PRO A 1 111 ? -16.077 19.963  -8.515  1.00 17.41 ? 108 PRO u CB  1 
ATOM 682  C CG  . PRO A 1 111 ? -17.229 19.828  -7.613  1.00 17.41 ? 108 PRO u CG  1 
ATOM 683  C CD  . PRO A 1 111 ? -17.041 18.516  -6.888  1.00 17.41 ? 108 PRO u CD  1 
ATOM 684  N N   . ILE A 1 112 ? -13.483 21.282  -7.465  1.00 18.84 ? 109 ILE u N   1 
ATOM 685  C CA  . ILE A 1 112 ? -12.701 22.267  -6.719  1.00 18.84 ? 109 ILE u CA  1 
ATOM 686  C C   . ILE A 1 112 ? -13.528 23.428  -6.194  1.00 18.84 ? 109 ILE u C   1 
ATOM 687  O O   . ILE A 1 112 ? -12.989 24.268  -5.466  1.00 18.84 ? 109 ILE u O   1 
ATOM 688  C CB  . ILE A 1 112 ? -11.544 22.846  -7.557  1.00 18.84 ? 109 ILE u CB  1 
ATOM 689  C CG1 . ILE A 1 112 ? -12.062 23.448  -8.863  1.00 18.84 ? 109 ILE u CG1 1 
ATOM 690  C CG2 . ILE A 1 112 ? -10.490 21.787  -7.816  1.00 18.84 ? 109 ILE u CG2 1 
ATOM 691  C CD1 . ILE A 1 112 ? -11.063 24.336  -9.552  1.00 18.84 ? 109 ILE u CD1 1 
ATOM 692  N N   . THR A 1 113 ? -14.817 23.510  -6.531  1.00 23.26 ? 110 THR u N   1 
ATOM 693  C CA  . THR A 1 113 ? -15.705 24.523  -5.971  1.00 23.26 ? 110 THR u CA  1 
ATOM 694  C C   . THR A 1 113 ? -16.376 24.070  -4.679  1.00 23.26 ? 110 THR u C   1 
ATOM 695  O O   . THR A 1 113 ? -17.419 24.614  -4.301  1.00 23.26 ? 110 THR u O   1 
ATOM 696  C CB  . THR A 1 113 ? -16.758 24.932  -7.004  1.00 23.26 ? 110 THR u CB  1 
ATOM 697  O OG1 . THR A 1 113 ? -17.633 23.829  -7.262  1.00 23.26 ? 110 THR u OG1 1 
ATOM 698  C CG2 . THR A 1 113 ? -16.086 25.349  -8.295  1.00 23.26 ? 110 THR u CG2 1 
ATOM 699  N N   . SER A 1 114 ? -15.803 23.094  -3.994  1.00 24.37 ? 111 SER u N   1 
ATOM 700  C CA  . SER A 1 114 ? -16.267 22.575  -2.719  1.00 24.37 ? 111 SER u CA  1 
ATOM 701  C C   . SER A 1 114 ? -16.131 23.629  -1.617  1.00 24.37 ? 111 SER u C   1 
ATOM 702  O O   . SER A 1 114 ? -15.178 24.412  -1.613  1.00 24.37 ? 111 SER u O   1 
ATOM 703  C CB  . SER A 1 114 ? -15.473 21.328  -2.352  1.00 24.37 ? 111 SER u CB  1 
ATOM 704  O OG  . SER A 1 114 ? -16.000 20.197  -3.021  1.00 24.37 ? 111 SER u OG  1 
ATOM 705  N N   . PRO A 1 115 ? -17.070 23.664  -0.663  1.00 23.90 ? 112 PRO u N   1 
ATOM 706  C CA  . PRO A 1 115 ? -17.122 24.795  0.278   1.00 23.90 ? 112 PRO u CA  1 
ATOM 707  C C   . PRO A 1 115 ? -16.124 24.731  1.430   1.00 23.90 ? 112 PRO u C   1 
ATOM 708  O O   . PRO A 1 115 ? -15.945 25.751  2.105   1.00 23.90 ? 112 PRO u O   1 
ATOM 709  C CB  . PRO A 1 115 ? -18.560 24.743  0.797   1.00 23.90 ? 112 PRO u CB  1 
ATOM 710  C CG  . PRO A 1 115 ? -18.919 23.311  0.721   1.00 23.90 ? 112 PRO u CG  1 
ATOM 711  C CD  . PRO A 1 115 ? -18.239 22.778  -0.508  1.00 23.90 ? 112 PRO u CD  1 
ATOM 712  N N   . PHE A 1 116 ? -15.479 23.594  1.694   1.00 20.03 ? 113 PHE u N   1 
ATOM 713  C CA  . PHE A 1 116 ? -14.500 23.507  2.773   1.00 20.03 ? 113 PHE u CA  1 
ATOM 714  C C   . PHE A 1 116 ? -13.246 22.800  2.282   1.00 20.03 ? 113 PHE u C   1 
ATOM 715  O O   . PHE A 1 116 ? -13.337 21.735  1.669   1.00 20.03 ? 113 PHE u O   1 
ATOM 716  C CB  . PHE A 1 116 ? -15.076 22.772  3.992   1.00 20.03 ? 113 PHE u CB  1 
ATOM 717  C CG  . PHE A 1 116 ? -14.088 22.591  5.116   1.00 20.03 ? 113 PHE u CG  1 
ATOM 718  C CD1 . PHE A 1 116 ? -13.828 23.629  5.999   1.00 20.03 ? 113 PHE u CD1 1 
ATOM 719  C CD2 . PHE A 1 116 ? -13.422 21.383  5.293   1.00 20.03 ? 113 PHE u CD2 1 
ATOM 720  C CE1 . PHE A 1 116 ? -12.921 23.469  7.031   1.00 20.03 ? 113 PHE u CE1 1 
ATOM 721  C CE2 . PHE A 1 116 ? -12.510 21.220  6.315   1.00 20.03 ? 113 PHE u CE2 1 
ATOM 722  C CZ  . PHE A 1 116 ? -12.265 22.262  7.191   1.00 20.03 ? 113 PHE u CZ  1 
ATOM 723  N N   . ARG A 1 117 ? -12.083 23.378  2.577   1.00 14.02 ? 114 ARG u N   1 
ATOM 724  C CA  . ARG A 1 117 ? -10.790 22.797  2.236   1.00 14.02 ? 114 ARG u CA  1 
ATOM 725  C C   . ARG A 1 117 ? -10.077 22.319  3.491   1.00 14.02 ? 114 ARG u C   1 
ATOM 726  O O   . ARG A 1 117 ? -10.041 23.024  4.501   1.00 14.02 ? 114 ARG u O   1 
ATOM 727  C CB  . ARG A 1 117 ? -9.899  23.811  1.519   1.00 14.02 ? 114 ARG u CB  1 
ATOM 728  C CG  . ARG A 1 117 ? -10.442 24.351  0.224   1.00 14.02 ? 114 ARG u CG  1 
ATOM 729  C CD  . ARG A 1 117 ? -9.306  24.706  -0.687  1.00 14.02 ? 114 ARG u CD  1 
ATOM 730  N NE  . ARG A 1 117 ? -9.469  26.014  -1.299  1.00 14.02 ? 114 ARG u NE  1 
ATOM 731  C CZ  . ARG A 1 117 ? -8.559  26.591  -2.071  1.00 14.02 ? 114 ARG u CZ  1 
ATOM 732  N NH1 . ARG A 1 117 ? -8.796  27.785  -2.588  1.00 14.02 ? 114 ARG u NH1 1 
ATOM 733  N NH2 . ARG A 1 117 ? -7.416  25.975  -2.328  1.00 14.02 ? 114 ARG u NH2 1 
ATOM 734  N N   . GLY A 1 118 ? -9.482  21.134  3.412   1.00 11.62 ? 115 GLY u N   1 
ATOM 735  C CA  . GLY A 1 118 ? -8.752  20.582  4.535   1.00 11.62 ? 115 GLY u CA  1 
ATOM 736  C C   . GLY A 1 118 ? -7.325  20.215  4.192   1.00 11.62 ? 115 GLY u C   1 
ATOM 737  O O   . GLY A 1 118 ? -7.002  20.017  3.020   1.00 11.62 ? 115 GLY u O   1 
ATOM 738  N N   . TYR A 1 119 ? -6.459  20.120  5.199   1.00 11.00 ? 116 TYR u N   1 
ATOM 739  C CA  . TYR A 1 119 ? -5.029  19.895  4.977   1.00 11.00 ? 116 TYR u CA  1 
ATOM 740  C C   . TYR A 1 119 ? -4.543  18.820  5.944   1.00 11.00 ? 116 TYR u C   1 
ATOM 741  O O   . TYR A 1 119 ? -4.312  19.098  7.123   1.00 11.00 ? 116 TYR u O   1 
ATOM 742  C CB  . TYR A 1 119 ? -4.240  21.191  5.134   1.00 11.00 ? 116 TYR u CB  1 
ATOM 743  C CG  . TYR A 1 119 ? -4.658  22.256  4.156   1.00 11.00 ? 116 TYR u CG  1 
ATOM 744  C CD1 . TYR A 1 119 ? -4.069  22.339  2.902   1.00 11.00 ? 116 TYR u CD1 1 
ATOM 745  C CD2 . TYR A 1 119 ? -5.661  23.167  4.473   1.00 11.00 ? 116 TYR u CD2 1 
ATOM 746  C CE1 . TYR A 1 119 ? -4.463  23.296  2.001   1.00 11.00 ? 116 TYR u CE1 1 
ATOM 747  C CE2 . TYR A 1 119 ? -6.061  24.113  3.577   1.00 11.00 ? 116 TYR u CE2 1 
ATOM 748  C CZ  . TYR A 1 119 ? -5.457  24.182  2.348   1.00 11.00 ? 116 TYR u CZ  1 
ATOM 749  O OH  . TYR A 1 119 ? -5.859  25.148  1.464   1.00 11.00 ? 116 TYR u OH  1 
ATOM 750  N N   . GLY A 1 120 ? -4.383  17.599  5.440   1.00 10.75 ? 117 GLY u N   1 
ATOM 751  C CA  . GLY A 1 120 ? -3.946  16.468  6.230   1.00 10.75 ? 117 GLY u CA  1 
ATOM 752  C C   . GLY A 1 120 ? -2.552  15.988  5.872   1.00 10.75 ? 117 GLY u C   1 
ATOM 753  O O   . GLY A 1 120 ? -1.794  16.660  5.167   1.00 10.75 ? 117 GLY u O   1 
ATOM 754  N N   . SER A 1 121 ? -2.219  14.790  6.352   1.00 9.95  ? 118 SER u N   1 
ATOM 755  C CA  . SER A 1 121 ? -0.879  14.232  6.217   1.00 9.95  ? 118 SER u CA  1 
ATOM 756  C C   . SER A 1 121 ? -0.952  12.787  5.746   1.00 9.95  ? 118 SER u C   1 
ATOM 757  O O   . SER A 1 121 ? -1.903  12.080  6.066   1.00 9.95  ? 118 SER u O   1 
ATOM 758  C CB  . SER A 1 121 ? -0.114  14.277  7.542   1.00 9.95  ? 118 SER u CB  1 
ATOM 759  O OG  . SER A 1 121 ? 0.121   15.598  7.967   1.00 9.95  ? 118 SER u OG  1 
ATOM 760  N N   . THR A 1 122 ? 0.056   12.360  4.988   1.00 7.65  ? 119 THR u N   1 
ATOM 761  C CA  . THR A 1 122 ? 0.296   10.953  4.680   1.00 7.65  ? 119 THR u CA  1 
ATOM 762  C C   . THR A 1 122 ? 1.712   10.601  5.107   1.00 7.65  ? 119 THR u C   1 
ATOM 763  O O   . THR A 1 122 ? 2.624   11.407  4.935   1.00 7.65  ? 119 THR u O   1 
ATOM 764  C CB  . THR A 1 122 ? 0.131   10.640  3.188   1.00 7.65  ? 119 THR u CB  1 
ATOM 765  O OG1 . THR A 1 122 ? 1.099   11.372  2.433   1.00 7.65  ? 119 THR u OG1 1 
ATOM 766  C CG2 . THR A 1 122 ? -1.251  10.991  2.706   1.00 7.65  ? 119 THR u CG2 1 
ATOM 767  N N   . VAL A 1 123 ? 1.899   9.410   5.668   1.00 7.87  ? 120 VAL u N   1 
ATOM 768  C CA  . VAL A 1 123 ? 3.231   8.945   6.068   1.00 7.87  ? 120 VAL u CA  1 
ATOM 769  C C   . VAL A 1 123 ? 3.439   7.495   5.648   1.00 7.87  ? 120 VAL u C   1 
ATOM 770  O O   . VAL A 1 123 ? 2.522   6.674   5.770   1.00 7.87  ? 120 VAL u O   1 
ATOM 771  C CB  . VAL A 1 123 ? 3.457   9.083   7.587   1.00 7.87  ? 120 VAL u CB  1 
ATOM 772  C CG1 . VAL A 1 123 ? 3.648   10.509  7.995   1.00 7.87  ? 120 VAL u CG1 1 
ATOM 773  C CG2 . VAL A 1 123 ? 2.307   8.489   8.364   1.00 7.87  ? 120 VAL u CG2 1 
ATOM 774  N N   . PRO A 1 124 ? 4.610   7.131   5.152   1.00 8.17  ? 121 PRO u N   1 
ATOM 775  C CA  . PRO A 1 124 ? 4.968   5.709   5.056   1.00 8.17  ? 121 PRO u CA  1 
ATOM 776  C C   . PRO A 1 124 ? 5.392   5.182   6.418   1.00 8.17  ? 121 PRO u C   1 
ATOM 777  O O   . PRO A 1 124 ? 6.204   5.795   7.115   1.00 8.17  ? 121 PRO u O   1 
ATOM 778  C CB  . PRO A 1 124 ? 6.128   5.709   4.049   1.00 8.17  ? 121 PRO u CB  1 
ATOM 779  C CG  . PRO A 1 124 ? 6.085   7.061   3.392   1.00 8.17  ? 121 PRO u CG  1 
ATOM 780  C CD  . PRO A 1 124 ? 5.562   7.983   4.429   1.00 8.17  ? 121 PRO u CD  1 
ATOM 781  N N   . ILE A 1 125 ? 4.822   4.054   6.812   1.00 11.38 ? 122 ILE u N   1 
ATOM 782  C CA  . ILE A 1 125 ? 5.105   3.437   8.100   1.00 11.38 ? 122 ILE u CA  1 
ATOM 783  C C   . ILE A 1 125 ? 5.540   2.007   7.809   1.00 11.38 ? 122 ILE u C   1 
ATOM 784  O O   . ILE A 1 125 ? 4.759   1.187   7.323   1.00 11.38 ? 122 ILE u O   1 
ATOM 785  C CB  . ILE A 1 125 ? 3.905   3.523   9.047   1.00 11.38 ? 122 ILE u CB  1 
ATOM 786  C CG1 . ILE A 1 125 ? 3.737   4.974   9.510   1.00 11.38 ? 122 ILE u CG1 1 
ATOM 787  C CG2 . ILE A 1 125 ? 4.089   2.605   10.245  1.00 11.38 ? 122 ILE u CG2 1 
ATOM 788  C CD1 . ILE A 1 125 ? 2.555   5.251   10.353  1.00 11.38 ? 122 ILE u CD1 1 
ATOM 789  N N   . LEU A 1 126 ? 6.808   1.718   8.085   1.00 11.21 ? 123 LEU u N   1 
ATOM 790  C CA  . LEU A 1 126 ? 7.436   0.499   7.602   1.00 11.21 ? 123 LEU u CA  1 
ATOM 791  C C   . LEU A 1 126 ? 7.355   -0.668  8.575   1.00 11.21 ? 123 LEU u C   1 
ATOM 792  O O   . LEU A 1 126 ? 7.548   -1.810  8.152   1.00 11.21 ? 123 LEU u O   1 
ATOM 793  C CB  . LEU A 1 126 ? 8.902   0.768   7.254   1.00 11.21 ? 123 LEU u CB  1 
ATOM 794  C CG  . LEU A 1 126 ? 9.132   1.870   6.215   1.00 11.21 ? 123 LEU u CG  1 
ATOM 795  C CD1 . LEU A 1 126 ? 10.605  2.021   5.898   1.00 11.21 ? 123 LEU u CD1 1 
ATOM 796  C CD2 . LEU A 1 126 ? 8.338   1.599   4.946   1.00 11.21 ? 123 LEU u CD2 1 
ATOM 797  N N   . ASP A 1 127 ? 7.092   -0.423  9.858   1.00 15.81 ? 124 ASP u N   1 
ATOM 798  C CA  . ASP A 1 127 ? 7.032   -1.525  10.811  1.00 15.81 ? 124 ASP u CA  1 
ATOM 799  C C   . ASP A 1 127 ? 5.611   -2.025  11.047  1.00 15.81 ? 124 ASP u C   1 
ATOM 800  O O   . ASP A 1 127 ? 5.422   -2.975  11.811  1.00 15.81 ? 124 ASP u O   1 
ATOM 801  C CB  . ASP A 1 127 ? 7.668   -1.119  12.144  1.00 15.81 ? 124 ASP u CB  1 
ATOM 802  C CG  . ASP A 1 127 ? 6.946   0.041   12.825  1.00 15.81 ? 124 ASP u CG  1 
ATOM 803  O OD1 . ASP A 1 127 ? 6.161   0.755   12.170  1.00 15.81 ? 124 ASP u OD1 1 
ATOM 804  O OD2 . ASP A 1 127 ? 7.164   0.237   14.036  1.00 15.81 ? 124 ASP u OD2 1 
ATOM 805  N N   . GLY A 1 128 ? 4.614   -1.396  10.434  1.00 16.56 ? 125 GLY u N   1 
ATOM 806  C CA  . GLY A 1 128 ? 3.238   -1.766  10.659  1.00 16.56 ? 125 GLY u CA  1 
ATOM 807  C C   . GLY A 1 128 ? 2.646   -1.286  11.967  1.00 16.56 ? 125 GLY u C   1 
ATOM 808  O O   . GLY A 1 128 ? 1.633   -1.840  12.402  1.00 16.56 ? 125 GLY u O   1 
ATOM 809  N N   . ALA A 1 129 ? 3.240   -0.284  12.609  1.00 17.60 ? 126 ALA u N   1 
ATOM 810  C CA  . ALA A 1 129 ? 2.745   0.253   13.870  1.00 17.60 ? 126 ALA u CA  1 
ATOM 811  C C   . ALA A 1 129 ? 2.205   1.658   13.632  1.00 17.60 ? 126 ALA u C   1 
ATOM 812  O O   . ALA A 1 129 ? 2.978   2.612   13.506  1.00 17.60 ? 126 ALA u O   1 
ATOM 813  C CB  . ALA A 1 129 ? 3.843   0.258   14.929  1.00 17.60 ? 126 ALA u CB  1 
ATOM 814  N N   . PHE A 1 130 ? 0.884   1.784   13.597  1.00 17.47 ? 127 PHE u N   1 
ATOM 815  C CA  . PHE A 1 130 ? 0.208   3.028   13.260  1.00 17.47 ? 127 PHE u CA  1 
ATOM 816  C C   . PHE A 1 130 ? -0.381  3.684   14.507  1.00 17.47 ? 127 PHE u C   1 
ATOM 817  O O   . PHE A 1 130 ? -0.400  3.100   15.591  1.00 17.47 ? 127 PHE u O   1 
ATOM 818  C CB  . PHE A 1 130 ? -0.891  2.772   12.224  1.00 17.47 ? 127 PHE u CB  1 
ATOM 819  C CG  . PHE A 1 130 ? -0.426  1.985   11.029  1.00 17.47 ? 127 PHE u CG  1 
ATOM 820  C CD1 . PHE A 1 130 ? 0.209   2.620   9.975   1.00 17.47 ? 127 PHE u CD1 1 
ATOM 821  C CD2 . PHE A 1 130 ? -0.617  0.613   10.960  1.00 17.47 ? 127 PHE u CD2 1 
ATOM 822  C CE1 . PHE A 1 130 ? 0.637   1.912   8.876   1.00 17.47 ? 127 PHE u CE1 1 
ATOM 823  C CE2 . PHE A 1 130 ? -0.182  -0.102  9.868   1.00 17.47 ? 127 PHE u CE2 1 
ATOM 824  C CZ  . PHE A 1 130 ? 0.442   0.548   8.820   1.00 17.47 ? 127 PHE u CZ  1 
ATOM 825  N N   . VAL A 1 131 ? -0.867  4.915   14.337  1.00 23.88 ? 128 VAL u N   1 
ATOM 826  C CA  . VAL A 1 131 ? -1.445  5.679   15.443  1.00 23.88 ? 128 VAL u CA  1 
ATOM 827  C C   . VAL A 1 131 ? -2.967  5.598   15.401  1.00 23.88 ? 128 VAL u C   1 
ATOM 828  O O   . VAL A 1 131 ? -3.655  6.332   16.121  1.00 23.88 ? 128 VAL u O   1 
ATOM 829  C CB  . VAL A 1 131 ? -0.976  7.149   15.426  1.00 23.88 ? 128 VAL u CB  1 
ATOM 830  C CG1 . VAL A 1 131 ? 0.536   7.234   15.384  1.00 23.88 ? 128 VAL u CG1 1 
ATOM 831  C CG2 . VAL A 1 131 ? -1.578  7.907   14.260  1.00 23.88 ? 128 VAL u CG2 1 
ATOM 832  N N   . THR A 1 132 ? -3.491  4.689   14.586  1.00 26.34 ? 129 THR u N   1 
ATOM 833  C CA  . THR A 1 132 ? -4.931  4.572   14.340  1.00 26.34 ? 129 THR u CA  1 
ATOM 834  C C   . THR A 1 132 ? -5.696  4.206   15.608  1.00 26.34 ? 129 THR u C   1 
ATOM 835  O O   . THR A 1 132 ? -5.378  3.189   16.240  1.00 26.34 ? 129 THR u O   1 
ATOM 836  C CB  . THR A 1 132 ? -5.186  3.527   13.258  1.00 26.34 ? 129 THR u CB  1 
ATOM 837  O OG1 . THR A 1 132 ? -4.273  3.735   12.176  1.00 26.34 ? 129 THR u OG1 1 
ATOM 838  C CG2 . THR A 1 132 ? -6.611  3.624   12.741  1.00 26.34 ? 129 THR u CG2 1 
ATOM 839  N N   . PRO A 1 133 ? -6.681  4.998   16.020  1.00 33.43 ? 130 PRO u N   1 
ATOM 840  C CA  . PRO A 1 133 ? -7.389  4.716   17.270  1.00 33.43 ? 130 PRO u CA  1 
ATOM 841  C C   . PRO A 1 133 ? -8.300  3.504   17.150  1.00 33.43 ? 130 PRO u C   1 
ATOM 842  O O   . PRO A 1 133 ? -9.005  3.306   16.158  1.00 33.43 ? 130 PRO u O   1 
ATOM 843  C CB  . PRO A 1 133 ? -8.205  5.991   17.513  1.00 33.43 ? 130 PRO u CB  1 
ATOM 844  C CG  . PRO A 1 133 ? -8.409  6.566   16.159  1.00 33.43 ? 130 PRO u CG  1 
ATOM 845  C CD  . PRO A 1 133 ? -7.175  6.225   15.370  1.00 33.43 ? 130 PRO u CD  1 
ATOM 846  N N   . ALA A 1 134 ? -8.266  2.684   18.196  1.00 39.09 ? 131 ALA u N   1 
ATOM 847  C CA  . ALA A 1 134 ? -9.081  1.484   18.247  1.00 39.09 ? 131 ALA u CA  1 
ATOM 848  C C   . ALA A 1 134 ? -10.533 1.851   18.549  1.00 39.09 ? 131 ALA u C   1 
ATOM 849  O O   . ALA A 1 134 ? -10.865 3.003   18.847  1.00 39.09 ? 131 ALA u O   1 
ATOM 850  C CB  . ALA A 1 134 ? -8.523  0.509   19.282  1.00 39.09 ? 131 ALA u CB  1 
ATOM 851  N N   . THR A 1 135 ? -11.409 0.852   18.464  1.00 40.11 ? 132 THR u N   1 
ATOM 852  C CA  . THR A 1 135 ? -12.827 1.048   18.717  1.00 40.11 ? 132 THR u CA  1 
ATOM 853  C C   . THR A 1 135 ? -13.070 1.367   20.189  1.00 40.11 ? 132 THR u C   1 
ATOM 854  O O   . THR A 1 135 ? -12.887 0.525   21.072  1.00 40.11 ? 132 THR u O   1 
ATOM 855  C CB  . THR A 1 135 ? -13.621 -0.194  18.309  1.00 40.11 ? 132 THR u CB  1 
ATOM 856  O OG1 . THR A 1 135 ? -13.250 -1.298  19.145  1.00 40.11 ? 132 THR u OG1 1 
ATOM 857  C CG2 . THR A 1 135 ? -13.331 -0.554  16.861  1.00 40.11 ? 132 THR u CG2 1 
ATOM 858  N N   . GLY A 1 136 ? -13.489 2.606   20.438  1.00 41.72 ? 133 GLY u N   1 
ATOM 859  C CA  . GLY A 1 136 ? -13.580 3.145   21.780  1.00 41.72 ? 133 GLY u CA  1 
ATOM 860  C C   . GLY A 1 136 ? -12.837 4.459   21.923  1.00 41.72 ? 133 GLY u C   1 
ATOM 861  O O   . GLY A 1 136 ? -13.316 5.378   22.593  1.00 41.72 ? 133 GLY u O   1 
ATOM 862  N N   . GLU A 1 137 ? -11.677 4.571   21.285  1.00 43.93 ? 134 GLU u N   1 
ATOM 863  C CA  . GLU A 1 137 ? -10.931 5.819   21.269  1.00 43.93 ? 134 GLU u CA  1 
ATOM 864  C C   . GLU A 1 137 ? -11.476 6.736   20.182  1.00 43.93 ? 134 GLU u C   1 
ATOM 865  O O   . GLU A 1 137 ? -11.821 6.294   19.083  1.00 43.93 ? 134 GLU u O   1 
ATOM 866  C CB  . GLU A 1 137 ? -9.439  5.560   21.043  1.00 43.93 ? 134 GLU u CB  1 
ATOM 867  C CG  . GLU A 1 137 ? -8.696  4.948   22.231  1.00 43.93 ? 134 GLU u CG  1 
ATOM 868  C CD  . GLU A 1 137 ? -8.825  3.435   22.323  1.00 43.93 ? 134 GLU u CD  1 
ATOM 869  O OE1 . GLU A 1 137 ? -9.499  2.827   21.465  1.00 43.93 ? 134 GLU u OE1 1 
ATOM 870  O OE2 . GLU A 1 137 ? -8.232  2.850   23.253  1.00 43.93 ? 134 GLU u OE2 1 
ATOM 871  N N   . SER A 1 138 ? -11.558 8.023   20.501  1.00 41.22 ? 135 SER u N   1 
ATOM 872  C CA  . SER A 1 138 ? -12.142 8.972   19.569  1.00 41.22 ? 135 SER u CA  1 
ATOM 873  C C   . SER A 1 138 ? -11.110 9.442   18.549  1.00 41.22 ? 135 SER u C   1 
ATOM 874  O O   . SER A 1 138 ? -9.929  9.096   18.607  1.00 41.22 ? 135 SER u O   1 
ATOM 875  C CB  . SER A 1 138 ? -12.724 10.172  20.314  1.00 41.22 ? 135 SER u CB  1 
ATOM 876  O OG  . SER A 1 138 ? -13.687 9.756   21.261  1.00 41.22 ? 135 SER u OG  1 
ATOM 877  N N   . ASP A 1 139 ? -11.586 10.234  17.597  1.00 36.58 ? 136 ASP u N   1 
ATOM 878  C CA  . ASP A 1 139 ? -10.747 10.849  16.583  1.00 36.58 ? 136 ASP u CA  1 
ATOM 879  C C   . ASP A 1 139 ? -10.094 12.114  17.142  1.00 36.58 ? 136 ASP u C   1 
ATOM 880  O O   . ASP A 1 139 ? -10.780 12.956  17.728  1.00 36.58 ? 136 ASP u O   1 
ATOM 881  C CB  . ASP A 1 139 ? -11.570 11.183  15.347  1.00 36.58 ? 136 ASP u CB  1 
ATOM 882  C CG  . ASP A 1 139 ? -11.961 9.945   14.558  1.00 36.58 ? 136 ASP u CG  1 
ATOM 883  O OD1 . ASP A 1 139 ? -11.213 8.946   14.611  1.00 36.58 ? 136 ASP u OD1 1 
ATOM 884  O OD2 . ASP A 1 139 ? -13.010 9.971   13.877  1.00 36.58 ? 136 ASP u OD2 1 
ATOM 885  N N   . PRO A 1 140 ? -8.780  12.268  16.976  1.00 30.13 ? 137 PRO u N   1 
ATOM 886  C CA  . PRO A 1 140 ? -8.069  13.371  17.633  1.00 30.13 ? 137 PRO u CA  1 
ATOM 887  C C   . PRO A 1 140 ? -8.368  14.728  17.011  1.00 30.13 ? 137 PRO u C   1 
ATOM 888  O O   . PRO A 1 140 ? -8.788  14.849  15.859  1.00 30.13 ? 137 PRO u O   1 
ATOM 889  C CB  . PRO A 1 140 ? -6.595  12.998  17.449  1.00 30.13 ? 137 PRO u CB  1 
ATOM 890  C CG  . PRO A 1 140 ? -6.585  12.143  16.225  1.00 30.13 ? 137 PRO u CG  1 
ATOM 891  C CD  . PRO A 1 140 ? -7.863  11.362  16.265  1.00 30.13 ? 137 PRO u CD  1 
ATOM 892  N N   . ILE A 1 141 ? -8.144  15.770  17.817  1.00 27.79 ? 138 ILE u N   1 
ATOM 893  C CA  . ILE A 1 141 ? -8.322  17.148  17.374  1.00 27.79 ? 138 ILE u CA  1 
ATOM 894  C C   . ILE A 1 141 ? -7.064  17.677  16.690  1.00 27.79 ? 138 ILE u C   1 
ATOM 895  O O   . ILE A 1 141 ? -7.132  18.659  15.939  1.00 27.79 ? 138 ILE u O   1 
ATOM 896  C CB  . ILE A 1 141 ? -8.746  17.995  18.602  1.00 27.79 ? 138 ILE u CB  1 
ATOM 897  C CG1 . ILE A 1 141 ? -9.915  17.331  19.329  1.00 27.79 ? 138 ILE u CG1 1 
ATOM 898  C CG2 . ILE A 1 141 ? -9.212  19.401  18.222  1.00 27.79 ? 138 ILE u CG2 1 
ATOM 899  C CD1 . ILE A 1 141 ? -11.173 17.210  18.502  1.00 27.79 ? 138 ILE u CD1 1 
ATOM 900  N N   . TRP A 1 142 ? -5.935  16.992  16.844  1.00 23.62 ? 139 TRP u N   1 
ATOM 901  C CA  . TRP A 1 142 ? -4.650  17.425  16.313  1.00 23.62 ? 139 TRP u CA  1 
ATOM 902  C C   . TRP A 1 142 ? -4.147  16.401  15.304  1.00 23.62 ? 139 TRP u C   1 
ATOM 903  O O   . TRP A 1 142 ? -4.530  15.232  15.347  1.00 23.62 ? 139 TRP u O   1 
ATOM 904  C CB  . TRP A 1 142 ? -3.615  17.620  17.445  1.00 23.62 ? 139 TRP u CB  1 
ATOM 905  C CG  . TRP A 1 142 ? -3.590  16.509  18.476  1.00 23.62 ? 139 TRP u CG  1 
ATOM 906  C CD1 . TRP A 1 142 ? -4.462  16.326  19.513  1.00 23.62 ? 139 TRP u CD1 1 
ATOM 907  C CD2 . TRP A 1 142 ? -2.638  15.441  18.566  1.00 23.62 ? 139 TRP u CD2 1 
ATOM 908  N NE1 . TRP A 1 142 ? -4.121  15.210  20.228  1.00 23.62 ? 139 TRP u NE1 1 
ATOM 909  C CE2 . TRP A 1 142 ? -3.004  14.648  19.670  1.00 23.62 ? 139 TRP u CE2 1 
ATOM 910  C CE3 . TRP A 1 142 ? -1.515  15.077  17.818  1.00 23.62 ? 139 TRP u CE3 1 
ATOM 911  C CZ2 . TRP A 1 142 ? -2.286  13.516  20.046  1.00 23.62 ? 139 TRP u CZ2 1 
ATOM 912  C CZ3 . TRP A 1 142 ? -0.805  13.955  18.192  1.00 23.62 ? 139 TRP u CZ3 1 
ATOM 913  C CH2 . TRP A 1 142 ? -1.192  13.187  19.297  1.00 23.62 ? 139 TRP u CH2 1 
ATOM 914  N N   . ASP A 1 143 ? -3.291  16.857  14.390  1.00 17.94 ? 140 ASP u N   1 
ATOM 915  C CA  . ASP A 1 143 ? -2.694  15.976  13.386  1.00 17.94 ? 140 ASP u CA  1 
ATOM 916  C C   . ASP A 1 143 ? -1.651  15.077  14.042  1.00 17.94 ? 140 ASP u C   1 
ATOM 917  O O   . ASP A 1 143 ? -0.616  15.577  14.494  1.00 17.94 ? 140 ASP u O   1 
ATOM 918  C CB  . ASP A 1 143 ? -2.046  16.797  12.271  1.00 17.94 ? 140 ASP u CB  1 
ATOM 919  C CG  . ASP A 1 143 ? -1.864  16.011  10.965  1.00 17.94 ? 140 ASP u CG  1 
ATOM 920  O OD1 . ASP A 1 143 ? -1.429  14.844  10.988  1.00 17.94 ? 140 ASP u OD1 1 
ATOM 921  O OD2 . ASP A 1 143 ? -2.145  16.581  9.894   1.00 17.94 ? 140 ASP u OD2 1 
ATOM 922  N N   . PRO A 1 144 ? -1.862  13.759  14.087  1.00 15.62 ? 141 PRO u N   1 
ATOM 923  C CA  . PRO A 1 144 ? -0.862  12.883  14.709  1.00 15.62 ? 141 PRO u CA  1 
ATOM 924  C C   . PRO A 1 144 ? 0.373   12.642  13.855  1.00 15.62 ? 141 PRO u C   1 
ATOM 925  O O   . PRO A 1 144 ? 1.366   12.126  14.376  1.00 15.62 ? 141 PRO u O   1 
ATOM 926  C CB  . PRO A 1 144 ? -1.640  11.583  14.934  1.00 15.62 ? 141 PRO u CB  1 
ATOM 927  C CG  . PRO A 1 144 ? -2.647  11.568  13.842  1.00 15.62 ? 141 PRO u CG  1 
ATOM 928  C CD  . PRO A 1 144 ? -2.980  12.997  13.505  1.00 15.62 ? 141 PRO u CD  1 
ATOM 929  N N   . TYR A 1 145 ? 0.353   13.004  12.577  1.00 12.88 ? 142 TYR u N   1 
ATOM 930  C CA  . TYR A 1 145 ? 1.469   12.752  11.680  1.00 12.88 ? 142 TYR u CA  1 
ATOM 931  C C   . TYR A 1 145 ? 2.182   14.011  11.220  1.00 12.88 ? 142 TYR u C   1 
ATOM 932  O O   . TYR A 1 145 ? 2.939   13.945  10.251  1.00 12.88 ? 142 TYR u O   1 
ATOM 933  C CB  . TYR A 1 145 ? 0.989   11.992  10.447  1.00 12.88 ? 142 TYR u CB  1 
ATOM 934  C CG  . TYR A 1 145 ? 0.625   10.565  10.710  1.00 12.88 ? 142 TYR u CG  1 
ATOM 935  C CD1 . TYR A 1 145 ? 1.416   9.764   11.525  1.00 12.88 ? 142 TYR u CD1 1 
ATOM 936  C CD2 . TYR A 1 145 ? -0.510  10.013  10.141  1.00 12.88 ? 142 TYR u CD2 1 
ATOM 937  C CE1 . TYR A 1 145 ? 1.077   8.447   11.756  1.00 12.88 ? 142 TYR u CE1 1 
ATOM 938  C CE2 . TYR A 1 145 ? -0.854  8.707   10.367  1.00 12.88 ? 142 TYR u CE2 1 
ATOM 939  C CZ  . TYR A 1 145 ? -0.054  7.924   11.163  1.00 12.88 ? 142 TYR u CZ  1 
ATOM 940  O OH  . TYR A 1 145 ? -0.411  6.619   11.392  1.00 12.88 ? 142 TYR u OH  1 
ATOM 941  N N   . ILE A 1 146 ? 1.973   15.150  11.881  1.00 11.94 ? 143 ILE u N   1 
ATOM 942  C CA  . ILE A 1 146 ? 2.461   16.401  11.314  1.00 11.94 ? 143 ILE u CA  1 
ATOM 943  C C   . ILE A 1 146 ? 3.968   16.580  11.510  1.00 11.94 ? 143 ILE u C   1 
ATOM 944  O O   . ILE A 1 146 ? 4.608   17.257  10.703  1.00 11.94 ? 143 ILE u O   1 
ATOM 945  C CB  . ILE A 1 146 ? 1.645   17.591  11.869  1.00 11.94 ? 143 ILE u CB  1 
ATOM 946  C CG1 . ILE A 1 146 ? 1.691   18.771  10.891  1.00 11.94 ? 143 ILE u CG1 1 
ATOM 947  C CG2 . ILE A 1 146 ? 2.102   18.004  13.266  1.00 11.94 ? 143 ILE u CG2 1 
ATOM 948  C CD1 . ILE A 1 146 ? 0.852   19.948  11.300  1.00 11.94 ? 143 ILE u CD1 1 
ATOM 949  N N   . ASN A 1 147 ? 4.569   15.940  12.511  1.00 11.75 ? 144 ASN u N   1 
ATOM 950  C CA  . ASN A 1 147 ? 5.991   16.101  12.778  1.00 11.75 ? 144 ASN u CA  1 
ATOM 951  C C   . ASN A 1 147 ? 6.844   14.967  12.233  1.00 11.75 ? 144 ASN u C   1 
ATOM 952  O O   . ASN A 1 147 ? 8.046   14.944  12.498  1.00 11.75 ? 144 ASN u O   1 
ATOM 953  C CB  . ASN A 1 147 ? 6.247   16.230  14.280  1.00 11.75 ? 144 ASN u CB  1 
ATOM 954  C CG  . ASN A 1 147 ? 5.936   17.602  14.808  1.00 11.75 ? 144 ASN u CG  1 
ATOM 955  O OD1 . ASN A 1 147 ? 6.218   18.608  14.166  1.00 11.75 ? 144 ASN u OD1 1 
ATOM 956  N ND2 . ASN A 1 147 ? 5.345   17.652  15.989  1.00 11.75 ? 144 ASN u ND2 1 
ATOM 957  N N   . PHE A 1 148 ? 6.265   14.031  11.488  1.00 10.35 ? 145 PHE u N   1 
ATOM 958  C CA  . PHE A 1 148 ? 7.034   12.889  11.012  1.00 10.35 ? 145 PHE u CA  1 
ATOM 959  C C   . PHE A 1 148 ? 7.986   13.317  9.899   1.00 10.35 ? 145 PHE u C   1 
ATOM 960  O O   . PHE A 1 148 ? 7.717   14.254  9.149   1.00 10.35 ? 145 PHE u O   1 
ATOM 961  C CB  . PHE A 1 148 ? 6.110   11.771  10.522  1.00 10.35 ? 145 PHE u CB  1 
ATOM 962  C CG  . PHE A 1 148 ? 5.559   10.888  11.624  1.00 10.35 ? 145 PHE u CG  1 
ATOM 963  C CD1 . PHE A 1 148 ? 4.949   11.428  12.751  1.00 10.35 ? 145 PHE u CD1 1 
ATOM 964  C CD2 . PHE A 1 148 ? 5.631   9.511   11.517  1.00 10.35 ? 145 PHE u CD2 1 
ATOM 965  C CE1 . PHE A 1 148 ? 4.446   10.617  13.742  1.00 10.35 ? 145 PHE u CE1 1 
ATOM 966  C CE2 . PHE A 1 148 ? 5.123   8.697   12.505  1.00 10.35 ? 145 PHE u CE2 1 
ATOM 967  C CZ  . PHE A 1 148 ? 4.530   9.253   13.618  1.00 10.35 ? 145 PHE u CZ  1 
ATOM 968  N N   . SER A 1 149 ? 9.125   12.627  9.816   1.00 9.94  ? 146 SER u N   1 
ATOM 969  C CA  . SER A 1 149 ? 10.163  12.991  8.856   1.00 9.94  ? 146 SER u CA  1 
ATOM 970  C C   . SER A 1 149 ? 9.736   12.768  7.413   1.00 9.94  ? 146 SER u C   1 
ATOM 971  O O   . SER A 1 149 ? 10.205  13.488  6.530   1.00 9.94  ? 146 SER u O   1 
ATOM 972  C CB  . SER A 1 149 ? 11.449  12.208  9.134   1.00 9.94  ? 146 SER u CB  1 
ATOM 973  O OG  . SER A 1 149 ? 12.017  12.584  10.370  1.00 9.94  ? 146 SER u OG  1 
ATOM 974  N N   . GLY A 1 150 ? 8.858   11.810  7.155   1.00 8.14  ? 147 GLY u N   1 
ATOM 975  C CA  . GLY A 1 150 ? 8.413   11.587  5.799   1.00 8.14  ? 147 GLY u CA  1 
ATOM 976  C C   . GLY A 1 150 ? 6.969   11.941  5.518   1.00 8.14  ? 147 GLY u C   1 
ATOM 977  O O   . GLY A 1 150 ? 6.325   11.251  4.729   1.00 8.14  ? 147 GLY u O   1 
ATOM 978  N N   . ARG A 1 151 ? 6.437   13.001  6.124   1.00 9.17  ? 148 ARG u N   1 
ATOM 979  C CA  . ARG A 1 151 ? 5.051   13.364  5.877   1.00 9.17  ? 148 ARG u CA  1 
ATOM 980  C C   . ARG A 1 151 ? 4.932   14.301  4.685   1.00 9.17  ? 148 ARG u C   1 
ATOM 981  O O   . ARG A 1 151 ? 5.752   15.204  4.495   1.00 9.17  ? 148 ARG u O   1 
ATOM 982  C CB  . ARG A 1 151 ? 4.381   13.982  7.115   1.00 9.17  ? 148 ARG u CB  1 
ATOM 983  C CG  . ARG A 1 151 ? 4.979   15.230  7.698   1.00 9.17  ? 148 ARG u CG  1 
ATOM 984  C CD  . ARG A 1 151 ? 4.307   16.505  7.230   1.00 9.17  ? 148 ARG u CD  1 
ATOM 985  N NE  . ARG A 1 151 ? 5.013   17.655  7.774   1.00 9.17  ? 148 ARG u NE  1 
ATOM 986  C CZ  . ARG A 1 151 ? 5.043   18.852  7.212   1.00 9.17  ? 148 ARG u CZ  1 
ATOM 987  N NH1 . ARG A 1 151 ? 5.716   19.835  7.786   1.00 9.17  ? 148 ARG u NH1 1 
ATOM 988  N NH2 . ARG A 1 151 ? 4.414   19.055  6.066   1.00 9.17  ? 148 ARG u NH2 1 
ATOM 989  N N   . HIS A 1 152 ? 3.912   14.067  3.874   1.00 7.40  ? 149 HIS u N   1 
ATOM 990  C CA  . HIS A 1 152 ? 3.508   14.978  2.820   1.00 7.40  ? 149 HIS u CA  1 
ATOM 991  C C   . HIS A 1 152 ? 2.135   15.526  3.166   1.00 7.40  ? 149 HIS u C   1 
ATOM 992  O O   . HIS A 1 152 ? 1.375   14.912  3.913   1.00 7.40  ? 149 HIS u O   1 
ATOM 993  C CB  . HIS A 1 152 ? 3.476   14.286  1.452   1.00 7.40  ? 149 HIS u CB  1 
ATOM 994  C CG  . HIS A 1 152 ? 4.826   13.933  0.914   1.00 7.40  ? 149 HIS u CG  1 
ATOM 995  N ND1 . HIS A 1 152 ? 5.011   13.455  -0.364  1.00 7.40  ? 149 HIS u ND1 1 
ATOM 996  C CD2 . HIS A 1 152 ? 6.054   13.968  1.481   1.00 7.40  ? 149 HIS u CD2 1 
ATOM 997  C CE1 . HIS A 1 152 ? 6.293   13.220  -0.564  1.00 7.40  ? 149 HIS u CE1 1 
ATOM 998  N NE2 . HIS A 1 152 ? 6.948   13.524  0.540   1.00 7.40  ? 149 HIS u NE2 1 
ATOM 999  N N   . VAL A 1 153 ? 1.823   16.695  2.626   1.00 6.67  ? 150 VAL u N   1 
ATOM 1000 C CA  . VAL A 1 153 ? 0.543   17.347  2.868   1.00 6.67  ? 150 VAL u CA  1 
ATOM 1001 C C   . VAL A 1 153 ? -0.418  16.904  1.777   1.00 6.67  ? 150 VAL u C   1 
ATOM 1002 O O   . VAL A 1 153 ? -0.131  17.057  0.586   1.00 6.67  ? 150 VAL u O   1 
ATOM 1003 C CB  . VAL A 1 153 ? 0.677   18.876  2.897   1.00 6.67  ? 150 VAL u CB  1 
ATOM 1004 C CG1 . VAL A 1 153 ? -0.688  19.529  3.058   1.00 6.67  ? 150 VAL u CG1 1 
ATOM 1005 C CG2 . VAL A 1 153 ? 1.594   19.306  4.011   1.00 6.67  ? 150 VAL u CG2 1 
ATOM 1006 N N   . ILE A 1 154 ? -1.563  16.364  2.166   1.00 9.47  ? 151 ILE u N   1 
ATOM 1007 C CA  . ILE A 1 154 ? -2.640  16.093  1.225   1.00 9.47  ? 151 ILE u CA  1 
ATOM 1008 C C   . ILE A 1 154 ? -3.704  17.180  1.358   1.00 9.47  ? 151 ILE u C   1 
ATOM 1009 O O   . ILE A 1 154 ? -4.264  17.398  2.437   1.00 9.47  ? 151 ILE u O   1 
ATOM 1010 C CB  . ILE A 1 154 ? -3.213  14.674  1.426   1.00 9.47  ? 151 ILE u CB  1 
ATOM 1011 C CG1 . ILE A 1 154 ? -4.415  14.432  0.516   1.00 9.47  ? 151 ILE u CG1 1 
ATOM 1012 C CG2 . ILE A 1 154 ? -3.466  14.320  2.898   1.00 9.47  ? 151 ILE u CG2 1 
ATOM 1013 C CD1 . ILE A 1 154 ? -4.810  12.990  0.408   1.00 9.47  ? 151 ILE u CD1 1 
ATOM 1014 N N   . ARG A 1 155 ? -3.938  17.904  0.265   1.00 11.75 ? 152 ARG u N   1 
ATOM 1015 C CA  . ARG A 1 155 ? -4.950  18.951  0.219   1.00 11.75 ? 152 ARG u CA  1 
ATOM 1016 C C   . ARG A 1 155 ? -6.274  18.289  -0.109  1.00 11.75 ? 152 ARG u C   1 
ATOM 1017 O O   . ARG A 1 155 ? -6.506  17.882  -1.251  1.00 11.75 ? 152 ARG u O   1 
ATOM 1018 C CB  . ARG A 1 155 ? -4.594  20.018  -0.811  1.00 11.75 ? 152 ARG u CB  1 
ATOM 1019 C CG  . ARG A 1 155 ? -3.247  20.650  -0.590  1.00 11.75 ? 152 ARG u CG  1 
ATOM 1020 C CD  . ARG A 1 155 ? -2.909  21.580  -1.723  1.00 11.75 ? 152 ARG u CD  1 
ATOM 1021 N NE  . ARG A 1 155 ? -2.744  20.863  -2.983  1.00 11.75 ? 152 ARG u NE  1 
ATOM 1022 C CZ  . ARG A 1 155 ? -3.177  21.309  -4.158  1.00 11.75 ? 152 ARG u CZ  1 
ATOM 1023 N NH1 . ARG A 1 155 ? -3.815  22.467  -4.235  1.00 11.75 ? 152 ARG u NH1 1 
ATOM 1024 N NH2 . ARG A 1 155 ? -2.979  20.591  -5.255  1.00 11.75 ? 152 ARG u NH2 1 
ATOM 1025 N N   . THR A 1 156 ? -7.129  18.168  0.878   1.00 15.46 ? 153 THR u N   1 
ATOM 1026 C CA  . THR A 1 156 ? -7.960  16.980  0.782   1.00 15.46 ? 153 THR u CA  1 
ATOM 1027 C C   . THR A 1 156 ? -9.481  17.101  0.809   1.00 15.46 ? 153 THR u C   1 
ATOM 1028 O O   . THR A 1 156 ? -10.120 16.284  1.473   1.00 15.46 ? 153 THR u O   1 
ATOM 1029 C CB  . THR A 1 156 ? -7.519  16.020  1.901   1.00 15.46 ? 153 THR u CB  1 
ATOM 1030 O OG1 . THR A 1 156 ? -8.339  14.849  1.896   1.00 15.46 ? 153 THR u OG1 1 
ATOM 1031 C CG2 . THR A 1 156 ? -7.513  16.698  3.292   1.00 15.46 ? 153 THR u CG2 1 
ATOM 1032 N N   . PRO A 1 157 ? -10.133 18.049  0.114   1.00 14.02 ? 154 PRO u N   1 
ATOM 1033 C CA  . PRO A 1 157 ? -11.430 17.682  -0.478  1.00 14.02 ? 154 PRO u CA  1 
ATOM 1034 C C   . PRO A 1 157 ? -11.376 17.288  -1.953  1.00 14.02 ? 154 PRO u C   1 
ATOM 1035 O O   . PRO A 1 157 ? -12.086 16.375  -2.378  1.00 14.02 ? 154 PRO u O   1 
ATOM 1036 C CB  . PRO A 1 157 ? -12.280 18.938  -0.268  1.00 14.02 ? 154 PRO u CB  1 
ATOM 1037 C CG  . PRO A 1 157 ? -11.312 20.030  -0.240  1.00 14.02 ? 154 PRO u CG  1 
ATOM 1038 C CD  . PRO A 1 157 ? -10.015 19.507  0.284   1.00 14.02 ? 154 PRO u CD  1 
ATOM 1039 N N   . ALA A 1 158 ? -10.500 17.922  -2.733  1.00 10.04 ? 155 ALA u N   1 
ATOM 1040 C CA  . ALA A 1 158 ? -10.688 17.916  -4.179  1.00 10.04 ? 155 ALA u CA  1 
ATOM 1041 C C   . ALA A 1 158 ? -9.405  17.818  -4.991  1.00 10.04 ? 155 ALA u C   1 
ATOM 1042 O O   . ALA A 1 158 ? -9.429  18.175  -6.173  1.00 10.04 ? 155 ALA u O   1 
ATOM 1043 C CB  . ALA A 1 158 ? -11.432 19.177  -4.616  1.00 10.04 ? 155 ALA u CB  1 
ATOM 1044 N N   . TRP A 1 159 ? -8.295  17.366  -4.433  1.00 10.56 ? 156 TRP u N   1 
ATOM 1045 C CA  . TRP A 1 159 ? -7.037  17.364  -5.155  1.00 10.56 ? 156 TRP u CA  1 
ATOM 1046 C C   . TRP A 1 159 ? -6.422  15.974  -5.161  1.00 10.56 ? 156 TRP u C   1 
ATOM 1047 O O   . TRP A 1 159 ? -6.738  15.134  -4.315  1.00 10.56 ? 156 TRP u O   1 
ATOM 1048 C CB  . TRP A 1 159 ? -6.090  18.407  -4.558  1.00 10.56 ? 156 TRP u CB  1 
ATOM 1049 C CG  . TRP A 1 159 ? -6.540  19.763  -4.970  1.00 10.56 ? 156 TRP u CG  1 
ATOM 1050 C CD1 . TRP A 1 159 ? -6.182  20.426  -6.098  1.00 10.56 ? 156 TRP u CD1 1 
ATOM 1051 C CD2 . TRP A 1 159 ? -7.500  20.594  -4.306  1.00 10.56 ? 156 TRP u CD2 1 
ATOM 1052 N NE1 . TRP A 1 159 ? -6.831  21.625  -6.169  1.00 10.56 ? 156 TRP u NE1 1 
ATOM 1053 C CE2 . TRP A 1 159 ? -7.649  21.753  -5.080  1.00 10.56 ? 156 TRP u CE2 1 
ATOM 1054 C CE3 . TRP A 1 159 ? -8.236  20.474  -3.122  1.00 10.56 ? 156 TRP u CE3 1 
ATOM 1055 C CZ2 . TRP A 1 159 ? -8.500  22.788  -4.718  1.00 10.56 ? 156 TRP u CZ2 1 
ATOM 1056 C CZ3 . TRP A 1 159 ? -9.085  21.500  -2.766  1.00 10.56 ? 156 TRP u CZ3 1 
ATOM 1057 C CH2 . TRP A 1 159 ? -9.212  22.643  -3.565  1.00 10.56 ? 156 TRP u CH2 1 
ATOM 1058 N N   . TYR A 1 160 ? -5.569  15.738  -6.147  1.00 7.02  ? 157 TYR u N   1 
ATOM 1059 C CA  . TYR A 1 160 ? -4.858  14.482  -6.307  1.00 7.02  ? 157 TYR u CA  1 
ATOM 1060 C C   . TYR A 1 160 ? -3.661  14.423  -5.362  1.00 7.02  ? 157 TYR u C   1 
ATOM 1061 O O   . TYR A 1 160 ? -3.056  15.442  -5.026  1.00 7.02  ? 157 TYR u O   1 
ATOM 1062 C CB  . TYR A 1 160 ? -4.430  14.340  -7.769  1.00 7.02  ? 157 TYR u CB  1 
ATOM 1063 C CG  . TYR A 1 160 ? -3.539  13.172  -8.109  1.00 7.02  ? 157 TYR u CG  1 
ATOM 1064 C CD1 . TYR A 1 160 ? -4.076  11.927  -8.402  1.00 7.02  ? 157 TYR u CD1 1 
ATOM 1065 C CD2 . TYR A 1 160 ? -2.161  13.326  -8.173  1.00 7.02  ? 157 TYR u CD2 1 
ATOM 1066 C CE1 . TYR A 1 160 ? -3.263  10.868  -8.725  1.00 7.02  ? 157 TYR u CE1 1 
ATOM 1067 C CE2 . TYR A 1 160 ? -1.344  12.273  -8.487  1.00 7.02  ? 157 TYR u CE2 1 
ATOM 1068 C CZ  . TYR A 1 160 ? -1.901  11.049  -8.769  1.00 7.02  ? 157 TYR u CZ  1 
ATOM 1069 O OH  . TYR A 1 160 ? -1.087  10.001  -9.095  1.00 7.02  ? 157 TYR u OH  1 
ATOM 1070 N N   . HIS A 1 161 ? -3.337  13.214  -4.911  1.00 7.08  ? 158 HIS u N   1 
ATOM 1071 C CA  . HIS A 1 161 ? -2.185  12.995  -4.043  1.00 7.08  ? 158 HIS u CA  1 
ATOM 1072 C C   . HIS A 1 161 ? -1.608  11.624  -4.347  1.00 7.08  ? 158 HIS u C   1 
ATOM 1073 O O   . HIS A 1 161 ? -2.364  10.677  -4.573  1.00 7.08  ? 158 HIS u O   1 
ATOM 1074 C CB  . HIS A 1 161 ? -2.580  13.085  -2.567  1.00 7.08  ? 158 HIS u CB  1 
ATOM 1075 C CG  . HIS A 1 161 ? -1.416  13.077  -1.629  1.00 7.08  ? 158 HIS u CG  1 
ATOM 1076 N ND1 . HIS A 1 161 ? -0.533  14.129  -1.531  1.00 7.08  ? 158 HIS u ND1 1 
ATOM 1077 C CD2 . HIS A 1 161 ? -0.982  12.141  -0.754  1.00 7.08  ? 158 HIS u CD2 1 
ATOM 1078 C CE1 . HIS A 1 161 ? 0.392   13.843  -0.634  1.00 7.08  ? 158 HIS u CE1 1 
ATOM 1079 N NE2 . HIS A 1 161 ? 0.137   12.644  -0.145  1.00 7.08  ? 158 HIS u NE2 1 
ATOM 1080 N N   . LYS A 1 162 ? -0.287  11.510  -4.358  1.00 5.99  ? 159 LYS u N   1 
ATOM 1081 C CA  . LYS A 1 162 ? 0.335   10.213  -4.558  1.00 5.99  ? 159 LYS u CA  1 
ATOM 1082 C C   . LYS A 1 162 ? 1.624   10.076  -3.758  1.00 5.99  ? 159 LYS u C   1 
ATOM 1083 O O   . LYS A 1 162 ? 2.384   11.034  -3.613  1.00 5.99  ? 159 LYS u O   1 
ATOM 1084 C CB  . LYS A 1 162 ? 0.566   9.933   -6.059  1.00 5.99  ? 159 LYS u CB  1 
ATOM 1085 C CG  . LYS A 1 162 ? 1.575   10.783  -6.799  1.00 5.99  ? 159 LYS u CG  1 
ATOM 1086 C CD  . LYS A 1 162 ? 2.889   10.037  -6.976  1.00 5.99  ? 159 LYS u CD  1 
ATOM 1087 C CE  . LYS A 1 162 ? 3.868   10.819  -7.827  1.00 5.99  ? 159 LYS u CE  1 
ATOM 1088 N NZ  . LYS A 1 162 ? 5.157   10.093  -7.981  1.00 5.99  ? 159 LYS u NZ  1 
ATOM 1089 N N   . ARG A 1 163 ? 1.846   8.870   -3.235  1.00 6.26  ? 160 ARG u N   1 
ATOM 1090 C CA  . ARG A 1 163 ? 3.077   8.477   -2.564  1.00 6.26  ? 160 ARG u CA  1 
ATOM 1091 C C   . ARG A 1 163 ? 3.715   7.316   -3.316  1.00 6.26  ? 160 ARG u C   1 
ATOM 1092 O O   . ARG A 1 163 ? 3.018   6.477   -3.887  1.00 6.26  ? 160 ARG u O   1 
ATOM 1093 C CB  . ARG A 1 163 ? 2.827   8.061   -1.106  1.00 6.26  ? 160 ARG u CB  1 
ATOM 1094 C CG  . ARG A 1 163 ? 2.339   9.151   -0.179  1.00 6.26  ? 160 ARG u CG  1 
ATOM 1095 C CD  . ARG A 1 163 ? 3.170   10.404  -0.283  1.00 6.26  ? 160 ARG u CD  1 
ATOM 1096 N NE  . ARG A 1 163 ? 4.544   10.228  0.174   1.00 6.26  ? 160 ARG u NE  1 
ATOM 1097 C CZ  . ARG A 1 163 ? 4.969   10.528  1.396   1.00 6.26  ? 160 ARG u CZ  1 
ATOM 1098 N NH1 . ARG A 1 163 ? 6.239   10.351  1.718   1.00 6.26  ? 160 ARG u NH1 1 
ATOM 1099 N NH2 . ARG A 1 163 ? 4.126   10.997  2.296   1.00 6.26  ? 160 ARG u NH2 1 
ATOM 1100 N N   . TYR A 1 164 ? 5.044   7.259   -3.293  1.00 5.16  ? 161 TYR u N   1 
ATOM 1101 C CA  . TYR A 1 164 ? 5.812   6.256   -4.031  1.00 5.16  ? 161 TYR u CA  1 
ATOM 1102 C C   . TYR A 1 164 ? 7.019   5.868   -3.186  1.00 5.16  ? 161 TYR u C   1 
ATOM 1103 O O   . TYR A 1 164 ? 7.866   6.717   -2.902  1.00 5.16  ? 161 TYR u O   1 
ATOM 1104 C CB  . TYR A 1 164 ? 6.231   6.809   -5.396  1.00 5.16  ? 161 TYR u CB  1 
ATOM 1105 C CG  . TYR A 1 164 ? 6.874   5.830   -6.345  1.00 5.16  ? 161 TYR u CG  1 
ATOM 1106 C CD1 . TYR A 1 164 ? 6.107   4.988   -7.134  1.00 5.16  ? 161 TYR u CD1 1 
ATOM 1107 C CD2 . TYR A 1 164 ? 8.254   5.768   -6.473  1.00 5.16  ? 161 TYR u CD2 1 
ATOM 1108 C CE1 . TYR A 1 164 ? 6.697   4.103   -8.014  1.00 5.16  ? 161 TYR u CE1 1 
ATOM 1109 C CE2 . TYR A 1 164 ? 8.854   4.885   -7.350  1.00 5.16  ? 161 TYR u CE2 1 
ATOM 1110 C CZ  . TYR A 1 164 ? 8.073   4.057   -8.116  1.00 5.16  ? 161 TYR u CZ  1 
ATOM 1111 O OH  . TYR A 1 164 ? 8.676   3.181   -8.983  1.00 5.16  ? 161 TYR u OH  1 
ATOM 1112 N N   . PHE A 1 165 ? 7.119   4.593   -2.805  1.00 4.27  ? 162 PHE u N   1 
ATOM 1113 C CA  . PHE A 1 165 ? 8.130   4.145   -1.849  1.00 4.27  ? 162 PHE u CA  1 
ATOM 1114 C C   . PHE A 1 165 ? 8.265   2.625   -1.896  1.00 4.27  ? 162 PHE u C   1 
ATOM 1115 O O   . PHE A 1 165 ? 7.432   1.924   -2.470  1.00 4.27  ? 162 PHE u O   1 
ATOM 1116 C CB  . PHE A 1 165 ? 7.802   4.623   -0.420  1.00 4.27  ? 162 PHE u CB  1 
ATOM 1117 C CG  . PHE A 1 165 ? 6.513   4.076   0.141   1.00 4.27  ? 162 PHE u CG  1 
ATOM 1118 C CD1 . PHE A 1 165 ? 5.300   4.671   -0.159  1.00 4.27  ? 162 PHE u CD1 1 
ATOM 1119 C CD2 . PHE A 1 165 ? 6.521   2.974   0.982   1.00 4.27  ? 162 PHE u CD2 1 
ATOM 1120 C CE1 . PHE A 1 165 ? 4.126   4.169   0.353   1.00 4.27  ? 162 PHE u CE1 1 
ATOM 1121 C CE2 . PHE A 1 165 ? 5.349   2.469   1.497   1.00 4.27  ? 162 PHE u CE2 1 
ATOM 1122 C CZ  . PHE A 1 165 ? 4.151   3.065   1.184   1.00 4.27  ? 162 PHE u CZ  1 
ATOM 1123 N N   . THR A 1 166 ? 9.322   2.120   -1.255  1.00 5.02  ? 163 THR u N   1 
ATOM 1124 C CA  . THR A 1 166 ? 9.540   0.688   -1.073  1.00 5.02  ? 163 THR u CA  1 
ATOM 1125 C C   . THR A 1 166 ? 8.832   0.214   0.183   1.00 5.02  ? 163 THR u C   1 
ATOM 1126 O O   . THR A 1 166 ? 9.141   0.708   1.274   1.00 5.02  ? 163 THR u O   1 
ATOM 1127 C CB  . THR A 1 166 ? 11.029  0.374   -0.971  1.00 5.02  ? 163 THR u CB  1 
ATOM 1128 O OG1 . THR A 1 166 ? 11.703  0.830   -2.142  1.00 5.02  ? 163 THR u OG1 1 
ATOM 1129 C CG2 . THR A 1 166 ? 11.252  -1.121  -0.809  1.00 5.02  ? 163 THR u CG2 1 
ATOM 1130 N N   . PRO A 1 167 ? 7.905   -0.733  0.093   1.00 5.32  ? 164 PRO u N   1 
ATOM 1131 C CA  . PRO A 1 167 ? 7.271   -1.263  1.300   1.00 5.32  ? 164 PRO u CA  1 
ATOM 1132 C C   . PRO A 1 167 ? 8.127   -2.337  1.952   1.00 5.32  ? 164 PRO u C   1 
ATOM 1133 O O   . PRO A 1 167 ? 9.038   -2.907  1.349   1.00 5.32  ? 164 PRO u O   1 
ATOM 1134 C CB  . PRO A 1 167 ? 5.972   -1.856  0.762   1.00 5.32  ? 164 PRO u CB  1 
ATOM 1135 C CG  . PRO A 1 167 ? 6.399   -2.399  -0.535  1.00 5.32  ? 164 PRO u CG  1 
ATOM 1136 C CD  . PRO A 1 167 ? 7.354   -1.372  -1.112  1.00 5.32  ? 164 PRO u CD  1 
ATOM 1137 N N   . LYS A 1 168 ? 7.812   -2.627  3.208   1.00 6.78  ? 165 LYS u N   1 
ATOM 1138 C CA  . LYS A 1 168 ? 8.550   -3.633  3.941   1.00 6.78  ? 165 LYS u CA  1 
ATOM 1139 C C   . LYS A 1 168 ? 7.619   -4.760  4.370   1.00 6.78  ? 165 LYS u C   1 
ATOM 1140 O O   . LYS A 1 168 ? 6.482   -4.494  4.777   1.00 6.78  ? 165 LYS u O   1 
ATOM 1141 C CB  . LYS A 1 168 ? 9.247   -3.020  5.163   1.00 6.78  ? 165 LYS u CB  1 
ATOM 1142 C CG  . LYS A 1 168 ? 10.120  -1.844  4.820   1.00 6.78  ? 165 LYS u CG  1 
ATOM 1143 C CD  . LYS A 1 168 ? 11.336  -2.294  4.032   1.00 6.78  ? 165 LYS u CD  1 
ATOM 1144 C CE  . LYS A 1 168 ? 12.001  -1.138  3.323   1.00 6.78  ? 165 LYS u CE  1 
ATOM 1145 N NZ  . LYS A 1 168 ? 13.305  -1.542  2.739   1.00 6.78  ? 165 LYS u NZ  1 
ATOM 1146 N N   . PRO A 1 169 ? 8.049   -6.014  4.277   1.00 9.25  ? 166 PRO u N   1 
ATOM 1147 C CA  . PRO A 1 169 ? 7.184   -7.131  4.670   1.00 9.25  ? 166 PRO u CA  1 
ATOM 1148 C C   . PRO A 1 169 ? 7.068   -7.263  6.180   1.00 9.25  ? 166 PRO u C   1 
ATOM 1149 O O   . PRO A 1 169 ? 8.009   -6.988  6.926   1.00 9.25  ? 166 PRO u O   1 
ATOM 1150 C CB  . PRO A 1 169 ? 7.893   -8.346  4.064   1.00 9.25  ? 166 PRO u CB  1 
ATOM 1151 C CG  . PRO A 1 169 ? 9.316   -7.936  3.980   1.00 9.25  ? 166 PRO u CG  1 
ATOM 1152 C CD  . PRO A 1 169 ? 9.320   -6.474  3.692   1.00 9.25  ? 166 PRO u CD  1 
ATOM 1153 N N   . LEU A 1 170 ? 5.898   -7.701  6.632   1.00 14.40 ? 167 LEU u N   1 
ATOM 1154 C CA  . LEU A 1 170 ? 5.644   -7.874  8.060   1.00 14.40 ? 167 LEU u CA  1 
ATOM 1155 C C   . LEU A 1 170 ? 5.922   -9.329  8.420   1.00 14.40 ? 167 LEU u C   1 
ATOM 1156 O O   . LEU A 1 170 ? 5.065   -10.206 8.327   1.00 14.40 ? 167 LEU u O   1 
ATOM 1157 C CB  . LEU A 1 170 ? 4.225   -7.445  8.405   1.00 14.40 ? 167 LEU u CB  1 
ATOM 1158 C CG  . LEU A 1 170 ? 3.990   -5.948  8.198   1.00 14.40 ? 167 LEU u CG  1 
ATOM 1159 C CD1 . LEU A 1 170 ? 2.526   -5.590  8.331   1.00 14.40 ? 167 LEU u CD1 1 
ATOM 1160 C CD2 . LEU A 1 170 ? 4.826   -5.141  9.175   1.00 14.40 ? 167 LEU u CD2 1 
ATOM 1161 N N   . ILE A 1 171 ? 7.162   -9.581  8.831   1.00 20.26 ? 168 ILE u N   1 
ATOM 1162 C CA  . ILE A 1 171 ? 7.609   -10.949 9.070   1.00 20.26 ? 168 ILE u CA  1 
ATOM 1163 C C   . ILE A 1 171 ? 7.435   -11.328 10.533  1.00 20.26 ? 168 ILE u C   1 
ATOM 1164 O O   . ILE A 1 171 ? 6.666   -12.231 10.875  1.00 20.26 ? 168 ILE u O   1 
ATOM 1165 C CB  . ILE A 1 171 ? 9.072   -11.122 8.631   1.00 20.26 ? 168 ILE u CB  1 
ATOM 1166 C CG1 . ILE A 1 171 ? 9.249   -10.777 7.155   1.00 20.26 ? 168 ILE u CG1 1 
ATOM 1167 C CG2 . ILE A 1 171 ? 9.544   -12.536 8.924   1.00 20.26 ? 168 ILE u CG2 1 
ATOM 1168 C CD1 . ILE A 1 171 ? 10.690  -10.842 6.702   1.00 20.26 ? 168 ILE u CD1 1 
ATOM 1169 N N   . ASP A 1 172 ? 8.147   -10.640 11.417  1.00 32.47 ? 169 ASP u N   1 
ATOM 1170 C CA  . ASP A 1 172 ? 8.188   -10.979 12.827  1.00 32.47 ? 169 ASP u CA  1 
ATOM 1171 C C   . ASP A 1 172 ? 7.226   -10.096 13.606  1.00 32.47 ? 169 ASP u C   1 
ATOM 1172 O O   . ASP A 1 172 ? 7.155   -8.884  13.392  1.00 32.47 ? 169 ASP u O   1 
ATOM 1173 C CB  . ASP A 1 172 ? 9.605   -10.831 13.391  1.00 32.47 ? 169 ASP u CB  1 
ATOM 1174 C CG  . ASP A 1 172 ? 9.852   -11.721 14.597  1.00 32.47 ? 169 ASP u CG  1 
ATOM 1175 O OD1 . ASP A 1 172 ? 11.028  -11.951 14.936  1.00 32.47 ? 169 ASP u OD1 1 
ATOM 1176 O OD2 . ASP A 1 172 ? 8.874   -12.201 15.207  1.00 32.47 ? 169 ASP u OD2 1 
ATOM 1177 N N   . GLY A 1 173 ? 6.484   -10.723 14.510  1.00 35.13 ? 170 GLY u N   1 
ATOM 1178 C CA  . GLY A 1 173 ? 5.594   -9.996  15.388  1.00 35.13 ? 170 GLY u CA  1 
ATOM 1179 C C   . GLY A 1 173 ? 6.287   -9.593  16.671  1.00 35.13 ? 170 GLY u C   1 
ATOM 1180 O O   . GLY A 1 173 ? 5.909   -8.605  17.305  1.00 35.13 ? 170 GLY u O   1 
ATOM 1181 N N   . ASN A 1 174 ? 7.322   -10.345 17.049  1.00 37.09 ? 171 ASN u N   1 
ATOM 1182 C CA  . ASN A 1 174 ? 8.021   -10.083 18.301  1.00 37.09 ? 171 ASN u CA  1 
ATOM 1183 C C   . ASN A 1 174 ? 9.054   -8.972  18.141  1.00 37.09 ? 171 ASN u C   1 
ATOM 1184 O O   . ASN A 1 174 ? 9.114   -8.054  18.964  1.00 37.09 ? 171 ASN u O   1 
ATOM 1185 C CB  . ASN A 1 174 ? 8.681   -11.367 18.810  1.00 37.09 ? 171 ASN u CB  1 
ATOM 1186 C CG  . ASN A 1 174 ? 9.128   -11.268 20.266  1.00 37.09 ? 171 ASN u CG  1 
ATOM 1187 O OD1 . ASN A 1 174 ? 8.932   -10.248 20.929  1.00 37.09 ? 171 ASN u OD1 1 
ATOM 1188 N ND2 . ASN A 1 174 ? 9.739   -12.337 20.766  1.00 37.09 ? 171 ASN u ND2 1 
ATOM 1189 N N   . THR A 1 175 ? 9.877   -9.033  17.092  1.00 29.50 ? 172 THR u N   1 
ATOM 1190 C CA  . THR A 1 175 ? 10.928  -8.040  16.899  1.00 29.50 ? 172 THR u CA  1 
ATOM 1191 C C   . THR A 1 175 ? 10.580  -6.965  15.878  1.00 29.50 ? 172 THR u C   1 
ATOM 1192 O O   . THR A 1 175 ? 10.964  -5.809  16.069  1.00 29.50 ? 172 THR u O   1 
ATOM 1193 C CB  . THR A 1 175 ? 12.244  -8.715  16.488  1.00 29.50 ? 172 THR u CB  1 
ATOM 1194 O OG1 . THR A 1 175 ? 12.234  -8.994  15.084  1.00 29.50 ? 172 THR u OG1 1 
ATOM 1195 C CG2 . THR A 1 175 ? 12.448  -10.005 17.254  1.00 29.50 ? 172 THR u CG2 1 
ATOM 1196 N N   . GLY A 1 176 ? 9.875   -7.311  14.806  1.00 22.76 ? 173 GLY u N   1 
ATOM 1197 C CA  . GLY A 1 176 ? 9.449   -6.314  13.834  1.00 22.76 ? 173 GLY u CA  1 
ATOM 1198 C C   . GLY A 1 176 ? 10.562  -5.754  12.975  1.00 22.76 ? 173 GLY u C   1 
ATOM 1199 O O   . GLY A 1 176 ? 10.494  -4.590  12.566  1.00 22.76 ? 173 GLY u O   1 
ATOM 1200 N N   . PHE A 1 177 ? 11.583  -6.555  12.692  1.00 17.22 ? 174 PHE u N   1 
ATOM 1201 C CA  . PHE A 1 177 ? 12.732  -6.096  11.926  1.00 17.22 ? 174 PHE u CA  1 
ATOM 1202 C C   . PHE A 1 177 ? 12.373  -5.869  10.460  1.00 17.22 ? 174 PHE u C   1 
ATOM 1203 O O   . PHE A 1 177 ? 11.437  -6.468  9.927   1.00 17.22 ? 174 PHE u O   1 
ATOM 1204 C CB  . PHE A 1 177 ? 13.885  -7.100  12.036  1.00 17.22 ? 174 PHE u CB  1 
ATOM 1205 C CG  . PHE A 1 177 ? 13.642  -8.416  11.332  1.00 17.22 ? 174 PHE u CG  1 
ATOM 1206 C CD1 . PHE A 1 177 ? 12.944  -9.430  11.958  1.00 17.22 ? 174 PHE u CD1 1 
ATOM 1207 C CD2 . PHE A 1 177 ? 14.152  -8.652  10.061  1.00 17.22 ? 174 PHE u CD2 1 
ATOM 1208 C CE1 . PHE A 1 177 ? 12.733  -10.631 11.329  1.00 17.22 ? 174 PHE u CE1 1 
ATOM 1209 C CE2 . PHE A 1 177 ? 13.934  -9.851  9.426   1.00 17.22 ? 174 PHE u CE2 1 
ATOM 1210 C CZ  . PHE A 1 177 ? 13.230  -10.843 10.064  1.00 17.22 ? 174 PHE u CZ  1 
ATOM 1211 N N   . PHE A 1 178 ? 13.134  -4.994  9.806   1.00 8.76  ? 175 PHE u N   1 
ATOM 1212 C CA  . PHE A 1 178 ? 13.016  -4.795  8.367   1.00 8.76  ? 175 PHE u CA  1 
ATOM 1213 C C   . PHE A 1 178 ? 14.364  -4.366  7.801   1.00 8.76  ? 175 PHE u C   1 
ATOM 1214 O O   . PHE A 1 178 ? 15.190  -3.766  8.487   1.00 8.76  ? 175 PHE u O   1 
ATOM 1215 C CB  . PHE A 1 178 ? 11.908  -3.778  8.002   1.00 8.76  ? 175 PHE u CB  1 
ATOM 1216 C CG  . PHE A 1 178 ? 12.137  -2.374  8.515   1.00 8.76  ? 175 PHE u CG  1 
ATOM 1217 C CD1 . PHE A 1 178 ? 11.713  -2.007  9.781   1.00 8.76  ? 175 PHE u CD1 1 
ATOM 1218 C CD2 . PHE A 1 178 ? 12.722  -1.406  7.708   1.00 8.76  ? 175 PHE u CD2 1 
ATOM 1219 C CE1 . PHE A 1 178 ? 11.904  -0.716  10.248  1.00 8.76  ? 175 PHE u CE1 1 
ATOM 1220 C CE2 . PHE A 1 178 ? 12.922  -0.118  8.174   1.00 8.76  ? 175 PHE u CE2 1 
ATOM 1221 C CZ  . PHE A 1 178 ? 12.511  0.227   9.446   1.00 8.76  ? 175 PHE u CZ  1 
ATOM 1222 N N   . GLN A 1 179 ? 14.561  -4.666  6.544   1.00 6.06  ? 176 GLN u N   1 
ATOM 1223 C CA  . GLN A 1 179 ? 15.777  -4.412  5.794   1.00 6.06  ? 176 GLN u CA  1 
ATOM 1224 C C   . GLN A 1 179 ? 15.892  -2.941  5.425   1.00 6.06  ? 176 GLN u C   1 
ATOM 1225 O O   . GLN A 1 179 ? 14.889  -2.235  5.313   1.00 6.06  ? 176 GLN u O   1 
ATOM 1226 C CB  . GLN A 1 179 ? 15.799  -5.257  4.513   1.00 6.06  ? 176 GLN u CB  1 
ATOM 1227 C CG  . GLN A 1 179 ? 16.170  -6.708  4.719   1.00 6.06  ? 176 GLN u CG  1 
ATOM 1228 C CD  . GLN A 1 179 ? 16.348  -7.466  3.417   1.00 6.06  ? 176 GLN u CD  1 
ATOM 1229 O OE1 . GLN A 1 179 ? 17.406  -8.030  3.158   1.00 6.06  ? 176 GLN u OE1 1 
ATOM 1230 N NE2 . GLN A 1 179 ? 15.305  -7.505  2.606   1.00 6.06  ? 176 GLN u NE2 1 
ATOM 1231 N N   . PRO A 1 180 ? 17.111  -2.436  5.248   1.00 6.03  ? 177 PRO u N   1 
ATOM 1232 C CA  . PRO A 1 180 ? 17.284  -1.163  4.543   1.00 6.03  ? 177 PRO u CA  1 
ATOM 1233 C C   . PRO A 1 180 ? 16.996  -1.328  3.057   1.00 6.03  ? 177 PRO u C   1 
ATOM 1234 O O   . PRO A 1 180 ? 16.869  -2.431  2.530   1.00 6.03  ? 177 PRO u O   1 
ATOM 1235 C CB  . PRO A 1 180 ? 18.753  -0.804  4.790   1.00 6.03  ? 177 PRO u CB  1 
ATOM 1236 C CG  . PRO A 1 180 ? 19.212  -1.698  5.869   1.00 6.03  ? 177 PRO u CG  1 
ATOM 1237 C CD  . PRO A 1 180 ? 18.372  -2.918  5.829   1.00 6.03  ? 177 PRO u CD  1 
ATOM 1238 N N   . ASN A 1 181 ? 16.908  -0.194  2.370   1.00 7.86  ? 178 ASN u N   1 
ATOM 1239 C CA  . ASN A 1 181 ? 16.677  -0.188  0.931   1.00 7.86  ? 178 ASN u CA  1 
ATOM 1240 C C   . ASN A 1 181 ? 17.903  -0.675  0.170   1.00 7.86  ? 178 ASN u C   1 
ATOM 1241 O O   . ASN A 1 181 ? 18.941  -0.012  0.167   1.00 7.86  ? 178 ASN u O   1 
ATOM 1242 C CB  . ASN A 1 181 ? 16.290  1.212   0.455   1.00 7.86  ? 178 ASN u CB  1 
ATOM 1243 C CG  . ASN A 1 181 ? 14.809  1.444   0.508   1.00 7.86  ? 178 ASN u CG  1 
ATOM 1244 O OD1 . ASN A 1 181 ? 14.055  0.571   0.918   1.00 7.86  ? 178 ASN u OD1 1 
ATOM 1245 N ND2 . ASN A 1 181 ? 14.378  2.627   0.098   1.00 7.86  ? 178 ASN u ND2 1 
ATOM 1246 N N   . ASN A 1 182 ? 17.785  -1.833  -0.469  1.00 10.37 ? 179 ASN u N   1 
ATOM 1247 C CA  . ASN A 1 182 ? 18.864  -2.430  -1.252  1.00 10.37 ? 179 ASN u CA  1 
ATOM 1248 C C   . ASN A 1 182 ? 18.215  -3.407  -2.218  1.00 10.37 ? 179 ASN u C   1 
ATOM 1249 O O   . ASN A 1 182 ? 17.660  -4.419  -1.788  1.00 10.37 ? 179 ASN u O   1 
ATOM 1250 C CB  . ASN A 1 182 ? 19.885  -3.132  -0.355  1.00 10.37 ? 179 ASN u CB  1 
ATOM 1251 C CG  . ASN A 1 182 ? 21.226  -3.339  -1.037  1.00 10.37 ? 179 ASN u CG  1 
ATOM 1252 O OD1 . ASN A 1 182 ? 21.463  -4.358  -1.672  1.00 10.37 ? 179 ASN u OD1 1 
ATOM 1253 N ND2 . ASN A 1 182 ? 22.106  -2.362  -0.909  1.00 10.37 ? 179 ASN u ND2 1 
ATOM 1254 N N   . LYS A 1 183 ? 18.278  -3.110  -3.516  1.00 9.62  ? 180 LYS u N   1 
ATOM 1255 C CA  . LYS A 1 183 ? 17.560  -3.924  -4.490  1.00 9.62  ? 180 LYS u CA  1 
ATOM 1256 C C   . LYS A 1 183 ? 18.201  -5.291  -4.686  1.00 9.62  ? 180 LYS u C   1 
ATOM 1257 O O   . LYS A 1 183 ? 17.499  -6.259  -4.982  1.00 9.62  ? 180 LYS u O   1 
ATOM 1258 C CB  . LYS A 1 183 ? 17.456  -3.186  -5.824  1.00 9.62  ? 180 LYS u CB  1 
ATOM 1259 C CG  . LYS A 1 183 ? 16.335  -2.164  -5.867  1.00 9.62  ? 180 LYS u CG  1 
ATOM 1260 C CD  . LYS A 1 183 ? 16.337  -1.362  -7.156  1.00 9.62  ? 180 LYS u CD  1 
ATOM 1261 C CE  . LYS A 1 183 ? 15.718  -2.146  -8.299  1.00 9.62  ? 180 LYS u CE  1 
ATOM 1262 N NZ  . LYS A 1 183 ? 14.237  -2.261  -8.174  1.00 9.62  ? 180 LYS u NZ  1 
ATOM 1263 N N   . GLN A 1 184 ? 19.514  -5.401  -4.505  1.00 9.90  ? 181 GLN u N   1 
ATOM 1264 C CA  . GLN A 1 184 ? 20.175  -6.678  -4.724  1.00 9.90  ? 181 GLN u CA  1 
ATOM 1265 C C   . GLN A 1 184 ? 19.969  -7.649  -3.568  1.00 9.90  ? 181 GLN u C   1 
ATOM 1266 O O   . GLN A 1 184 ? 19.977  -8.861  -3.788  1.00 9.90  ? 181 GLN u O   1 
ATOM 1267 C CB  . GLN A 1 184 ? 21.671  -6.455  -4.976  1.00 9.90  ? 181 GLN u CB  1 
ATOM 1268 C CG  . GLN A 1 184 ? 22.421  -7.641  -5.584  1.00 9.90  ? 181 GLN u CG  1 
ATOM 1269 C CD  . GLN A 1 184 ? 22.998  -8.584  -4.543  1.00 9.90  ? 181 GLN u CD  1 
ATOM 1270 O OE1 . GLN A 1 184 ? 23.387  -8.160  -3.458  1.00 9.90  ? 181 GLN u OE1 1 
ATOM 1271 N NE2 . GLN A 1 184 ? 23.025  -9.875  -4.859  1.00 9.90  ? 181 GLN u NE2 1 
ATOM 1272 N N   . ASN A 1 185 ? 19.737  -7.154  -2.354  1.00 8.80  ? 182 ASN u N   1 
ATOM 1273 C CA  . ASN A 1 185 ? 19.712  -8.000  -1.168  1.00 8.80  ? 182 ASN u CA  1 
ATOM 1274 C C   . ASN A 1 185 ? 18.312  -8.189  -0.597  1.00 8.80  ? 182 ASN u C   1 
ATOM 1275 O O   . ASN A 1 185 ? 18.165  -8.821  0.449   1.00 8.80  ? 182 ASN u O   1 
ATOM 1276 C CB  . ASN A 1 185 ? 20.649  -7.431  -0.104  1.00 8.80  ? 182 ASN u CB  1 
ATOM 1277 C CG  . ASN A 1 185 ? 22.108  -7.703  -0.407  1.00 8.80  ? 182 ASN u CG  1 
ATOM 1278 O OD1 . ASN A 1 185 ? 22.858  -6.800  -0.771  1.00 8.80  ? 182 ASN u OD1 1 
ATOM 1279 N ND2 . ASN A 1 185 ? 22.516  -8.955  -0.268  1.00 8.80  ? 182 ASN u ND2 1 
ATOM 1280 N N   . ALA A 1 186 ? 17.284  -7.675  -1.267  1.00 6.32  ? 183 ALA u N   1 
ATOM 1281 C CA  . ALA A 1 186 ? 15.919  -7.760  -0.758  1.00 6.32  ? 183 ALA u CA  1 
ATOM 1282 C C   . ALA A 1 186 ? 15.404  -9.200  -0.755  1.00 6.32  ? 183 ALA u C   1 
ATOM 1283 O O   . ALA A 1 186 ? 15.600  -9.951  -1.715  1.00 6.32  ? 183 ALA u O   1 
ATOM 1284 C CB  . ALA A 1 186 ? 14.994  -6.868  -1.584  1.00 6.32  ? 183 ALA u CB  1 
ATOM 1285 N N   . LEU A 1 187 ? 14.740  -9.569  0.341   1.00 7.91  ? 184 LEU u N   1 
ATOM 1286 C CA  . LEU A 1 187 ? 14.330  -10.949 0.588   1.00 7.91  ? 184 LEU u CA  1 
ATOM 1287 C C   . LEU A 1 187 ? 13.245  -11.423 -0.376  1.00 7.91  ? 184 LEU u C   1 
ATOM 1288 O O   . LEU A 1 187 ? 12.399  -10.646 -0.821  1.00 7.91  ? 184 LEU u O   1 
ATOM 1289 C CB  . LEU A 1 187 ? 13.830  -11.092 2.023   1.00 7.91  ? 184 LEU u CB  1 
ATOM 1290 C CG  . LEU A 1 187 ? 14.856  -10.912 3.138   1.00 7.91  ? 184 LEU u CG  1 
ATOM 1291 C CD1 . LEU A 1 187 ? 14.161  -10.545 4.430   1.00 7.91  ? 184 LEU u CD1 1 
ATOM 1292 C CD2 . LEU A 1 187 ? 15.707  -12.156 3.315   1.00 7.91  ? 184 LEU u CD2 1 
ATOM 1293 N N   . TRP A 1 188 ? 13.275  -12.716 -0.689  1.00 14.87 ? 185 TRP u N   1 
ATOM 1294 C CA  . TRP A 1 188 ? 12.286  -13.371 -1.534  1.00 14.87 ? 185 TRP u CA  1 
ATOM 1295 C C   . TRP A 1 188 ? 11.250  -14.090 -0.681  1.00 14.87 ? 185 TRP u C   1 
ATOM 1296 O O   . TRP A 1 188 ? 11.541  -14.574 0.412   1.00 14.87 ? 185 TRP u O   1 
ATOM 1297 C CB  . TRP A 1 188 ? 12.929  -14.382 -2.483  1.00 14.87 ? 185 TRP u CB  1 
ATOM 1298 C CG  . TRP A 1 188 ? 13.707  -13.813 -3.626  1.00 14.87 ? 185 TRP u CG  1 
ATOM 1299 C CD1 . TRP A 1 188 ? 15.059  -13.700 -3.717  1.00 14.87 ? 185 TRP u CD1 1 
ATOM 1300 C CD2 . TRP A 1 188 ? 13.182  -13.318 -4.866  1.00 14.87 ? 185 TRP u CD2 1 
ATOM 1301 N NE1 . TRP A 1 188 ? 15.409  -13.151 -4.919  1.00 14.87 ? 185 TRP u NE1 1 
ATOM 1302 C CE2 . TRP A 1 188 ? 14.277  -12.915 -5.648  1.00 14.87 ? 185 TRP u CE2 1 
ATOM 1303 C CE3 . TRP A 1 188 ? 11.894  -13.176 -5.388  1.00 14.87 ? 185 TRP u CE3 1 
ATOM 1304 C CZ2 . TRP A 1 188 ? 14.125  -12.372 -6.918  1.00 14.87 ? 185 TRP u CZ2 1 
ATOM 1305 C CZ3 . TRP A 1 188 ? 11.745  -12.641 -6.644  1.00 14.87 ? 185 TRP u CZ3 1 
ATOM 1306 C CH2 . TRP A 1 188 ? 12.853  -12.246 -7.398  1.00 14.87 ? 185 TRP u CH2 1 
ATOM 1307 N N   . PHE A 1 189 ? 10.030  -14.158 -1.198  1.00 11.88 ? 186 PHE u N   1 
ATOM 1308 C CA  . PHE A 1 189 ? 8.920   -14.751 -0.476  1.00 11.88 ? 186 PHE u CA  1 
ATOM 1309 C C   . PHE A 1 189 ? 8.151   -15.695 -1.388  1.00 11.88 ? 186 PHE u C   1 
ATOM 1310 O O   . PHE A 1 189 ? 8.035   -15.430 -2.586  1.00 11.88 ? 186 PHE u O   1 
ATOM 1311 C CB  . PHE A 1 189 ? 7.986   -13.660 0.071   1.00 11.88 ? 186 PHE u CB  1 
ATOM 1312 C CG  . PHE A 1 189 ? 8.600   -12.856 1.170   1.00 11.88 ? 186 PHE u CG  1 
ATOM 1313 C CD1 . PHE A 1 189 ? 8.457   -13.254 2.486   1.00 11.88 ? 186 PHE u CD1 1 
ATOM 1314 C CD2 . PHE A 1 189 ? 9.356   -11.725 0.890   1.00 11.88 ? 186 PHE u CD2 1 
ATOM 1315 C CE1 . PHE A 1 189 ? 9.031   -12.529 3.500   1.00 11.88 ? 186 PHE u CE1 1 
ATOM 1316 C CE2 . PHE A 1 189 ? 9.937   -11.008 1.900   1.00 11.88 ? 186 PHE u CE2 1 
ATOM 1317 C CZ  . PHE A 1 189 ? 9.770   -11.412 3.208   1.00 11.88 ? 186 PHE u CZ  1 
ATOM 1318 N N   . PRO A 1 190 ? 7.625   -16.799 -0.859  1.00 12.29 ? 187 PRO u N   1 
ATOM 1319 C CA  . PRO A 1 190 ? 6.806   -17.694 -1.686  1.00 12.29 ? 187 PRO u CA  1 
ATOM 1320 C C   . PRO A 1 190 ? 5.445   -17.084 -1.976  1.00 12.29 ? 187 PRO u C   1 
ATOM 1321 O O   . PRO A 1 190 ? 4.818   -16.488 -1.099  1.00 12.29 ? 187 PRO u O   1 
ATOM 1322 C CB  . PRO A 1 190 ? 6.675   -18.961 -0.829  1.00 12.29 ? 187 PRO u CB  1 
ATOM 1323 C CG  . PRO A 1 190 ? 7.564   -18.769 0.332   1.00 12.29 ? 187 PRO u CG  1 
ATOM 1324 C CD  . PRO A 1 190 ? 7.809   -17.322 0.501   1.00 12.29 ? 187 PRO u CD  1 
ATOM 1325 N N   . ASN A 1 191 ? 5.002   -17.231 -3.217  1.00 19.39 ? 188 ASN u N   1 
ATOM 1326 C CA  . ASN A 1 191 ? 3.659   -16.844 -3.631  1.00 19.39 ? 188 ASN u CA  1 
ATOM 1327 C C   . ASN A 1 191 ? 2.728   -18.021 -3.364  1.00 19.39 ? 188 ASN u C   1 
ATOM 1328 O O   . ASN A 1 191 ? 2.774   -19.029 -4.076  1.00 19.39 ? 188 ASN u O   1 
ATOM 1329 C CB  . ASN A 1 191 ? 3.672   -16.441 -5.104  1.00 19.39 ? 188 ASN u CB  1 
ATOM 1330 C CG  . ASN A 1 191 ? 2.284   -16.241 -5.679  1.00 19.39 ? 188 ASN u CG  1 
ATOM 1331 O OD1 . ASN A 1 191 ? 1.373   -15.763 -5.005  1.00 19.39 ? 188 ASN u OD1 1 
ATOM 1332 N ND2 . ASN A 1 191 ? 2.120   -16.607 -6.936  1.00 19.39 ? 188 ASN u ND2 1 
ATOM 1333 N N   . LYS A 1 192 ? 1.881   -17.903 -2.339  1.00 26.68 ? 189 LYS u N   1 
ATOM 1334 C CA  . LYS A 1 192 ? 1.127   -19.046 -1.847  1.00 26.68 ? 189 LYS u CA  1 
ATOM 1335 C C   . LYS A 1 192 ? -0.380  -18.965 -2.058  1.00 26.68 ? 189 LYS u C   1 
ATOM 1336 O O   . LYS A 1 192 ? -1.054  -19.976 -1.839  1.00 26.68 ? 189 LYS u O   1 
ATOM 1337 C CB  . LYS A 1 192 ? 1.409   -19.263 -0.354  1.00 26.68 ? 189 LYS u CB  1 
ATOM 1338 C CG  . LYS A 1 192 ? 2.858   -19.625 -0.069  1.00 26.68 ? 189 LYS u CG  1 
ATOM 1339 C CD  . LYS A 1 192 ? 3.038   -20.232 1.308   1.00 26.68 ? 189 LYS u CD  1 
ATOM 1340 C CE  . LYS A 1 192 ? 3.705   -19.259 2.264   1.00 26.68 ? 189 LYS u CE  1 
ATOM 1341 N NZ  . LYS A 1 192 ? 4.775   -19.888 3.096   1.00 26.68 ? 189 LYS u NZ  1 
ATOM 1342 N N   . GLN A 1 193 ? -0.911  -17.812 -2.479  1.00 27.76 ? 190 GLN u N   1 
ATOM 1343 C CA  . GLN A 1 193 ? -2.300  -17.624 -2.931  1.00 27.76 ? 190 GLN u CA  1 
ATOM 1344 C C   . GLN A 1 193 ? -3.306  -17.994 -1.833  1.00 27.76 ? 190 GLN u C   1 
ATOM 1345 O O   . GLN A 1 193 ? -3.926  -19.056 -1.831  1.00 27.76 ? 190 GLN u O   1 
ATOM 1346 C CB  . GLN A 1 193 ? -2.583  -18.383 -4.236  1.00 27.76 ? 190 GLN u CB  1 
ATOM 1347 C CG  . GLN A 1 193 ? -3.797  -17.837 -4.990  1.00 27.76 ? 190 GLN u CG  1 
ATOM 1348 C CD  . GLN A 1 193 ? -5.105  -18.470 -4.565  1.00 27.76 ? 190 GLN u CD  1 
ATOM 1349 O OE1 . GLN A 1 193 ? -5.190  -19.682 -4.372  1.00 27.76 ? 190 GLN u OE1 1 
ATOM 1350 N NE2 . GLN A 1 193 ? -6.096  -17.637 -4.297  1.00 27.76 ? 190 GLN u NE2 1 
ATOM 1351 N N   . GLY A 1 194 ? -3.370  -17.123 -0.835  1.00 31.55 ? 191 GLY u N   1 
ATOM 1352 C CA  . GLY A 1 194 ? -4.320  -17.292 0.243   1.00 31.55 ? 191 GLY u CA  1 
ATOM 1353 C C   . GLY A 1 194 ? -3.633  -17.154 1.578   1.00 31.55 ? 191 GLY u C   1 
ATOM 1354 O O   . GLY A 1 194 ? -4.204  -16.627 2.537   1.00 31.55 ? 191 GLY u O   1 
ATOM 1355 N N   . GLN A 1 195 ? -2.387  -17.620 1.644   1.00 31.91 ? 192 GLN u N   1 
ATOM 1356 C CA  . GLN A 1 195 ? -1.561  -17.472 2.832   1.00 31.91 ? 192 GLN u CA  1 
ATOM 1357 C C   . GLN A 1 195 ? -0.493  -16.399 2.654   1.00 31.91 ? 192 GLN u C   1 
ATOM 1358 O O   . GLN A 1 195 ? 0.558   -16.469 3.296   1.00 31.91 ? 192 GLN u O   1 
ATOM 1359 C CB  . GLN A 1 195 ? -0.910  -18.807 3.209   1.00 31.91 ? 192 GLN u CB  1 
ATOM 1360 C CG  . GLN A 1 195 ? -1.881  -19.896 3.658   1.00 31.91 ? 192 GLN u CG  1 
ATOM 1361 C CD  . GLN A 1 195 ? -2.402  -20.743 2.512   1.00 31.91 ? 192 GLN u CD  1 
ATOM 1362 O OE1 . GLN A 1 195 ? -1.812  -20.787 1.435   1.00 31.91 ? 192 GLN u OE1 1 
ATOM 1363 N NE2 . GLN A 1 195 ? -3.516  -21.425 2.742   1.00 31.91 ? 192 GLN u NE2 1 
ATOM 1364 N N   . ASN A 1 196 ? -0.741  -15.404 1.805   1.00 22.49 ? 193 ASN u N   1 
ATOM 1365 C CA  . ASN A 1 196 ? 0.269   -14.394 1.521   1.00 22.49 ? 193 ASN u CA  1 
ATOM 1366 C C   . ASN A 1 196 ? 0.399   -13.415 2.685   1.00 22.49 ? 193 ASN u C   1 
ATOM 1367 O O   . ASN A 1 196 ? -0.558  -13.187 3.430   1.00 22.49 ? 193 ASN u O   1 
ATOM 1368 C CB  . ASN A 1 196 ? -0.070  -13.651 0.230   1.00 22.49 ? 193 ASN u CB  1 
ATOM 1369 C CG  . ASN A 1 196 ? 0.472   -14.348 -1.010  1.00 22.49 ? 193 ASN u CG  1 
ATOM 1370 O OD1 . ASN A 1 196 ? 1.569   -14.899 -0.999  1.00 22.49 ? 193 ASN u OD1 1 
ATOM 1371 N ND2 . ASN A 1 196 ? -0.295  -14.314 -2.087  1.00 22.49 ? 193 ASN u ND2 1 
ATOM 1372 N N   . ILE A 1 197 ? 1.598   -12.855 2.853   1.00 15.53 ? 194 ILE u N   1 
ATOM 1373 C CA  . ILE A 1 197 ? 1.873   -11.975 3.984   1.00 15.53 ? 194 ILE u CA  1 
ATOM 1374 C C   . ILE A 1 197 ? 1.424   -10.546 3.685   1.00 15.53 ? 194 ILE u C   1 
ATOM 1375 O O   . ILE A 1 197 ? 1.082   -10.186 2.555   1.00 15.53 ? 194 ILE u O   1 
ATOM 1376 C CB  . ILE A 1 197 ? 3.364   -12.014 4.353   1.00 15.53 ? 194 ILE u CB  1 
ATOM 1377 C CG1 . ILE A 1 197 ? 4.181   -11.288 3.283   1.00 15.53 ? 194 ILE u CG1 1 
ATOM 1378 C CG2 . ILE A 1 197 ? 3.823   -13.441 4.536   1.00 15.53 ? 194 ILE u CG2 1 
ATOM 1379 C CD1 . ILE A 1 197 ? 5.634   -11.240 3.556   1.00 15.53 ? 194 ILE u CD1 1 
ATOM 1380 N N   . GLN A 1 198 ? 1.413   -9.730  4.735   1.00 14.84 ? 195 GLN u N   1 
ATOM 1381 C CA  . GLN A 1 198 ? 1.153   -8.300  4.660   1.00 14.84 ? 195 GLN u CA  1 
ATOM 1382 C C   . GLN A 1 198 ? 2.441   -7.545  4.356   1.00 14.84 ? 195 GLN u C   1 
ATOM 1383 O O   . GLN A 1 198 ? 3.528   -7.937  4.784   1.00 14.84 ? 195 GLN u O   1 
ATOM 1384 C CB  . GLN A 1 198 ? 0.582   -7.778  5.980   1.00 14.84 ? 195 GLN u CB  1 
ATOM 1385 C CG  . GLN A 1 198 ? -0.764  -8.329  6.401   1.00 14.84 ? 195 GLN u CG  1 
ATOM 1386 C CD  . GLN A 1 198 ? -1.882  -7.930  5.474   1.00 14.84 ? 195 GLN u CD  1 
ATOM 1387 O OE1 . GLN A 1 198 ? -2.455  -8.766  4.787   1.00 14.84 ? 195 GLN u OE1 1 
ATOM 1388 N NE2 . GLN A 1 198 ? -2.203  -6.645  5.452   1.00 14.84 ? 195 GLN u NE2 1 
ATOM 1389 N N   . TRP A 1 199 ? 2.312   -6.448  3.624   1.00 11.51 ? 196 TRP u N   1 
ATOM 1390 C CA  . TRP A 1 199 ? 3.418   -5.532  3.395   1.00 11.51 ? 196 TRP u CA  1 
ATOM 1391 C C   . TRP A 1 199 ? 3.018   -4.161  3.919   1.00 11.51 ? 196 TRP u C   1 
ATOM 1392 O O   . TRP A 1 199 ? 1.894   -3.708  3.697   1.00 11.51 ? 196 TRP u O   1 
ATOM 1393 C CB  . TRP A 1 199 ? 3.803   -5.467  1.914   1.00 11.51 ? 196 TRP u CB  1 
ATOM 1394 C CG  . TRP A 1 199 ? 4.375   -6.758  1.376   1.00 11.51 ? 196 TRP u CG  1 
ATOM 1395 C CD1 . TRP A 1 199 ? 3.711   -7.936  1.204   1.00 11.51 ? 196 TRP u CD1 1 
ATOM 1396 C CD2 . TRP A 1 199 ? 5.717   -6.993  0.942   1.00 11.51 ? 196 TRP u CD2 1 
ATOM 1397 N NE1 . TRP A 1 199 ? 4.551   -8.886  0.702   1.00 11.51 ? 196 TRP u NE1 1 
ATOM 1398 C CE2 . TRP A 1 199 ? 5.789   -8.332  0.524   1.00 11.51 ? 196 TRP u CE2 1 
ATOM 1399 C CE3 . TRP A 1 199 ? 6.867   -6.200  0.861   1.00 11.51 ? 196 TRP u CE3 1 
ATOM 1400 C CZ2 . TRP A 1 199 ? 6.959   -8.897  0.034   1.00 11.51 ? 196 TRP u CZ2 1 
ATOM 1401 C CZ3 . TRP A 1 199 ? 8.023   -6.762  0.371   1.00 11.51 ? 196 TRP u CZ3 1 
ATOM 1402 C CH2 . TRP A 1 199 ? 8.064   -8.097  -0.030  1.00 11.51 ? 196 TRP u CH2 1 
ATOM 1403 N N   . SER A 1 200 ? 3.935   -3.509  4.622   1.00 10.52 ? 197 SER u N   1 
ATOM 1404 C CA  . SER A 1 200 ? 3.571   -2.373  5.453   1.00 10.52 ? 197 SER u CA  1 
ATOM 1405 C C   . SER A 1 200 ? 3.753   -1.071  4.694   1.00 10.52 ? 197 SER u C   1 
ATOM 1406 O O   . SER A 1 200 ? 4.824   -0.802  4.143   1.00 10.52 ? 197 SER u O   1 
ATOM 1407 C CB  . SER A 1 200 ? 4.389   -2.346  6.737   1.00 10.52 ? 197 SER u CB  1 
ATOM 1408 O OG  . SER A 1 200 ? 4.053   -1.203  7.486   1.00 10.52 ? 197 SER u OG  1 
ATOM 1409 N N   . GLY A 1 201 ? 2.693   -0.275  4.670   1.00 9.96  ? 198 GLY u N   1 
ATOM 1410 C CA  . GLY A 1 201 ? 2.665   0.939   3.902   1.00 9.96  ? 198 GLY u CA  1 
ATOM 1411 C C   . GLY A 1 201 ? 2.383   2.235   4.615   1.00 9.96  ? 198 GLY u C   1 
ATOM 1412 O O   . GLY A 1 201 ? 3.233   2.794   5.306   1.00 9.96  ? 198 GLY u O   1 
ATOM 1413 N N   . LEU A 1 202 ? 1.173   2.736   4.407   1.00 9.34  ? 199 LEU u N   1 
ATOM 1414 C CA  . LEU A 1 202 ? 0.886   4.153   4.511   1.00 9.34  ? 199 LEU u CA  1 
ATOM 1415 C C   . LEU A 1 202 ? -0.078  4.435   5.655   1.00 9.34  ? 199 LEU u C   1 
ATOM 1416 O O   . LEU A 1 202 ? -1.105  3.768   5.793   1.00 9.34  ? 199 LEU u O   1 
ATOM 1417 C CB  . LEU A 1 202 ? 0.295   4.660   3.194   1.00 9.34  ? 199 LEU u CB  1 
ATOM 1418 C CG  . LEU A 1 202 ? 0.339   6.155   2.892   1.00 9.34  ? 199 LEU u CG  1 
ATOM 1419 C CD1 . LEU A 1 202 ? 1.770   6.564   2.611   1.00 9.34  ? 199 LEU u CD1 1 
ATOM 1420 C CD2 . LEU A 1 202 ? -0.536  6.502   1.724   1.00 9.34  ? 199 LEU u CD2 1 
ATOM 1421 N N   . GLY A 1 203 ? 0.259   5.430   6.465   1.00 8.94  ? 200 GLY u N   1 
ATOM 1422 C CA  . GLY A 1 203 ? -0.677  5.998   7.413   1.00 8.94  ? 200 GLY u CA  1 
ATOM 1423 C C   . GLY A 1 203 ? -1.124  7.363   6.940   1.00 8.94  ? 200 GLY u C   1 
ATOM 1424 O O   . GLY A 1 203 ? -0.353  8.061   6.283   1.00 8.94  ? 200 GLY u O   1 
ATOM 1425 N N   . PHE A 1 204 ? -2.355  7.760   7.234   1.00 12.27 ? 201 PHE u N   1 
ATOM 1426 C CA  . PHE A 1 204 ? -2.853  9.051   6.789   1.00 12.27 ? 201 PHE u CA  1 
ATOM 1427 C C   . PHE A 1 204 ? -3.822  9.628   7.809   1.00 12.27 ? 201 PHE u C   1 
ATOM 1428 O O   . PHE A 1 204 ? -4.491  8.907   8.548   1.00 12.27 ? 201 PHE u O   1 
ATOM 1429 C CB  . PHE A 1 204 ? -3.525  8.976   5.396   1.00 12.27 ? 201 PHE u CB  1 
ATOM 1430 C CG  . PHE A 1 204 ? -4.612  7.943   5.286   1.00 12.27 ? 201 PHE u CG  1 
ATOM 1431 C CD1 . PHE A 1 204 ? -4.312  6.648   4.896   1.00 12.27 ? 201 PHE u CD1 1 
ATOM 1432 C CD2 . PHE A 1 204 ? -5.934  8.271   5.538   1.00 12.27 ? 201 PHE u CD2 1 
ATOM 1433 C CE1 . PHE A 1 204 ? -5.303  5.700   4.789   1.00 12.27 ? 201 PHE u CE1 1 
ATOM 1434 C CE2 . PHE A 1 204 ? -6.929  7.321   5.429   1.00 12.27 ? 201 PHE u CE2 1 
ATOM 1435 C CZ  . PHE A 1 204 ? -6.612  6.036   5.055   1.00 12.27 ? 201 PHE u CZ  1 
ATOM 1436 N N   . ALA A 1 205 ? -3.888  10.953  7.828   1.00 15.05 ? 202 ALA u N   1 
ATOM 1437 C CA  . ALA A 1 205 ? -4.830  11.690  8.659   1.00 15.05 ? 202 ALA u CA  1 
ATOM 1438 C C   . ALA A 1 205 ? -5.496  12.723  7.765   1.00 15.05 ? 202 ALA u C   1 
ATOM 1439 O O   . ALA A 1 205 ? -4.808  13.432  7.032   1.00 15.05 ? 202 ALA u O   1 
ATOM 1440 C CB  . ALA A 1 205 ? -4.133  12.354  9.845   1.00 15.05 ? 202 ALA u CB  1 
ATOM 1441 N N   . MET A 1 206 ? -6.820  12.807  7.814   1.00 21.48 ? 203 MET u N   1 
ATOM 1442 C CA  . MET A 1 206 ? -7.574  13.688  6.936   1.00 21.48 ? 203 MET u CA  1 
ATOM 1443 C C   . MET A 1 206 ? -8.493  14.595  7.740   1.00 21.48 ? 203 MET u C   1 
ATOM 1444 O O   . MET A 1 206 ? -9.208  14.136  8.633   1.00 21.48 ? 203 MET u O   1 
ATOM 1445 C CB  . MET A 1 206 ? -8.390  12.878  5.931   1.00 21.48 ? 203 MET u CB  1 
ATOM 1446 C CG  . MET A 1 206 ? -7.548  12.249  4.851   1.00 21.48 ? 203 MET u CG  1 
ATOM 1447 S SD  . MET A 1 206 ? -8.511  11.454  3.566   1.00 21.48 ? 203 MET u SD  1 
ATOM 1448 C CE  . MET A 1 206 ? -7.198  10.999  2.457   1.00 21.48 ? 203 MET u CE  1 
ATOM 1449 N N   . GLN A 1 207 ? -8.474  15.884  7.410   1.00 20.45 ? 204 GLN u N   1 
ATOM 1450 C CA  . GLN A 1 207 ? -9.334  16.845  8.083   1.00 20.45 ? 204 GLN u CA  1 
ATOM 1451 C C   . GLN A 1 207 ? -10.788 16.677  7.661   1.00 20.45 ? 204 GLN u C   1 
ATOM 1452 O O   . GLN A 1 207 ? -11.117 16.642  6.475   1.00 20.45 ? 204 GLN u O   1 
ATOM 1453 C CB  . GLN A 1 207 ? -8.874  18.272  7.795   1.00 20.45 ? 204 GLN u CB  1 
ATOM 1454 C CG  . GLN A 1 207 ? -8.165  18.911  8.964   1.00 20.45 ? 204 GLN u CG  1 
ATOM 1455 C CD  . GLN A 1 207 ? -7.807  20.355  8.735   1.00 20.45 ? 204 GLN u CD  1 
ATOM 1456 O OE1 . GLN A 1 207 ? -7.457  20.753  7.629   1.00 20.45 ? 204 GLN u OE1 1 
ATOM 1457 N NE2 . GLN A 1 207 ? -7.898  21.154  9.785   1.00 20.45 ? 204 GLN u NE2 1 
ATOM 1458 N N   . LYS A 1 208 ? -11.663 16.583  8.656   1.00 27.89 ? 205 LYS u N   1 
ATOM 1459 C CA  . LYS A 1 208 ? -13.093 16.411  8.445   1.00 27.89 ? 205 LYS u CA  1 
ATOM 1460 C C   . LYS A 1 208 ? -13.753 17.781  8.475   1.00 27.89 ? 205 LYS u C   1 
ATOM 1461 O O   . LYS A 1 208 ? -13.389 18.630  9.296   1.00 27.89 ? 205 LYS u O   1 
ATOM 1462 C CB  . LYS A 1 208 ? -13.692 15.485  9.505   1.00 27.89 ? 205 LYS u CB  1 
ATOM 1463 C CG  . LYS A 1 208 ? -12.788 14.315  9.835   1.00 27.89 ? 205 LYS u CG  1 
ATOM 1464 C CD  . LYS A 1 208 ? -13.503 13.207  10.569  1.00 27.89 ? 205 LYS u CD  1 
ATOM 1465 C CE  . LYS A 1 208 ? -13.977 13.648  11.925  1.00 27.89 ? 205 LYS u CE  1 
ATOM 1466 N NZ  . LYS A 1 208 ? -14.183 12.479  12.814  1.00 27.89 ? 205 LYS u NZ  1 
ATOM 1467 N N   . GLY A 1 209 ? -14.697 17.999  7.571   1.00 33.44 ? 206 GLY u N   1 
ATOM 1468 C CA  . GLY A 1 209 ? -15.399 19.257  7.445   1.00 33.44 ? 206 GLY u CA  1 
ATOM 1469 C C   . GLY A 1 209 ? -16.891 19.130  7.667   1.00 33.44 ? 206 GLY u C   1 
ATOM 1470 O O   . GLY A 1 209 ? -17.369 18.213  8.344   1.00 33.44 ? 206 GLY u O   1 
ATOM 1471 N N   . ASN A 1 210 ? -17.639 20.061  7.080   1.00 36.70 ? 207 ASN u N   1 
ATOM 1472 C CA  . ASN A 1 210 ? -19.085 20.135  7.238   1.00 36.70 ? 207 ASN u CA  1 
ATOM 1473 C C   . ASN A 1 210 ? -19.833 19.051  6.476   1.00 36.70 ? 207 ASN u C   1 
ATOM 1474 O O   . ASN A 1 210 ? -21.006 18.801  6.770   1.00 36.70 ? 207 ASN u O   1 
ATOM 1475 C CB  . ASN A 1 210 ? -19.593 21.523  6.812   1.00 36.70 ? 207 ASN u CB  1 
ATOM 1476 C CG  . ASN A 1 210 ? -19.207 21.895  5.375   1.00 36.70 ? 207 ASN u CG  1 
ATOM 1477 O OD1 . ASN A 1 210 ? -18.580 21.122  4.647   1.00 36.70 ? 207 ASN u OD1 1 
ATOM 1478 N ND2 . ASN A 1 210 ? -19.596 23.094  4.964   1.00 36.70 ? 207 ASN u ND2 1 
ATOM 1479 N N   . GLU A 1 211 ? -19.191 18.413  5.506   1.00 34.99 ? 208 GLU u N   1 
ATOM 1480 C CA  . GLU A 1 211 ? -19.829 17.422  4.662   1.00 34.99 ? 208 GLU u CA  1 
ATOM 1481 C C   . GLU A 1 211 ? -18.888 16.241  4.489   1.00 34.99 ? 208 GLU u C   1 
ATOM 1482 O O   . GLU A 1 211 ? -17.669 16.409  4.406   1.00 34.99 ? 208 GLU u O   1 
ATOM 1483 C CB  . GLU A 1 211 ? -20.214 18.043  3.297   1.00 34.99 ? 208 GLU u CB  1 
ATOM 1484 C CG  . GLU A 1 211 ? -20.932 17.150  2.263   1.00 34.99 ? 208 GLU u CG  1 
ATOM 1485 C CD  . GLU A 1 211 ? -22.285 16.572  2.691   1.00 34.99 ? 208 GLU u CD  1 
ATOM 1486 O OE1 . GLU A 1 211 ? -22.822 15.757  1.913   1.00 34.99 ? 208 GLU u OE1 1 
ATOM 1487 O OE2 . GLU A 1 211 ? -22.852 16.955  3.740   1.00 34.99 ? 208 GLU u OE2 1 
ATOM 1488 N N   . ALA A 1 212 ? -19.463 15.040  4.462   1.00 28.85 ? 209 ALA u N   1 
ATOM 1489 C CA  . ALA A 1 212 ? -18.705 13.820  4.211   1.00 28.85 ? 209 ALA u CA  1 
ATOM 1490 C C   . ALA A 1 212 ? -18.274 13.799  2.750   1.00 28.85 ? 209 ALA u C   1 
ATOM 1491 O O   . ALA A 1 212 ? -19.069 14.120  1.862   1.00 28.85 ? 209 ALA u O   1 
ATOM 1492 C CB  . ALA A 1 212 ? -19.544 12.593  4.551   1.00 28.85 ? 209 ALA u CB  1 
ATOM 1493 N N   . TYR A 1 213 ? -17.027 13.429  2.492   1.00 20.97 ? 210 TYR u N   1 
ATOM 1494 C CA  . TYR A 1 213 ? -16.506 13.412  1.135   1.00 20.97 ? 210 TYR u CA  1 
ATOM 1495 C C   . TYR A 1 213 ? -15.852 12.072  0.812   1.00 20.97 ? 210 TYR u C   1 
ATOM 1496 O O   . TYR A 1 213 ? -15.650 11.218  1.676   1.00 20.97 ? 210 TYR u O   1 
ATOM 1497 C CB  . TYR A 1 213 ? -15.521 14.566  0.914   1.00 20.97 ? 210 TYR u CB  1 
ATOM 1498 C CG  . TYR A 1 213 ? -14.358 14.629  1.872   1.00 20.97 ? 210 TYR u CG  1 
ATOM 1499 C CD1 . TYR A 1 213 ? -14.449 15.346  3.060   1.00 20.97 ? 210 TYR u CD1 1 
ATOM 1500 C CD2 . TYR A 1 213 ? -13.153 14.011  1.569   1.00 20.97 ? 210 TYR u CD2 1 
ATOM 1501 C CE1 . TYR A 1 213 ? -13.382 15.421  3.928   1.00 20.97 ? 210 TYR u CE1 1 
ATOM 1502 C CE2 . TYR A 1 213 ? -12.090 14.076  2.429   1.00 20.97 ? 210 TYR u CE2 1 
ATOM 1503 C CZ  . TYR A 1 213 ? -12.203 14.789  3.604   1.00 20.97 ? 210 TYR u CZ  1 
ATOM 1504 O OH  . TYR A 1 213 ? -11.134 14.854  4.466   1.00 20.97 ? 210 TYR u OH  1 
ATOM 1505 N N   . ASN A 1 214 ? -15.498 11.919  -0.459  1.00 20.22 ? 211 ASN u N   1 
ATOM 1506 C CA  . ASN A 1 214 ? -15.105 10.651  -1.049  1.00 20.22 ? 211 ASN u CA  1 
ATOM 1507 C C   . ASN A 1 214 ? -13.738 10.726  -1.710  1.00 20.22 ? 211 ASN u C   1 
ATOM 1508 O O   . ASN A 1 214 ? -13.363 11.737  -2.306  1.00 20.22 ? 211 ASN u O   1 
ATOM 1509 C CB  . ASN A 1 214 ? -16.112 10.211  -2.110  1.00 20.22 ? 211 ASN u CB  1 
ATOM 1510 C CG  . ASN A 1 214 ? -17.126 9.276   -1.582  1.00 20.22 ? 211 ASN u CG  1 
ATOM 1511 O OD1 . ASN A 1 214 ? -16.817 8.426   -0.763  1.00 20.22 ? 211 ASN u OD1 1 
ATOM 1512 N ND2 . ASN A 1 214 ? -18.349 9.399   -2.067  1.00 20.22 ? 211 ASN u ND2 1 
ATOM 1513 N N   . TYR A 1 215 ? -13.021 9.610   -1.630  1.00 14.77 ? 212 TYR u N   1 
ATOM 1514 C CA  . TYR A 1 215 ? -11.815 9.379   -2.407  1.00 14.77 ? 212 TYR u CA  1 
ATOM 1515 C C   . TYR A 1 215 ? -11.855 7.968   -2.968  1.00 14.77 ? 212 TYR u C   1 
ATOM 1516 O O   . TYR A 1 215 ? -12.313 7.035   -2.308  1.00 14.77 ? 212 TYR u O   1 
ATOM 1517 C CB  . TYR A 1 215 ? -10.539 9.558   -1.573  1.00 14.77 ? 212 TYR u CB  1 
ATOM 1518 C CG  . TYR A 1 215 ? -9.963  10.947  -1.616  1.00 14.77 ? 212 TYR u CG  1 
ATOM 1519 C CD1 . TYR A 1 215 ? -9.006  11.293  -2.559  1.00 14.77 ? 212 TYR u CD1 1 
ATOM 1520 C CD2 . TYR A 1 215 ? -10.376 11.913  -0.711  1.00 14.77 ? 212 TYR u CD2 1 
ATOM 1521 C CE1 . TYR A 1 215 ? -8.479  12.564  -2.604  1.00 14.77 ? 212 TYR u CE1 1 
ATOM 1522 C CE2 . TYR A 1 215 ? -9.857  13.189  -0.747  1.00 14.77 ? 212 TYR u CE2 1 
ATOM 1523 C CZ  . TYR A 1 215 ? -8.911  13.509  -1.691  1.00 14.77 ? 212 TYR u CZ  1 
ATOM 1524 O OH  . TYR A 1 215 ? -8.401  14.780  -1.719  1.00 14.77 ? 212 TYR u OH  1 
ATOM 1525 N N   . GLN A 1 216 ? -11.380 7.820   -4.194  1.00 13.08 ? 213 GLN u N   1 
ATOM 1526 C CA  . GLN A 1 216 ? -11.063 6.512   -4.755  1.00 13.08 ? 213 GLN u CA  1 
ATOM 1527 C C   . GLN A 1 216 ? -9.558  6.337   -4.602  1.00 13.08 ? 213 GLN u C   1 
ATOM 1528 O O   . GLN A 1 216 ? -8.776  7.102   -5.168  1.00 13.08 ? 213 GLN u O   1 
ATOM 1529 C CB  . GLN A 1 216 ? -11.505 6.389   -6.210  1.00 13.08 ? 213 GLN u CB  1 
ATOM 1530 C CG  . GLN A 1 216 ? -11.132 5.058   -6.832  1.00 13.08 ? 213 GLN u CG  1 
ATOM 1531 C CD  . GLN A 1 216 ? -11.866 4.772   -8.123  1.00 13.08 ? 213 GLN u CD  1 
ATOM 1532 O OE1 . GLN A 1 216 ? -11.411 5.138   -9.204  1.00 13.08 ? 213 GLN u OE1 1 
ATOM 1533 N NE2 . GLN A 1 216 ? -12.999 4.104   -8.019  1.00 13.08 ? 213 GLN u NE2 1 
ATOM 1534 N N   . VAL A 1 217 ? -9.153  5.347   -3.821  1.00 11.59 ? 214 VAL u N   1 
ATOM 1535 C CA  . VAL A 1 217 ? -7.741  5.091   -3.586  1.00 11.59 ? 214 VAL u CA  1 
ATOM 1536 C C   . VAL A 1 217 ? -7.289  3.968   -4.505  1.00 11.59 ? 214 VAL u C   1 
ATOM 1537 O O   . VAL A 1 217 ? -7.820  2.856   -4.450  1.00 11.59 ? 214 VAL u O   1 
ATOM 1538 C CB  . VAL A 1 217 ? -7.478  4.745   -2.112  1.00 11.59 ? 214 VAL u CB  1 
ATOM 1539 C CG1 . VAL A 1 217 ? -5.996  4.556   -1.883  1.00 11.59 ? 214 VAL u CG1 1 
ATOM 1540 C CG2 . VAL A 1 217 ? -8.028  5.822   -1.199  1.00 11.59 ? 214 VAL u CG2 1 
ATOM 1541 N N   . ARG A 1 218 ? -6.303  4.255   -5.344  1.00 11.80 ? 215 ARG u N   1 
ATOM 1542 C CA  . ARG A 1 218 ? -5.754  3.280   -6.274  1.00 11.80 ? 215 ARG u CA  1 
ATOM 1543 C C   . ARG A 1 218 ? -4.378  2.849   -5.787  1.00 11.80 ? 215 ARG u C   1 
ATOM 1544 O O   . ARG A 1 218 ? -3.525  3.694   -5.503  1.00 11.80 ? 215 ARG u O   1 
ATOM 1545 C CB  . ARG A 1 218 ? -5.683  3.856   -7.688  1.00 11.80 ? 215 ARG u CB  1 
ATOM 1546 C CG  . ARG A 1 218 ? -5.364  2.825   -8.744  1.00 11.80 ? 215 ARG u CG  1 
ATOM 1547 C CD  . ARG A 1 218 ? -5.242  3.430   -10.125 1.00 11.80 ? 215 ARG u CD  1 
ATOM 1548 N NE  . ARG A 1 218 ? -6.544  3.759   -10.694 1.00 11.80 ? 215 ARG u NE  1 
ATOM 1549 C CZ  . ARG A 1 218 ? -6.763  3.959   -11.986 1.00 11.80 ? 215 ARG u CZ  1 
ATOM 1550 N NH1 . ARG A 1 218 ? -7.977  4.257   -12.419 1.00 11.80 ? 215 ARG u NH1 1 
ATOM 1551 N NH2 . ARG A 1 218 ? -5.763  3.857   -12.850 1.00 11.80 ? 215 ARG u NH2 1 
ATOM 1552 N N   . PHE A 1 219 ? -4.171  1.541   -5.680  1.00 11.17 ? 216 PHE u N   1 
ATOM 1553 C CA  . PHE A 1 219 ? -2.885  0.967   -5.305  1.00 11.17 ? 216 PHE u CA  1 
ATOM 1554 C C   . PHE A 1 219 ? -2.261  0.300   -6.517  1.00 11.17 ? 216 PHE u C   1 
ATOM 1555 O O   . PHE A 1 219 ? -2.945  -0.396  -7.265  1.00 11.17 ? 216 PHE u O   1 
ATOM 1556 C CB  . PHE A 1 219 ? -3.028  -0.070  -4.191  1.00 11.17 ? 216 PHE u CB  1 
ATOM 1557 C CG  . PHE A 1 219 ? -3.849  0.377   -3.028  1.00 11.17 ? 216 PHE u CG  1 
ATOM 1558 C CD1 . PHE A 1 219 ? -3.285  1.128   -2.013  1.00 11.17 ? 216 PHE u CD1 1 
ATOM 1559 C CD2 . PHE A 1 219 ? -5.177  0.011   -2.927  1.00 11.17 ? 216 PHE u CD2 1 
ATOM 1560 C CE1 . PHE A 1 219 ? -4.038  1.522   -0.928  1.00 11.17 ? 216 PHE u CE1 1 
ATOM 1561 C CE2 . PHE A 1 219 ? -5.936  0.402   -1.842  1.00 11.17 ? 216 PHE u CE2 1 
ATOM 1562 C CZ  . PHE A 1 219 ? -5.363  1.158   -0.840  1.00 11.17 ? 216 PHE u CZ  1 
ATOM 1563 N N   . THR A 1 220 ? -0.963  0.482   -6.694  1.00 7.69  ? 217 THR u N   1 
ATOM 1564 C CA  . THR A 1 220 ? -0.250  -0.115  -7.814  1.00 7.69  ? 217 THR u CA  1 
ATOM 1565 C C   . THR A 1 220 ? 1.016   -0.778  -7.293  1.00 7.69  ? 217 THR u C   1 
ATOM 1566 O O   . THR A 1 220 ? 1.924   -0.097  -6.810  1.00 7.69  ? 217 THR u O   1 
ATOM 1567 C CB  . THR A 1 220 ? 0.068   0.932   -8.876  1.00 7.69  ? 217 THR u CB  1 
ATOM 1568 O OG1 . THR A 1 220 ? -1.085  1.750   -9.100  1.00 7.69  ? 217 THR u OG1 1 
ATOM 1569 C CG2 . THR A 1 220 ? 0.424   0.266   -10.162 1.00 7.69  ? 217 THR u CG2 1 
ATOM 1570 N N   . LEU A 1 221 ? 1.076   -2.101  -7.397  1.00 7.32  ? 218 LEU u N   1 
ATOM 1571 C CA  . LEU A 1 221 ? 2.254   -2.857  -7.005  1.00 7.32  ? 218 LEU u CA  1 
ATOM 1572 C C   . LEU A 1 221 ? 3.167   -3.070  -8.200  1.00 7.32  ? 218 LEU u C   1 
ATOM 1573 O O   . LEU A 1 221 ? 2.710   -3.362  -9.305  1.00 7.32  ? 218 LEU u O   1 
ATOM 1574 C CB  . LEU A 1 221 ? 1.866   -4.212  -6.415  1.00 7.32  ? 218 LEU u CB  1 
ATOM 1575 C CG  . LEU A 1 221 ? 1.023   -4.272  -5.145  1.00 7.32  ? 218 LEU u CG  1 
ATOM 1576 C CD1 . LEU A 1 221 ? 0.844   -5.712  -4.705  1.00 7.32  ? 218 LEU u CD1 1 
ATOM 1577 C CD2 . LEU A 1 221 ? 1.626   -3.444  -4.042  1.00 7.32  ? 218 LEU u CD2 1 
ATOM 1578 N N   . TYR A 1 222 ? 4.460   -2.925  -7.970  1.00 6.68  ? 219 TYR u N   1 
ATOM 1579 C CA  . TYR A 1 222 ? 5.487   -3.237  -8.957  1.00 6.68  ? 219 TYR u CA  1 
ATOM 1580 C C   . TYR A 1 222 ? 6.225   -4.461  -8.424  1.00 6.68  ? 219 TYR u C   1 
ATOM 1581 O O   . TYR A 1 222 ? 7.060   -4.362  -7.526  1.00 6.68  ? 219 TYR u O   1 
ATOM 1582 C CB  . TYR A 1 222 ? 6.408   -2.040  -9.194  1.00 6.68  ? 219 TYR u CB  1 
ATOM 1583 C CG  . TYR A 1 222 ? 5.690   -0.874  -9.836  1.00 6.68  ? 219 TYR u CG  1 
ATOM 1584 C CD1 . TYR A 1 222 ? 5.595   -0.776  -11.216 1.00 6.68  ? 219 TYR u CD1 1 
ATOM 1585 C CD2 . TYR A 1 222 ? 5.082   0.112   -9.065  1.00 6.68  ? 219 TYR u CD2 1 
ATOM 1586 C CE1 . TYR A 1 222 ? 4.931   0.273   -11.812 1.00 6.68  ? 219 TYR u CE1 1 
ATOM 1587 C CE2 . TYR A 1 222 ? 4.413   1.162   -9.652  1.00 6.68  ? 219 TYR u CE2 1 
ATOM 1588 C CZ  . TYR A 1 222 ? 4.347   1.239   -11.028 1.00 6.68  ? 219 TYR u CZ  1 
ATOM 1589 O OH  . TYR A 1 222 ? 3.685   2.283   -11.620 1.00 6.68  ? 219 TYR u OH  1 
ATOM 1590 N N   . VAL A 1 223 ? 5.895   -5.614  -8.966  1.00 7.49  ? 220 VAL u N   1 
ATOM 1591 C CA  . VAL A 1 223 ? 6.318   -6.888  -8.400  1.00 7.49  ? 220 VAL u CA  1 
ATOM 1592 C C   . VAL A 1 223 ? 7.343   -7.535  -9.322  1.00 7.49  ? 220 VAL u C   1 
ATOM 1593 O O   . VAL A 1 223 ? 7.241   -7.469  -10.546 1.00 7.49  ? 220 VAL u O   1 
ATOM 1594 C CB  . VAL A 1 223 ? 5.098   -7.808  -8.174  1.00 7.49  ? 220 VAL u CB  1 
ATOM 1595 C CG1 . VAL A 1 223 ? 5.474   -9.069  -7.391  1.00 7.49  ? 220 VAL u CG1 1 
ATOM 1596 C CG2 . VAL A 1 223 ? 3.978   -7.050  -7.506  1.00 7.49  ? 220 VAL u CG2 1 
ATOM 1597 N N   . GLN A 1 224 ? 8.356   -8.152  -8.727  1.00 9.07  ? 221 GLN u N   1 
ATOM 1598 C CA  . GLN A 1 224 ? 9.328   -8.964  -9.444  1.00 9.07  ? 221 GLN u CA  1 
ATOM 1599 C C   . GLN A 1 224 ? 9.093   -10.422 -9.074  1.00 9.07  ? 221 GLN u C   1 
ATOM 1600 O O   . GLN A 1 224 ? 9.173   -10.779 -7.900  1.00 9.07  ? 221 GLN u O   1 
ATOM 1601 C CB  . GLN A 1 224 ? 10.750  -8.514  -9.106  1.00 9.07  ? 221 GLN u CB  1 
ATOM 1602 C CG  . GLN A 1 224 ? 11.855  -9.387  -9.639  1.00 9.07  ? 221 GLN u CG  1 
ATOM 1603 C CD  . GLN A 1 224 ? 13.203  -8.689  -9.624  1.00 9.07  ? 221 GLN u CD  1 
ATOM 1604 O OE1 . GLN A 1 224 ? 13.492  -7.851  -10.471 1.00 9.07  ? 221 GLN u OE1 1 
ATOM 1605 N NE2 . GLN A 1 224 ? 14.024  -9.025  -8.653  1.00 9.07  ? 221 GLN u NE2 1 
ATOM 1606 N N   . PHE A 1 225 ? 8.786   -11.252 -10.063 1.00 10.83 ? 222 PHE u N   1 
ATOM 1607 C CA  . PHE A 1 225 ? 8.497   -12.667 -9.855  1.00 10.83 ? 222 PHE u CA  1 
ATOM 1608 C C   . PHE A 1 225 ? 9.682   -13.534 -10.265 1.00 10.83 ? 222 PHE u C   1 
ATOM 1609 O O   . PHE A 1 225 ? 10.540  -13.129 -11.049 1.00 10.83 ? 222 PHE u O   1 
ATOM 1610 C CB  . PHE A 1 225 ? 7.253   -13.090 -10.637 1.00 10.83 ? 222 PHE u CB  1 
ATOM 1611 C CG  . PHE A 1 225 ? 5.966   -12.644 -10.028 1.00 10.83 ? 222 PHE u CG  1 
ATOM 1612 C CD1 . PHE A 1 225 ? 5.418   -13.326 -8.959  1.00 10.83 ? 222 PHE u CD1 1 
ATOM 1613 C CD2 . PHE A 1 225 ? 5.287   -11.554 -10.543 1.00 10.83 ? 222 PHE u CD2 1 
ATOM 1614 C CE1 . PHE A 1 225 ? 4.224   -12.923 -8.406  1.00 10.83 ? 222 PHE u CE1 1 
ATOM 1615 C CE2 . PHE A 1 225 ? 4.094   -11.146 -9.995  1.00 10.83 ? 222 PHE u CE2 1 
ATOM 1616 C CZ  . PHE A 1 225 ? 3.562   -11.829 -8.923  1.00 10.83 ? 222 PHE u CZ  1 
ATOM 1617 N N   . ARG A 1 226 ? 9.704   -14.759 -9.740  1.00 13.12 ? 223 ARG u N   1 
ATOM 1618 C CA  . ARG A 1 226 ? 10.802  -15.691 -9.966  1.00 13.12 ? 223 ARG u CA  1 
ATOM 1619 C C   . ARG A 1 226 ? 10.248  -17.115 -10.005 1.00 13.12 ? 223 ARG u C   1 
ATOM 1620 O O   . ARG A 1 226 ? 9.243   -17.399 -9.354  1.00 13.12 ? 223 ARG u O   1 
ATOM 1621 C CB  . ARG A 1 226 ? 11.862  -15.536 -8.861  1.00 13.12 ? 223 ARG u CB  1 
ATOM 1622 C CG  . ARG A 1 226 ? 13.128  -16.357 -9.019  1.00 13.12 ? 223 ARG u CG  1 
ATOM 1623 C CD  . ARG A 1 226 ? 14.099  -16.109 -7.893  1.00 13.12 ? 223 ARG u CD  1 
ATOM 1624 N NE  . ARG A 1 226 ? 15.086  -17.174 -7.801  1.00 13.12 ? 223 ARG u NE  1 
ATOM 1625 C CZ  . ARG A 1 226 ? 16.157  -17.133 -7.020  1.00 13.12 ? 223 ARG u CZ  1 
ATOM 1626 N NH1 . ARG A 1 226 ? 16.998  -18.150 -6.994  1.00 13.12 ? 223 ARG u NH1 1 
ATOM 1627 N NH2 . ARG A 1 226 ? 16.387  -16.071 -6.268  1.00 13.12 ? 223 ARG u NH2 1 
ATOM 1628 N N   . GLU A 1 227 ? 10.914  -17.993 -10.775 1.00 16.80 ? 224 GLU u N   1 
ATOM 1629 C CA  . GLU A 1 227 ? 10.663  -19.442 -10.859 1.00 16.80 ? 224 GLU u CA  1 
ATOM 1630 C C   . GLU A 1 227 ? 9.255   -19.750 -11.388 1.00 16.80 ? 224 GLU u C   1 
ATOM 1631 O O   . GLU A 1 227 ? 8.309   -20.023 -10.649 1.00 16.80 ? 224 GLU u O   1 
ATOM 1632 C CB  . GLU A 1 227 ? 10.935  -20.150 -9.523  1.00 16.80 ? 224 GLU u CB  1 
ATOM 1633 C CG  . GLU A 1 227 ? 10.839  -21.684 -9.564  1.00 16.80 ? 224 GLU u CG  1 
ATOM 1634 C CD  . GLU A 1 227 ? 11.599  -22.322 -10.720 1.00 16.80 ? 224 GLU u CD  1 
ATOM 1635 O OE1 . GLU A 1 227 ? 12.833  -22.496 -10.612 1.00 16.80 ? 224 GLU u OE1 1 
ATOM 1636 O OE2 . GLU A 1 227 ? 10.961  -22.666 -11.734 1.00 16.80 ? 224 GLU u OE2 1 
ATOM 1637 N N   . PHE A 1 228 ? 9.130   -19.558 -12.698 1.00 17.29 ? 225 PHE u N   1 
ATOM 1638 C CA  . PHE A 1 228 ? 8.007   -20.042 -13.498 1.00 17.29 ? 225 PHE u CA  1 
ATOM 1639 C C   . PHE A 1 228 ? 7.680   -21.515 -13.244 1.00 17.29 ? 225 PHE u C   1 
ATOM 1640 O O   . PHE A 1 228 ? 8.542   -22.382 -13.410 1.00 17.29 ? 225 PHE u O   1 
ATOM 1641 C CB  . PHE A 1 228 ? 8.329   -19.810 -14.977 1.00 17.29 ? 225 PHE u CB  1 
ATOM 1642 C CG  . PHE A 1 228 ? 7.236   -20.207 -15.913 1.00 17.29 ? 225 PHE u CG  1 
ATOM 1643 C CD1 . PHE A 1 228 ? 6.081   -19.451 -16.010 1.00 17.29 ? 225 PHE u CD1 1 
ATOM 1644 C CD2 . PHE A 1 228 ? 7.371   -21.327 -16.718 1.00 17.29 ? 225 PHE u CD2 1 
ATOM 1645 C CE1 . PHE A 1 228 ? 5.070   -19.814 -16.874 1.00 17.29 ? 225 PHE u CE1 1 
ATOM 1646 C CE2 . PHE A 1 228 ? 6.360   -21.695 -17.590 1.00 17.29 ? 225 PHE u CE2 1 
ATOM 1647 C CZ  . PHE A 1 228 ? 5.208   -20.933 -17.664 1.00 17.29 ? 225 PHE u CZ  1 
ATOM 1648 N N   . ASP A 1 229 ? 6.447   -21.811 -12.820 1.00 19.73 ? 226 ASP u N   1 
ATOM 1649 C CA  . ASP A 1 229 ? 6.004   -23.184 -12.575 1.00 19.73 ? 226 ASP u CA  1 
ATOM 1650 C C   . ASP A 1 229 ? 4.558   -23.362 -13.034 1.00 19.73 ? 226 ASP u C   1 
ATOM 1651 O O   . ASP A 1 229 ? 3.613   -23.131 -12.275 1.00 19.73 ? 226 ASP u O   1 
ATOM 1652 C CB  . ASP A 1 229 ? 6.177   -23.580 -11.100 1.00 19.73 ? 226 ASP u CB  1 
ATOM 1653 C CG  . ASP A 1 229 ? 5.613   -22.549 -10.123 1.00 19.73 ? 226 ASP u CG  1 
ATOM 1654 O OD1 . ASP A 1 229 ? 5.159   -21.482 -10.571 1.00 19.73 ? 226 ASP u OD1 1 
ATOM 1655 O OD2 . ASP A 1 229 ? 5.598   -22.824 -8.905  1.00 19.73 ? 226 ASP u OD2 1 
ATOM 1656 N N   . LEU A 1 230 ? 4.377   -23.805 -14.267 1.00 21.19 ? 227 LEU u N   1 
ATOM 1657 C CA  . LEU A 1 230 ? 3.054   -24.111 -14.794 1.00 21.19 ? 227 LEU u CA  1 
ATOM 1658 C C   . LEU A 1 230 ? 2.895   -25.625 -14.827 1.00 21.19 ? 227 LEU u C   1 
ATOM 1659 O O   . LEU A 1 230 ? 3.693   -26.319 -15.462 1.00 21.19 ? 227 LEU u O   1 
ATOM 1660 C CB  . LEU A 1 230 ? 2.874   -23.500 -16.181 1.00 21.19 ? 227 LEU u CB  1 
ATOM 1661 C CG  . LEU A 1 230 ? 1.571   -23.810 -16.912 1.00 21.19 ? 227 LEU u CG  1 
ATOM 1662 C CD1 . LEU A 1 230 ? 0.418   -23.061 -16.280 1.00 21.19 ? 227 LEU u CD1 1 
ATOM 1663 C CD2 . LEU A 1 230 ? 1.699   -23.466 -18.375 1.00 21.19 ? 227 LEU u CD2 1 
ATOM 1664 N N   . PHE A 1 231 ? 1.890   -26.140 -14.128 1.00 22.61 ? 228 PHE u N   1 
ATOM 1665 C CA  . PHE A 1 231 ? 1.582   -27.560 -14.202 1.00 22.61 ? 228 PHE u CA  1 
ATOM 1666 C C   . PHE A 1 231 ? 0.647   -27.847 -15.371 1.00 22.61 ? 228 PHE u C   1 
ATOM 1667 O O   . PHE A 1 231 ? -0.357  -27.164 -15.573 1.00 22.61 ? 228 PHE u O   1 
ATOM 1668 C CB  . PHE A 1 231 ? 0.954   -28.051 -12.899 1.00 22.61 ? 228 PHE u CB  1 
ATOM 1669 C CG  . PHE A 1 231 ? 1.797   -27.792 -11.687 1.00 22.61 ? 228 PHE u CG  1 
ATOM 1670 C CD1 . PHE A 1 231 ? 3.045   -28.378 -11.559 1.00 22.61 ? 228 PHE u CD1 1 
ATOM 1671 C CD2 . PHE A 1 231 ? 1.349   -26.954 -10.680 1.00 22.61 ? 228 PHE u CD2 1 
ATOM 1672 C CE1 . PHE A 1 231 ? 3.828   -28.140 -10.447 1.00 22.61 ? 228 PHE u CE1 1 
ATOM 1673 C CE2 . PHE A 1 231 ? 2.130   -26.709 -9.566  1.00 22.61 ? 228 PHE u CE2 1 
ATOM 1674 C CZ  . PHE A 1 231 ? 3.371   -27.306 -9.452  1.00 22.61 ? 228 PHE u CZ  1 
ATOM 1675 N N   . ASN A 1 232 ? 0.994   -28.871 -16.148 1.00 25.01 ? 229 ASN u N   1 
ATOM 1676 C CA  . ASN A 1 232 ? 0.201   -29.287 -17.295 1.00 25.01 ? 229 ASN u CA  1 
ATOM 1677 C C   . ASN A 1 232 ? -0.116  -30.771 -17.172 1.00 25.01 ? 229 ASN u C   1 
ATOM 1678 O O   . ASN A 1 232 ? 0.728   -31.568 -16.762 1.00 25.01 ? 229 ASN u O   1 
ATOM 1679 C CB  . ASN A 1 232 ? 0.929   -29.008 -18.620 1.00 25.01 ? 229 ASN u CB  1 
ATOM 1680 C CG  . ASN A 1 232 ? 0.086   -29.345 -19.842 1.00 25.01 ? 229 ASN u CG  1 
ATOM 1681 O OD1 . ASN A 1 232 ? -1.130  -29.174 -19.837 1.00 25.01 ? 229 ASN u OD1 1 
ATOM 1682 N ND2 . ASN A 1 232 ? 0.735   -29.817 -20.895 1.00 25.01 ? 229 ASN u ND2 1 
ATOM 1683 N N   . ASN A 1 233 ? -1.344  -31.131 -17.529 1.00 30.55 ? 230 ASN u N   1 
ATOM 1684 C CA  . ASN A 1 233 ? -1.771  -32.526 -17.529 1.00 30.55 ? 230 ASN u CA  1 
ATOM 1685 C C   . ASN A 1 233 ? -1.520  -33.185 -18.877 1.00 30.55 ? 230 ASN u C   1 
ATOM 1686 O O   . ASN A 1 233 ? -2.426  -33.298 -19.698 1.00 30.55 ? 230 ASN u O   1 
ATOM 1687 C CB  . ASN A 1 233 ? -3.247  -32.634 -17.179 1.00 30.55 ? 230 ASN u CB  1 
ATOM 1688 C CG  . ASN A 1 233 ? -3.533  -32.230 -15.761 1.00 30.55 ? 230 ASN u CG  1 
ATOM 1689 O OD1 . ASN A 1 233 ? -2.786  -32.573 -14.849 1.00 30.55 ? 230 ASN u OD1 1 
ATOM 1690 N ND2 . ASN A 1 233 ? -4.617  -31.491 -15.564 1.00 30.55 ? 230 ASN u ND2 1 
# 
